data_2FVF
#
_entry.id   2FVF
#
loop_
_entity.id
_entity.type
_entity.pdbx_description
1 polymer 'Acyl Carrier Protein'
2 non-polymer "4'-PHOSPHOPANTETHEINE"
3 non-polymer 'DECANOIC ACID'
#
_entity_poly.entity_id   1
_entity_poly.type   'polypeptide(L)'
_entity_poly.pdbx_seq_one_letter_code
;AKKETIDKVSDIVKEKLALGADVVVTADSEFSKLGADSLDTVEIVMNLEEEFGINVDEDKAQDISTIQQAADVIEGLLEK
KA
;
_entity_poly.pdbx_strand_id   A
#
# COMPACT_ATOMS: atom_id res chain seq x y z
N ALA A 1 -2.81 -5.14 11.11
CA ALA A 1 -3.73 -5.41 9.97
C ALA A 1 -3.84 -6.91 9.75
N LYS A 2 -5.01 -7.34 9.28
CA LYS A 2 -5.23 -8.76 9.02
C LYS A 2 -4.62 -9.16 7.69
N LYS A 3 -4.60 -10.46 7.42
CA LYS A 3 -4.04 -10.96 6.17
C LYS A 3 -4.90 -10.52 4.99
N GLU A 4 -6.19 -10.32 5.24
CA GLU A 4 -7.11 -9.91 4.18
C GLU A 4 -6.75 -8.51 3.67
N THR A 5 -6.61 -7.57 4.59
CA THR A 5 -6.28 -6.19 4.23
C THR A 5 -4.95 -6.13 3.48
N ILE A 6 -3.98 -6.92 3.95
CA ILE A 6 -2.67 -6.97 3.31
C ILE A 6 -2.80 -7.44 1.87
N ASP A 7 -3.64 -8.44 1.65
CA ASP A 7 -3.84 -8.99 0.32
C ASP A 7 -4.37 -7.91 -0.63
N LYS A 8 -5.30 -7.10 -0.14
CA LYS A 8 -5.86 -6.04 -0.98
C LYS A 8 -4.80 -5.04 -1.38
N VAL A 9 -4.00 -4.58 -0.42
CA VAL A 9 -2.94 -3.62 -0.70
C VAL A 9 -1.89 -4.24 -1.61
N SER A 10 -1.47 -5.46 -1.28
CA SER A 10 -0.46 -6.15 -2.07
C SER A 10 -0.96 -6.39 -3.48
N ASP A 11 -2.23 -6.73 -3.61
CA ASP A 11 -2.83 -6.98 -4.91
C ASP A 11 -2.78 -5.73 -5.78
N ILE A 12 -3.12 -4.60 -5.20
CA ILE A 12 -3.11 -3.34 -5.94
C ILE A 12 -1.68 -2.92 -6.28
N VAL A 13 -0.79 -3.03 -5.29
CA VAL A 13 0.61 -2.62 -5.47
C VAL A 13 1.32 -3.44 -6.53
N LYS A 14 1.33 -4.75 -6.36
CA LYS A 14 2.00 -5.62 -7.31
C LYS A 14 1.50 -5.32 -8.71
N GLU A 15 0.21 -5.00 -8.81
CA GLU A 15 -0.40 -4.66 -10.10
C GLU A 15 0.06 -3.29 -10.57
N LYS A 16 0.17 -2.35 -9.64
CA LYS A 16 0.59 -1.00 -9.96
C LYS A 16 2.05 -0.96 -10.41
N LEU A 17 2.88 -1.77 -9.78
CA LEU A 17 4.31 -1.80 -10.09
C LEU A 17 4.62 -2.80 -11.21
N ALA A 18 3.65 -3.64 -11.54
CA ALA A 18 3.83 -4.64 -12.60
C ALA A 18 2.54 -5.39 -12.84
N LEU A 19 2.65 -6.55 -13.48
CA LEU A 19 1.46 -7.36 -13.76
C LEU A 19 1.07 -8.17 -12.53
N GLY A 20 2.03 -8.39 -11.63
CA GLY A 20 1.77 -9.14 -10.42
C GLY A 20 1.93 -10.64 -10.65
N ALA A 21 2.13 -11.02 -11.93
CA ALA A 21 2.29 -12.42 -12.28
C ALA A 21 3.75 -12.85 -12.13
N ASP A 22 4.66 -11.99 -12.57
CA ASP A 22 6.10 -12.27 -12.49
C ASP A 22 6.73 -11.54 -11.32
N VAL A 23 5.90 -10.97 -10.44
CA VAL A 23 6.39 -10.24 -9.28
C VAL A 23 5.82 -10.84 -7.99
N VAL A 24 6.69 -11.04 -7.00
CA VAL A 24 6.27 -11.61 -5.72
C VAL A 24 6.23 -10.52 -4.65
N VAL A 25 5.08 -10.38 -3.99
CA VAL A 25 4.90 -9.37 -2.94
C VAL A 25 4.63 -10.03 -1.60
N THR A 26 5.25 -9.50 -0.55
CA THR A 26 5.06 -10.02 0.81
C THR A 26 4.94 -8.89 1.81
N ALA A 27 4.43 -9.22 2.99
CA ALA A 27 4.26 -8.23 4.04
C ALA A 27 5.62 -7.72 4.50
N ASP A 28 6.67 -8.44 4.13
CA ASP A 28 8.03 -8.05 4.50
C ASP A 28 8.74 -7.35 3.34
N SER A 29 8.10 -7.35 2.17
CA SER A 29 8.68 -6.71 1.01
C SER A 29 8.55 -5.20 1.08
N GLU A 30 9.66 -4.51 0.89
CA GLU A 30 9.67 -3.05 0.95
C GLU A 30 9.21 -2.47 -0.39
N PHE A 31 8.53 -1.33 -0.34
CA PHE A 31 8.04 -0.68 -1.55
C PHE A 31 9.21 -0.33 -2.48
N SER A 32 10.29 0.18 -1.91
CA SER A 32 11.46 0.55 -2.71
C SER A 32 12.02 -0.67 -3.45
N LYS A 33 12.05 -1.81 -2.77
CA LYS A 33 12.56 -3.04 -3.38
C LYS A 33 11.71 -3.45 -4.58
N LEU A 34 10.40 -3.24 -4.48
CA LEU A 34 9.50 -3.60 -5.56
C LEU A 34 9.77 -2.74 -6.79
N GLY A 35 10.40 -1.58 -6.57
CA GLY A 35 10.72 -0.67 -7.67
C GLY A 35 9.83 0.56 -7.64
N ALA A 36 8.89 0.60 -6.70
CA ALA A 36 7.99 1.73 -6.58
C ALA A 36 8.77 3.04 -6.54
N ASP A 37 8.69 3.81 -7.62
CA ASP A 37 9.38 5.09 -7.71
C ASP A 37 8.47 6.21 -7.24
N SER A 38 8.95 7.44 -7.36
CA SER A 38 8.18 8.60 -6.93
C SER A 38 6.88 8.70 -7.73
N LEU A 39 6.98 8.51 -9.04
CA LEU A 39 5.80 8.57 -9.90
C LEU A 39 4.86 7.41 -9.60
N ASP A 40 5.43 6.27 -9.26
CA ASP A 40 4.63 5.09 -8.95
C ASP A 40 4.10 5.15 -7.51
N THR A 41 5.01 5.39 -6.56
CA THR A 41 4.64 5.47 -5.14
C THR A 41 3.43 6.35 -4.91
N VAL A 42 3.40 7.50 -5.57
CA VAL A 42 2.28 8.41 -5.42
C VAL A 42 1.01 7.77 -5.96
N GLU A 43 1.17 6.95 -6.99
CA GLU A 43 0.04 6.28 -7.59
C GLU A 43 -0.51 5.20 -6.65
N ILE A 44 0.40 4.58 -5.89
CA ILE A 44 0.00 3.52 -4.95
C ILE A 44 -0.98 4.07 -3.91
N VAL A 45 -0.60 5.17 -3.27
CA VAL A 45 -1.45 5.77 -2.26
C VAL A 45 -2.72 6.33 -2.89
N MET A 46 -2.59 6.84 -4.10
CA MET A 46 -3.72 7.41 -4.80
C MET A 46 -4.81 6.36 -4.99
N ASN A 47 -4.42 5.18 -5.48
CA ASN A 47 -5.36 4.10 -5.69
C ASN A 47 -5.94 3.60 -4.37
N LEU A 48 -5.08 3.47 -3.37
CA LEU A 48 -5.52 2.98 -2.06
C LEU A 48 -6.51 3.96 -1.44
N GLU A 49 -6.23 5.25 -1.55
CA GLU A 49 -7.11 6.26 -1.00
C GLU A 49 -8.49 6.15 -1.64
N GLU A 50 -8.49 5.89 -2.93
CA GLU A 50 -9.73 5.75 -3.68
C GLU A 50 -10.41 4.42 -3.38
N GLU A 51 -9.61 3.35 -3.26
CA GLU A 51 -10.17 2.02 -2.98
C GLU A 51 -10.67 1.94 -1.55
N PHE A 52 -9.90 2.49 -0.62
CA PHE A 52 -10.27 2.47 0.80
C PHE A 52 -11.10 3.70 1.15
N GLY A 53 -11.22 4.63 0.21
CA GLY A 53 -12.01 5.85 0.43
C GLY A 53 -11.47 6.65 1.61
N ILE A 54 -10.16 6.86 1.64
CA ILE A 54 -9.51 7.61 2.72
C ILE A 54 -8.58 8.69 2.16
N ASN A 55 -7.85 9.35 3.05
CA ASN A 55 -6.92 10.40 2.64
C ASN A 55 -5.73 10.45 3.59
N VAL A 56 -4.52 10.32 3.04
CA VAL A 56 -3.31 10.36 3.85
C VAL A 56 -2.20 11.09 3.11
N ASP A 57 -1.47 11.93 3.84
CA ASP A 57 -0.37 12.69 3.26
C ASP A 57 0.87 11.81 3.11
N GLU A 58 1.72 12.15 2.14
CA GLU A 58 2.94 11.39 1.90
C GLU A 58 3.88 11.51 3.09
N ASP A 59 3.88 12.68 3.74
CA ASP A 59 4.74 12.89 4.89
C ASP A 59 4.42 11.91 6.00
N LYS A 60 3.13 11.71 6.26
CA LYS A 60 2.69 10.78 7.30
C LYS A 60 3.06 9.35 6.91
N ALA A 61 2.87 9.02 5.64
CA ALA A 61 3.19 7.68 5.15
C ALA A 61 4.69 7.46 5.05
N GLN A 62 5.45 8.22 5.84
CA GLN A 62 6.90 8.10 5.84
C GLN A 62 7.33 6.90 6.69
N ASP A 63 6.58 6.62 7.75
CA ASP A 63 6.90 5.51 8.63
C ASP A 63 6.70 4.17 7.92
N ILE A 64 6.11 4.23 6.73
CA ILE A 64 5.86 3.03 5.95
C ILE A 64 7.16 2.46 5.39
N SER A 65 7.37 1.17 5.60
CA SER A 65 8.58 0.49 5.12
C SER A 65 8.22 -0.78 4.36
N THR A 66 7.10 -1.41 4.74
CA THR A 66 6.64 -2.63 4.08
C THR A 66 5.18 -2.49 3.67
N ILE A 67 4.68 -3.50 2.96
CA ILE A 67 3.29 -3.48 2.50
C ILE A 67 2.32 -3.42 3.67
N GLN A 68 2.54 -4.28 4.64
CA GLN A 68 1.69 -4.33 5.80
C GLN A 68 1.78 -3.03 6.61
N GLN A 69 2.94 -2.39 6.62
CA GLN A 69 3.09 -1.15 7.36
C GLN A 69 2.01 -0.18 6.94
N ALA A 70 1.82 -0.07 5.63
CA ALA A 70 0.78 0.80 5.11
C ALA A 70 -0.59 0.23 5.49
N ALA A 71 -0.67 -1.10 5.47
CA ALA A 71 -1.92 -1.77 5.80
C ALA A 71 -2.40 -1.38 7.20
N ASP A 72 -1.49 -1.41 8.17
CA ASP A 72 -1.85 -1.07 9.54
C ASP A 72 -2.34 0.38 9.64
N VAL A 73 -1.64 1.28 8.96
CA VAL A 73 -2.01 2.70 8.98
C VAL A 73 -3.40 2.89 8.38
N ILE A 74 -3.65 2.23 7.26
CA ILE A 74 -4.94 2.35 6.58
C ILE A 74 -6.07 1.85 7.49
N GLU A 75 -5.87 0.69 8.09
CA GLU A 75 -6.88 0.13 9.00
C GLU A 75 -7.23 1.12 10.09
N GLY A 76 -6.24 1.87 10.54
CA GLY A 76 -6.46 2.85 11.59
C GLY A 76 -7.41 3.94 11.13
N LEU A 77 -7.25 4.37 9.88
CA LEU A 77 -8.12 5.42 9.32
C LEU A 77 -9.56 4.93 9.24
N LEU A 78 -9.74 3.68 8.83
CA LEU A 78 -11.07 3.12 8.71
C LEU A 78 -11.77 3.09 10.07
N GLU A 79 -11.02 2.73 11.10
CA GLU A 79 -11.57 2.68 12.44
C GLU A 79 -11.94 4.08 12.94
N LYS A 80 -11.15 5.07 12.52
CA LYS A 80 -11.38 6.45 12.93
C LYS A 80 -12.76 6.93 12.45
N LYS A 81 -13.06 6.64 11.18
CA LYS A 81 -14.34 7.05 10.60
C LYS A 81 -15.42 6.04 10.94
N ALA A 82 -16.65 6.51 11.12
CA ALA A 82 -17.76 5.62 11.44
C ALA A 82 -17.37 4.62 12.52
N ALA A 1 -3.10 -5.20 11.24
CA ALA A 1 -3.92 -5.33 10.01
C ALA A 1 -4.19 -6.80 9.73
N LYS A 2 -5.28 -7.08 9.02
CA LYS A 2 -5.65 -8.45 8.70
C LYS A 2 -4.95 -8.90 7.42
N LYS A 3 -4.98 -10.19 7.16
CA LYS A 3 -4.34 -10.74 5.96
C LYS A 3 -5.04 -10.23 4.71
N GLU A 4 -6.31 -9.88 4.84
CA GLU A 4 -7.07 -9.38 3.71
C GLU A 4 -6.55 -8.01 3.26
N THR A 5 -6.27 -7.15 4.23
CA THR A 5 -5.77 -5.81 3.93
C THR A 5 -4.44 -5.90 3.20
N ILE A 6 -3.56 -6.75 3.68
CA ILE A 6 -2.24 -6.91 3.07
C ILE A 6 -2.39 -7.41 1.62
N ASP A 7 -3.27 -8.38 1.42
CA ASP A 7 -3.50 -8.92 0.10
C ASP A 7 -4.05 -7.85 -0.84
N LYS A 8 -4.98 -7.06 -0.34
CA LYS A 8 -5.59 -6.00 -1.15
C LYS A 8 -4.57 -4.97 -1.57
N VAL A 9 -3.82 -4.46 -0.60
CA VAL A 9 -2.81 -3.46 -0.89
C VAL A 9 -1.70 -4.05 -1.75
N SER A 10 -1.22 -5.23 -1.39
CA SER A 10 -0.16 -5.89 -2.13
C SER A 10 -0.58 -6.13 -3.57
N ASP A 11 -1.81 -6.57 -3.76
CA ASP A 11 -2.31 -6.85 -5.10
C ASP A 11 -2.28 -5.58 -5.96
N ILE A 12 -2.75 -4.49 -5.40
CA ILE A 12 -2.78 -3.22 -6.12
C ILE A 12 -1.38 -2.70 -6.34
N VAL A 13 -0.55 -2.78 -5.32
CA VAL A 13 0.81 -2.26 -5.40
C VAL A 13 1.59 -2.92 -6.54
N LYS A 14 1.65 -4.24 -6.51
CA LYS A 14 2.39 -4.96 -7.54
C LYS A 14 1.75 -4.75 -8.90
N GLU A 15 0.43 -4.54 -8.91
CA GLU A 15 -0.28 -4.32 -10.16
C GLU A 15 0.23 -3.05 -10.84
N LYS A 16 0.51 -2.03 -10.05
CA LYS A 16 1.00 -0.77 -10.59
C LYS A 16 2.47 -0.90 -10.98
N LEU A 17 3.20 -1.73 -10.24
CA LEU A 17 4.63 -1.91 -10.49
C LEU A 17 4.87 -3.13 -11.37
N ALA A 18 3.80 -3.88 -11.63
CA ALA A 18 3.91 -5.07 -12.46
C ALA A 18 2.53 -5.66 -12.71
N LEU A 19 2.51 -6.89 -13.24
CA LEU A 19 1.24 -7.56 -13.54
C LEU A 19 0.70 -8.28 -12.31
N GLY A 20 1.60 -8.60 -11.39
CA GLY A 20 1.21 -9.29 -10.17
C GLY A 20 1.08 -10.79 -10.40
N ALA A 21 1.49 -11.23 -11.59
CA ALA A 21 1.42 -12.66 -11.93
C ALA A 21 2.71 -13.37 -11.52
N ASP A 22 3.82 -12.96 -12.11
CA ASP A 22 5.11 -13.58 -11.81
C ASP A 22 5.81 -12.82 -10.70
N VAL A 23 5.06 -11.98 -10.00
CA VAL A 23 5.63 -11.18 -8.90
C VAL A 23 5.03 -11.62 -7.58
N VAL A 24 5.89 -11.81 -6.58
CA VAL A 24 5.44 -12.24 -5.26
C VAL A 24 5.64 -11.10 -4.25
N VAL A 25 4.61 -10.85 -3.45
CA VAL A 25 4.66 -9.79 -2.45
C VAL A 25 4.57 -10.36 -1.05
N THR A 26 5.34 -9.79 -0.12
CA THR A 26 5.31 -10.23 1.27
C THR A 26 5.27 -9.04 2.21
N ALA A 27 4.76 -9.27 3.42
CA ALA A 27 4.65 -8.20 4.41
C ALA A 27 6.04 -7.65 4.73
N ASP A 28 7.06 -8.47 4.55
CA ASP A 28 8.43 -8.05 4.83
C ASP A 28 9.05 -7.38 3.61
N SER A 29 8.33 -7.43 2.49
CA SER A 29 8.82 -6.84 1.26
C SER A 29 8.78 -5.32 1.33
N GLU A 30 9.86 -4.66 0.91
CA GLU A 30 9.92 -3.20 0.92
C GLU A 30 9.48 -2.65 -0.44
N PHE A 31 8.79 -1.51 -0.40
CA PHE A 31 8.33 -0.89 -1.63
C PHE A 31 9.48 -0.64 -2.59
N SER A 32 10.66 -0.41 -2.04
CA SER A 32 11.84 -0.15 -2.87
C SER A 32 12.11 -1.32 -3.79
N LYS A 33 12.07 -2.53 -3.24
CA LYS A 33 12.31 -3.73 -4.03
C LYS A 33 11.25 -3.88 -5.12
N LEU A 34 10.02 -3.53 -4.78
CA LEU A 34 8.92 -3.65 -5.73
C LEU A 34 9.13 -2.71 -6.91
N GLY A 35 10.00 -1.72 -6.72
CA GLY A 35 10.29 -0.77 -7.78
C GLY A 35 9.35 0.41 -7.75
N ALA A 36 9.11 0.93 -6.55
CA ALA A 36 8.20 2.08 -6.39
C ALA A 36 9.01 3.37 -6.36
N ASP A 37 8.93 4.14 -7.43
CA ASP A 37 9.64 5.42 -7.51
C ASP A 37 8.77 6.55 -7.00
N SER A 38 9.29 7.77 -7.03
CA SER A 38 8.56 8.93 -6.56
C SER A 38 7.26 9.09 -7.34
N LEU A 39 7.35 8.95 -8.66
CA LEU A 39 6.18 9.07 -9.51
C LEU A 39 5.21 7.90 -9.28
N ASP A 40 5.78 6.72 -9.09
CA ASP A 40 4.95 5.53 -8.87
C ASP A 40 4.39 5.53 -7.45
N THR A 41 5.25 5.76 -6.47
CA THR A 41 4.82 5.78 -5.08
C THR A 41 3.57 6.65 -4.92
N VAL A 42 3.55 7.76 -5.63
CA VAL A 42 2.40 8.66 -5.56
C VAL A 42 1.15 7.98 -6.11
N GLU A 43 1.28 7.34 -7.26
CA GLU A 43 0.16 6.65 -7.88
C GLU A 43 -0.44 5.65 -6.91
N ILE A 44 0.40 5.09 -6.06
CA ILE A 44 -0.06 4.11 -5.09
C ILE A 44 -0.98 4.74 -4.06
N VAL A 45 -0.60 5.92 -3.60
CA VAL A 45 -1.40 6.62 -2.59
C VAL A 45 -2.82 6.86 -3.07
N MET A 46 -2.94 7.51 -4.20
CA MET A 46 -4.26 7.81 -4.76
C MET A 46 -5.01 6.52 -5.06
N ASN A 47 -4.30 5.52 -5.55
CA ASN A 47 -4.92 4.26 -5.89
C ASN A 47 -5.53 3.60 -4.65
N LEU A 48 -4.72 3.50 -3.60
CA LEU A 48 -5.18 2.88 -2.36
C LEU A 48 -6.21 3.76 -1.68
N GLU A 49 -5.94 5.06 -1.64
CA GLU A 49 -6.85 6.01 -1.00
C GLU A 49 -8.22 5.97 -1.68
N GLU A 50 -8.21 5.80 -2.99
CA GLU A 50 -9.46 5.75 -3.75
C GLU A 50 -10.16 4.41 -3.54
N GLU A 51 -9.38 3.35 -3.42
CA GLU A 51 -9.94 2.02 -3.23
C GLU A 51 -10.64 1.92 -1.88
N PHE A 52 -10.00 2.45 -0.84
CA PHE A 52 -10.58 2.41 0.50
C PHE A 52 -11.28 3.73 0.82
N GLY A 53 -11.22 4.67 -0.12
CA GLY A 53 -11.86 5.96 0.08
C GLY A 53 -11.42 6.59 1.40
N ILE A 54 -10.10 6.70 1.58
CA ILE A 54 -9.55 7.28 2.80
C ILE A 54 -8.65 8.45 2.46
N ASN A 55 -8.37 9.29 3.45
CA ASN A 55 -7.51 10.45 3.25
C ASN A 55 -6.33 10.43 4.23
N VAL A 56 -5.12 10.44 3.67
CA VAL A 56 -3.92 10.42 4.50
C VAL A 56 -2.82 11.28 3.86
N ASP A 57 -2.07 11.99 4.71
CA ASP A 57 -0.99 12.83 4.23
C ASP A 57 0.22 11.98 3.86
N GLU A 58 0.92 12.38 2.80
CA GLU A 58 2.10 11.66 2.35
C GLU A 58 3.22 11.77 3.37
N ASP A 59 3.27 12.90 4.07
CA ASP A 59 4.29 13.12 5.08
C ASP A 59 4.12 12.15 6.24
N LYS A 60 2.88 11.74 6.49
CA LYS A 60 2.60 10.81 7.57
C LYS A 60 2.87 9.38 7.14
N ALA A 61 3.02 9.17 5.84
CA ALA A 61 3.28 7.84 5.30
C ALA A 61 4.79 7.62 5.13
N GLN A 62 5.58 8.47 5.77
CA GLN A 62 7.03 8.35 5.69
C GLN A 62 7.52 7.13 6.45
N ASP A 63 6.90 6.87 7.59
CA ASP A 63 7.29 5.73 8.42
C ASP A 63 7.01 4.42 7.70
N ILE A 64 6.41 4.52 6.52
CA ILE A 64 6.09 3.33 5.74
C ILE A 64 7.33 2.75 5.10
N SER A 65 7.55 1.45 5.31
CA SER A 65 8.73 0.78 4.75
C SER A 65 8.32 -0.48 4.01
N THR A 66 7.37 -1.23 4.59
CA THR A 66 6.90 -2.47 3.98
C THR A 66 5.39 -2.42 3.79
N ILE A 67 4.85 -3.46 3.18
CA ILE A 67 3.42 -3.53 2.94
C ILE A 67 2.64 -3.48 4.25
N GLN A 68 3.07 -4.27 5.22
CA GLN A 68 2.41 -4.29 6.51
C GLN A 68 2.33 -2.88 7.11
N GLN A 69 3.40 -2.13 6.95
CA GLN A 69 3.45 -0.77 7.48
C GLN A 69 2.32 0.07 6.88
N ALA A 70 2.15 -0.02 5.57
CA ALA A 70 1.09 0.71 4.89
C ALA A 70 -0.27 0.22 5.32
N ALA A 71 -0.40 -1.10 5.50
CA ALA A 71 -1.66 -1.69 5.92
C ALA A 71 -2.03 -1.24 7.32
N ASP A 72 -1.02 -1.11 8.18
CA ASP A 72 -1.26 -0.68 9.56
C ASP A 72 -1.88 0.71 9.59
N VAL A 73 -1.39 1.58 8.72
CA VAL A 73 -1.91 2.95 8.66
C VAL A 73 -3.29 2.97 8.01
N ILE A 74 -3.43 2.24 6.90
CA ILE A 74 -4.68 2.19 6.17
C ILE A 74 -5.78 1.55 7.01
N GLU A 75 -5.52 0.36 7.51
CA GLU A 75 -6.49 -0.36 8.31
C GLU A 75 -6.94 0.49 9.49
N GLY A 76 -6.00 1.23 10.05
CA GLY A 76 -6.31 2.08 11.20
C GLY A 76 -7.35 3.12 10.85
N LEU A 77 -7.24 3.69 9.65
CA LEU A 77 -8.19 4.69 9.20
C LEU A 77 -9.58 4.10 9.04
N LEU A 78 -9.64 2.88 8.53
CA LEU A 78 -10.92 2.21 8.32
C LEU A 78 -11.65 2.03 9.64
N GLU A 79 -10.90 1.70 10.68
CA GLU A 79 -11.50 1.49 12.00
C GLU A 79 -12.32 2.72 12.41
N LYS A 80 -11.94 3.88 11.88
CA LYS A 80 -12.65 5.12 12.21
C LYS A 80 -14.10 5.03 11.74
N LYS A 81 -14.30 4.55 10.52
CA LYS A 81 -15.65 4.42 9.97
C LYS A 81 -16.25 3.07 10.34
N ALA A 82 -17.56 3.05 10.57
CA ALA A 82 -18.25 1.81 10.93
C ALA A 82 -17.61 1.19 12.16
N ALA A 1 -3.14 -5.35 11.22
CA ALA A 1 -3.97 -5.56 9.99
C ALA A 1 -4.11 -7.06 9.72
N LYS A 2 -5.29 -7.47 9.28
CA LYS A 2 -5.53 -8.88 8.99
C LYS A 2 -4.83 -9.26 7.70
N LYS A 3 -4.71 -10.56 7.49
CA LYS A 3 -4.06 -11.09 6.29
C LYS A 3 -4.88 -10.74 5.05
N GLU A 4 -6.11 -10.32 5.26
CA GLU A 4 -6.98 -9.98 4.15
C GLU A 4 -6.64 -8.60 3.60
N THR A 5 -6.47 -7.64 4.51
CA THR A 5 -6.13 -6.27 4.12
C THR A 5 -4.81 -6.23 3.37
N ILE A 6 -3.84 -7.01 3.85
CA ILE A 6 -2.53 -7.05 3.23
C ILE A 6 -2.64 -7.50 1.77
N ASP A 7 -3.48 -8.50 1.53
CA ASP A 7 -3.67 -9.02 0.19
C ASP A 7 -4.21 -7.94 -0.73
N LYS A 8 -5.16 -7.15 -0.24
CA LYS A 8 -5.75 -6.09 -1.03
C LYS A 8 -4.71 -5.06 -1.45
N VAL A 9 -3.93 -4.60 -0.48
CA VAL A 9 -2.90 -3.61 -0.75
C VAL A 9 -1.83 -4.20 -1.67
N SER A 10 -1.38 -5.40 -1.36
CA SER A 10 -0.36 -6.05 -2.16
C SER A 10 -0.86 -6.30 -3.57
N ASP A 11 -2.14 -6.63 -3.69
CA ASP A 11 -2.75 -6.89 -4.99
C ASP A 11 -2.69 -5.64 -5.86
N ILE A 12 -3.02 -4.50 -5.27
CA ILE A 12 -3.01 -3.25 -6.01
C ILE A 12 -1.58 -2.79 -6.29
N VAL A 13 -0.71 -2.93 -5.29
CA VAL A 13 0.67 -2.51 -5.42
C VAL A 13 1.40 -3.33 -6.49
N LYS A 14 1.29 -4.65 -6.39
CA LYS A 14 1.94 -5.53 -7.34
C LYS A 14 1.38 -5.33 -8.75
N GLU A 15 0.11 -4.98 -8.80
CA GLU A 15 -0.54 -4.77 -10.09
C GLU A 15 -0.02 -3.51 -10.76
N LYS A 16 0.18 -2.47 -9.97
CA LYS A 16 0.67 -1.20 -10.49
C LYS A 16 2.14 -1.29 -10.88
N LEU A 17 2.89 -2.07 -10.12
CA LEU A 17 4.31 -2.22 -10.38
C LEU A 17 4.58 -3.34 -11.37
N ALA A 18 3.53 -4.08 -11.71
CA ALA A 18 3.66 -5.18 -12.66
C ALA A 18 2.34 -5.91 -12.81
N LEU A 19 2.35 -6.98 -13.59
CA LEU A 19 1.15 -7.76 -13.83
C LEU A 19 0.82 -8.63 -12.62
N GLY A 20 1.84 -8.91 -11.82
CA GLY A 20 1.66 -9.72 -10.63
C GLY A 20 1.88 -11.20 -10.95
N ALA A 21 1.88 -11.53 -12.22
CA ALA A 21 2.07 -12.91 -12.65
C ALA A 21 3.51 -13.37 -12.36
N ASP A 22 4.47 -12.55 -12.79
CA ASP A 22 5.88 -12.87 -12.57
C ASP A 22 6.43 -12.08 -11.40
N VAL A 23 5.56 -11.38 -10.69
CA VAL A 23 5.97 -10.57 -9.54
C VAL A 23 5.21 -11.01 -8.29
N VAL A 24 5.93 -11.16 -7.20
CA VAL A 24 5.34 -11.57 -5.93
C VAL A 24 5.62 -10.55 -4.85
N VAL A 25 4.58 -10.16 -4.11
CA VAL A 25 4.71 -9.17 -3.04
C VAL A 25 4.37 -9.80 -1.69
N THR A 26 5.19 -9.51 -0.69
CA THR A 26 4.99 -10.04 0.65
C THR A 26 5.04 -8.93 1.70
N ALA A 27 4.53 -9.22 2.88
CA ALA A 27 4.53 -8.25 3.96
C ALA A 27 5.95 -7.83 4.32
N ASP A 28 6.90 -8.71 4.02
CA ASP A 28 8.30 -8.44 4.32
C ASP A 28 8.95 -7.65 3.19
N SER A 29 8.31 -7.66 2.02
CA SER A 29 8.84 -6.94 0.87
C SER A 29 8.71 -5.43 1.06
N GLU A 30 9.71 -4.70 0.62
CA GLU A 30 9.71 -3.23 0.74
C GLU A 30 9.31 -2.59 -0.58
N PHE A 31 8.54 -1.52 -0.50
CA PHE A 31 8.08 -0.84 -1.71
C PHE A 31 9.25 -0.55 -2.65
N SER A 32 10.37 -0.14 -2.07
CA SER A 32 11.55 0.17 -2.87
C SER A 32 12.03 -1.07 -3.63
N LYS A 33 12.01 -2.22 -2.97
CA LYS A 33 12.44 -3.47 -3.59
C LYS A 33 11.53 -3.81 -4.78
N LEU A 34 10.25 -3.53 -4.64
CA LEU A 34 9.30 -3.81 -5.71
C LEU A 34 9.58 -2.96 -6.93
N GLY A 35 10.28 -1.84 -6.71
CA GLY A 35 10.62 -0.93 -7.81
C GLY A 35 9.77 0.32 -7.76
N ALA A 36 8.98 0.45 -6.71
CA ALA A 36 8.11 1.63 -6.57
C ALA A 36 8.95 2.87 -6.35
N ASP A 37 9.00 3.73 -7.36
CA ASP A 37 9.77 4.98 -7.28
C ASP A 37 8.88 6.10 -6.77
N SER A 38 9.45 7.30 -6.72
CA SER A 38 8.72 8.47 -6.24
C SER A 38 7.54 8.77 -7.16
N LEU A 39 7.75 8.61 -8.47
CA LEU A 39 6.69 8.87 -9.43
C LEU A 39 5.54 7.90 -9.24
N ASP A 40 5.86 6.65 -8.97
CA ASP A 40 4.84 5.63 -8.75
C ASP A 40 4.26 5.73 -7.34
N THR A 41 5.10 6.09 -6.39
CA THR A 41 4.67 6.19 -5.01
C THR A 41 3.34 6.92 -4.90
N VAL A 42 3.19 7.97 -5.69
CA VAL A 42 1.95 8.75 -5.67
C VAL A 42 0.78 7.91 -6.21
N GLU A 43 1.08 7.07 -7.20
CA GLU A 43 0.06 6.24 -7.81
C GLU A 43 -0.41 5.18 -6.82
N ILE A 44 0.53 4.66 -6.03
CA ILE A 44 0.20 3.62 -5.06
C ILE A 44 -0.78 4.16 -4.03
N VAL A 45 -0.47 5.32 -3.47
CA VAL A 45 -1.33 5.93 -2.46
C VAL A 45 -2.66 6.35 -3.07
N MET A 46 -2.61 6.96 -4.25
CA MET A 46 -3.82 7.42 -4.91
C MET A 46 -4.77 6.24 -5.15
N ASN A 47 -4.24 5.14 -5.64
CA ASN A 47 -5.06 3.97 -5.91
C ASN A 47 -5.66 3.43 -4.62
N LEU A 48 -4.84 3.34 -3.58
CA LEU A 48 -5.31 2.82 -2.31
C LEU A 48 -6.34 3.75 -1.69
N GLU A 49 -6.09 5.04 -1.78
CA GLU A 49 -7.02 6.03 -1.23
C GLU A 49 -8.41 5.87 -1.84
N GLU A 50 -8.43 5.62 -3.14
CA GLU A 50 -9.69 5.45 -3.83
C GLU A 50 -10.34 4.12 -3.48
N GLU A 51 -9.53 3.08 -3.34
CA GLU A 51 -10.05 1.76 -3.02
C GLU A 51 -10.61 1.74 -1.60
N PHE A 52 -9.87 2.29 -0.66
CA PHE A 52 -10.30 2.33 0.74
C PHE A 52 -11.09 3.59 1.02
N GLY A 53 -11.16 4.48 0.04
CA GLY A 53 -11.89 5.73 0.19
C GLY A 53 -11.41 6.50 1.41
N ILE A 54 -10.11 6.72 1.49
CA ILE A 54 -9.52 7.45 2.62
C ILE A 54 -8.67 8.61 2.12
N ASN A 55 -7.96 9.26 3.04
CA ASN A 55 -7.11 10.38 2.69
C ASN A 55 -5.94 10.49 3.64
N VAL A 56 -4.73 10.23 3.14
CA VAL A 56 -3.52 10.30 3.97
C VAL A 56 -2.43 11.08 3.25
N ASP A 57 -1.72 11.92 4.00
CA ASP A 57 -0.65 12.72 3.43
C ASP A 57 0.59 11.88 3.21
N GLU A 58 1.35 12.19 2.16
CA GLU A 58 2.56 11.45 1.84
C GLU A 58 3.58 11.58 2.97
N ASP A 59 3.60 12.75 3.60
CA ASP A 59 4.54 13.00 4.69
C ASP A 59 4.28 12.03 5.84
N LYS A 60 3.01 11.80 6.13
CA LYS A 60 2.63 10.89 7.21
C LYS A 60 3.04 9.45 6.88
N ALA A 61 2.83 9.07 5.62
CA ALA A 61 3.17 7.72 5.18
C ALA A 61 4.67 7.57 4.97
N GLN A 62 5.43 8.38 5.70
CA GLN A 62 6.89 8.33 5.60
C GLN A 62 7.46 7.17 6.42
N ASP A 63 6.75 6.81 7.48
CA ASP A 63 7.18 5.73 8.34
C ASP A 63 6.93 4.38 7.67
N ILE A 64 6.32 4.41 6.49
CA ILE A 64 6.02 3.18 5.76
C ILE A 64 7.27 2.64 5.09
N SER A 65 7.54 1.36 5.31
CA SER A 65 8.72 0.72 4.73
C SER A 65 8.33 -0.59 4.04
N THR A 66 7.24 -1.20 4.51
CA THR A 66 6.75 -2.46 3.94
C THR A 66 5.24 -2.40 3.72
N ILE A 67 4.71 -3.44 3.08
CA ILE A 67 3.29 -3.48 2.80
C ILE A 67 2.49 -3.48 4.10
N GLN A 68 2.93 -4.27 5.07
CA GLN A 68 2.24 -4.33 6.35
C GLN A 68 2.11 -2.94 6.97
N GLN A 69 3.21 -2.20 6.97
CA GLN A 69 3.20 -0.87 7.55
C GLN A 69 2.12 -0.02 6.90
N ALA A 70 2.00 -0.14 5.58
CA ALA A 70 0.99 0.62 4.84
C ALA A 70 -0.41 0.16 5.23
N ALA A 71 -0.58 -1.14 5.39
CA ALA A 71 -1.87 -1.69 5.76
C ALA A 71 -2.27 -1.26 7.16
N ASP A 72 -1.29 -1.20 8.05
CA ASP A 72 -1.54 -0.80 9.44
C ASP A 72 -2.08 0.62 9.49
N VAL A 73 -1.50 1.51 8.70
CA VAL A 73 -1.94 2.90 8.67
C VAL A 73 -3.32 2.99 8.01
N ILE A 74 -3.50 2.29 6.90
CA ILE A 74 -4.76 2.33 6.18
C ILE A 74 -5.90 1.75 7.03
N GLU A 75 -5.77 0.48 7.39
CA GLU A 75 -6.79 -0.18 8.20
C GLU A 75 -7.12 0.64 9.44
N GLY A 76 -6.12 1.37 9.94
CA GLY A 76 -6.32 2.19 11.12
C GLY A 76 -7.36 3.28 10.85
N LEU A 77 -7.40 3.75 9.61
CA LEU A 77 -8.34 4.80 9.23
C LEU A 77 -9.76 4.24 9.16
N LEU A 78 -9.89 3.03 8.64
CA LEU A 78 -11.21 2.41 8.50
C LEU A 78 -11.89 2.26 9.85
N GLU A 79 -11.14 1.83 10.84
CA GLU A 79 -11.68 1.65 12.17
C GLU A 79 -12.02 2.99 12.80
N LYS A 80 -11.16 3.98 12.55
CA LYS A 80 -11.36 5.33 13.09
C LYS A 80 -11.29 6.38 11.99
N LYS A 81 -12.19 6.27 11.06
CA LYS A 81 -12.24 7.21 9.93
C LYS A 81 -12.48 8.63 10.44
N ALA A 82 -11.90 9.60 9.74
CA ALA A 82 -12.04 11.00 10.14
C ALA A 82 -11.72 11.17 11.62
N ALA A 1 -2.59 -5.01 11.24
CA ALA A 1 -3.64 -5.31 10.21
C ALA A 1 -3.87 -6.81 10.17
N LYS A 2 -4.36 -7.30 9.02
CA LYS A 2 -4.63 -8.73 8.85
C LYS A 2 -4.18 -9.19 7.47
N LYS A 3 -4.15 -10.50 7.29
CA LYS A 3 -3.74 -11.07 6.00
C LYS A 3 -4.68 -10.62 4.89
N GLU A 4 -5.94 -10.38 5.24
CA GLU A 4 -6.92 -9.96 4.27
C GLU A 4 -6.60 -8.55 3.75
N THR A 5 -6.37 -7.63 4.68
CA THR A 5 -6.06 -6.26 4.31
C THR A 5 -4.79 -6.19 3.47
N ILE A 6 -3.78 -6.96 3.87
CA ILE A 6 -2.52 -6.98 3.15
C ILE A 6 -2.74 -7.40 1.70
N ASP A 7 -3.63 -8.37 1.51
CA ASP A 7 -3.91 -8.87 0.17
C ASP A 7 -4.46 -7.75 -0.71
N LYS A 8 -5.36 -6.96 -0.16
CA LYS A 8 -5.97 -5.86 -0.91
C LYS A 8 -4.92 -4.87 -1.35
N VAL A 9 -4.11 -4.40 -0.41
CA VAL A 9 -3.05 -3.45 -0.71
C VAL A 9 -2.00 -4.10 -1.60
N SER A 10 -1.59 -5.31 -1.26
CA SER A 10 -0.59 -6.03 -2.03
C SER A 10 -1.08 -6.28 -3.45
N ASP A 11 -2.36 -6.64 -3.58
CA ASP A 11 -2.94 -6.90 -4.89
C ASP A 11 -2.86 -5.66 -5.77
N ILE A 12 -3.18 -4.51 -5.20
CA ILE A 12 -3.13 -3.26 -5.95
C ILE A 12 -1.68 -2.87 -6.24
N VAL A 13 -0.83 -3.01 -5.23
CA VAL A 13 0.57 -2.63 -5.39
C VAL A 13 1.27 -3.50 -6.42
N LYS A 14 1.13 -4.81 -6.28
CA LYS A 14 1.78 -5.74 -7.19
C LYS A 14 1.23 -5.56 -8.61
N GLU A 15 -0.05 -5.26 -8.70
CA GLU A 15 -0.70 -5.06 -9.99
C GLU A 15 -0.29 -3.72 -10.59
N LYS A 16 -0.12 -2.73 -9.73
CA LYS A 16 0.28 -1.40 -10.19
C LYS A 16 1.73 -1.39 -10.66
N LEU A 17 2.56 -2.16 -9.99
CA LEU A 17 3.98 -2.21 -10.33
C LEU A 17 4.24 -3.23 -11.42
N ALA A 18 3.26 -4.09 -11.66
CA ALA A 18 3.40 -5.12 -12.69
C ALA A 18 2.09 -5.90 -12.84
N LEU A 19 2.20 -7.11 -13.37
CA LEU A 19 1.02 -7.97 -13.56
C LEU A 19 0.71 -8.73 -12.28
N GLY A 20 1.68 -8.81 -11.39
CA GLY A 20 1.49 -9.52 -10.13
C GLY A 20 1.96 -10.97 -10.23
N ALA A 21 1.99 -11.48 -11.46
CA ALA A 21 2.41 -12.86 -11.70
C ALA A 21 3.93 -12.94 -11.85
N ASP A 22 4.50 -11.94 -12.53
CA ASP A 22 5.95 -11.91 -12.74
C ASP A 22 6.64 -11.28 -11.55
N VAL A 23 5.87 -10.81 -10.58
CA VAL A 23 6.43 -10.19 -9.39
C VAL A 23 5.81 -10.78 -8.14
N VAL A 24 6.56 -10.77 -7.04
CA VAL A 24 6.06 -11.31 -5.77
C VAL A 24 6.12 -10.23 -4.69
N VAL A 25 4.99 -10.02 -4.02
CA VAL A 25 4.91 -9.01 -2.96
C VAL A 25 4.61 -9.68 -1.62
N THR A 26 5.35 -9.27 -0.60
CA THR A 26 5.16 -9.83 0.75
C THR A 26 5.17 -8.72 1.79
N ALA A 27 4.67 -9.04 2.98
CA ALA A 27 4.64 -8.07 4.07
C ALA A 27 6.05 -7.60 4.40
N ASP A 28 7.03 -8.42 4.09
CA ASP A 28 8.43 -8.09 4.38
C ASP A 28 9.04 -7.30 3.22
N SER A 29 8.38 -7.36 2.05
CA SER A 29 8.88 -6.66 0.88
C SER A 29 8.70 -5.16 1.04
N GLU A 30 9.67 -4.39 0.54
CA GLU A 30 9.60 -2.93 0.62
C GLU A 30 9.13 -2.35 -0.70
N PHE A 31 8.39 -1.26 -0.63
CA PHE A 31 7.87 -0.61 -1.83
C PHE A 31 8.99 -0.32 -2.81
N SER A 32 10.11 0.17 -2.30
CA SER A 32 11.25 0.50 -3.13
C SER A 32 11.78 -0.74 -3.84
N LYS A 33 11.85 -1.86 -3.11
CA LYS A 33 12.34 -3.10 -3.68
C LYS A 33 11.44 -3.56 -4.82
N LEU A 34 10.14 -3.38 -4.67
CA LEU A 34 9.19 -3.79 -5.69
C LEU A 34 9.38 -2.98 -6.96
N GLY A 35 10.10 -1.88 -6.85
CA GLY A 35 10.36 -1.02 -8.00
C GLY A 35 9.60 0.30 -7.89
N ALA A 36 8.72 0.38 -6.90
CA ALA A 36 7.93 1.60 -6.69
C ALA A 36 8.85 2.79 -6.42
N ASP A 37 8.93 3.70 -7.38
CA ASP A 37 9.77 4.88 -7.24
C ASP A 37 8.97 6.04 -6.64
N SER A 38 9.58 7.21 -6.62
CA SER A 38 8.93 8.40 -6.08
C SER A 38 7.69 8.74 -6.90
N LEU A 39 7.79 8.61 -8.21
CA LEU A 39 6.67 8.90 -9.10
C LEU A 39 5.56 7.88 -8.94
N ASP A 40 5.95 6.61 -8.80
CA ASP A 40 4.97 5.54 -8.64
C ASP A 40 4.31 5.61 -7.28
N THR A 41 5.11 5.86 -6.25
CA THR A 41 4.59 5.94 -4.89
C THR A 41 3.32 6.78 -4.85
N VAL A 42 3.25 7.77 -5.72
CA VAL A 42 2.08 8.63 -5.79
C VAL A 42 0.88 7.84 -6.31
N GLU A 43 1.11 7.02 -7.32
CA GLU A 43 0.03 6.24 -7.90
C GLU A 43 -0.44 5.17 -6.92
N ILE A 44 0.51 4.61 -6.17
CA ILE A 44 0.18 3.57 -5.20
C ILE A 44 -0.73 4.11 -4.12
N VAL A 45 -0.32 5.21 -3.50
CA VAL A 45 -1.12 5.82 -2.43
C VAL A 45 -2.41 6.40 -2.99
N MET A 46 -2.31 7.06 -4.15
CA MET A 46 -3.47 7.68 -4.75
C MET A 46 -4.54 6.63 -5.04
N ASN A 47 -4.12 5.50 -5.60
CA ASN A 47 -5.06 4.42 -5.92
C ASN A 47 -5.66 3.84 -4.63
N LEU A 48 -4.82 3.63 -3.64
CA LEU A 48 -5.29 3.07 -2.38
C LEU A 48 -6.26 4.00 -1.70
N GLU A 49 -5.94 5.28 -1.69
CA GLU A 49 -6.82 6.27 -1.07
C GLU A 49 -8.18 6.27 -1.73
N GLU A 50 -8.20 6.09 -3.03
CA GLU A 50 -9.45 6.07 -3.79
C GLU A 50 -10.20 4.76 -3.56
N GLU A 51 -9.45 3.67 -3.44
CA GLU A 51 -10.06 2.36 -3.24
C GLU A 51 -10.75 2.29 -1.89
N PHE A 52 -10.08 2.80 -0.87
CA PHE A 52 -10.64 2.78 0.49
C PHE A 52 -11.27 4.13 0.82
N GLY A 53 -11.17 5.07 -0.10
CA GLY A 53 -11.76 6.39 0.09
C GLY A 53 -11.25 7.03 1.38
N ILE A 54 -9.93 7.08 1.53
CA ILE A 54 -9.31 7.67 2.71
C ILE A 54 -8.33 8.76 2.31
N ASN A 55 -8.13 9.73 3.20
CA ASN A 55 -7.21 10.83 2.93
C ASN A 55 -5.99 10.74 3.83
N VAL A 56 -4.83 10.50 3.23
CA VAL A 56 -3.59 10.40 4.00
C VAL A 56 -2.49 11.23 3.35
N ASP A 57 -1.79 12.03 4.16
CA ASP A 57 -0.71 12.86 3.66
C ASP A 57 0.57 12.05 3.52
N GLU A 58 1.33 12.34 2.47
CA GLU A 58 2.58 11.62 2.23
C GLU A 58 3.55 11.83 3.39
N ASP A 59 3.40 12.96 4.08
CA ASP A 59 4.26 13.28 5.21
C ASP A 59 4.14 12.22 6.29
N LYS A 60 2.92 11.76 6.53
CA LYS A 60 2.68 10.73 7.54
C LYS A 60 2.98 9.35 6.98
N ALA A 61 3.14 9.27 5.66
CA ALA A 61 3.42 8.00 5.02
C ALA A 61 4.92 7.72 5.01
N GLN A 62 5.67 8.55 5.72
CA GLN A 62 7.12 8.40 5.79
C GLN A 62 7.50 7.15 6.58
N ASP A 63 6.77 6.91 7.67
CA ASP A 63 7.04 5.76 8.52
C ASP A 63 6.77 4.47 7.76
N ILE A 64 6.20 4.59 6.56
CA ILE A 64 5.89 3.41 5.75
C ILE A 64 7.14 2.92 5.03
N SER A 65 7.39 1.62 5.12
CA SER A 65 8.55 1.02 4.48
C SER A 65 8.18 -0.32 3.85
N THR A 66 7.13 -0.95 4.39
CA THR A 66 6.68 -2.24 3.87
C THR A 66 5.17 -2.24 3.67
N ILE A 67 4.66 -3.29 3.05
CA ILE A 67 3.22 -3.39 2.80
C ILE A 67 2.45 -3.40 4.10
N GLN A 68 2.95 -4.16 5.07
CA GLN A 68 2.28 -4.23 6.36
C GLN A 68 2.11 -2.84 6.97
N GLN A 69 3.18 -2.05 6.95
CA GLN A 69 3.14 -0.71 7.51
C GLN A 69 2.04 0.10 6.83
N ALA A 70 1.95 -0.03 5.52
CA ALA A 70 0.93 0.69 4.76
C ALA A 70 -0.47 0.22 5.17
N ALA A 71 -0.62 -1.09 5.36
CA ALA A 71 -1.90 -1.64 5.78
C ALA A 71 -2.22 -1.27 7.23
N ASP A 72 -1.19 -1.22 8.05
CA ASP A 72 -1.36 -0.91 9.46
C ASP A 72 -1.94 0.49 9.62
N VAL A 73 -1.50 1.42 8.78
CA VAL A 73 -2.00 2.78 8.83
C VAL A 73 -3.39 2.88 8.22
N ILE A 74 -3.56 2.25 7.06
CA ILE A 74 -4.85 2.30 6.38
C ILE A 74 -5.94 1.65 7.22
N GLU A 75 -5.72 0.40 7.61
CA GLU A 75 -6.71 -0.32 8.39
C GLU A 75 -7.18 0.52 9.57
N GLY A 76 -6.26 1.29 10.15
CA GLY A 76 -6.59 2.14 11.28
C GLY A 76 -7.67 3.14 10.91
N LEU A 77 -7.56 3.71 9.71
CA LEU A 77 -8.53 4.69 9.25
C LEU A 77 -9.89 4.05 9.05
N LEU A 78 -9.92 2.86 8.48
CA LEU A 78 -11.17 2.15 8.25
C LEU A 78 -11.88 1.89 9.57
N GLU A 79 -11.12 1.49 10.58
CA GLU A 79 -11.69 1.21 11.88
C GLU A 79 -12.31 2.47 12.48
N LYS A 80 -11.68 3.60 12.22
CA LYS A 80 -12.17 4.87 12.74
C LYS A 80 -13.57 5.17 12.21
N LYS A 81 -13.75 4.98 10.90
CA LYS A 81 -15.04 5.23 10.27
C LYS A 81 -15.82 3.93 10.12
N ALA A 82 -17.13 4.04 9.95
CA ALA A 82 -17.99 2.87 9.79
C ALA A 82 -17.35 1.88 8.82
N ALA A 1 -3.06 -5.44 11.54
CA ALA A 1 -3.72 -5.55 10.22
C ALA A 1 -4.01 -7.01 9.92
N LYS A 2 -5.17 -7.27 9.34
CA LYS A 2 -5.57 -8.64 9.01
C LYS A 2 -4.94 -9.06 7.69
N LYS A 3 -4.86 -10.36 7.48
CA LYS A 3 -4.27 -10.90 6.27
C LYS A 3 -5.09 -10.49 5.05
N GLU A 4 -6.32 -10.05 5.30
CA GLU A 4 -7.20 -9.63 4.21
C GLU A 4 -6.78 -8.27 3.66
N THR A 5 -6.49 -7.35 4.57
CA THR A 5 -6.07 -6.01 4.18
C THR A 5 -4.77 -6.06 3.40
N ILE A 6 -3.83 -6.87 3.88
CA ILE A 6 -2.53 -7.00 3.22
C ILE A 6 -2.71 -7.50 1.79
N ASP A 7 -3.60 -8.48 1.61
CA ASP A 7 -3.84 -9.03 0.29
C ASP A 7 -4.39 -7.96 -0.64
N LYS A 8 -5.27 -7.10 -0.13
CA LYS A 8 -5.86 -6.05 -0.93
C LYS A 8 -4.80 -5.05 -1.40
N VAL A 9 -4.04 -4.54 -0.44
CA VAL A 9 -3.00 -3.58 -0.78
C VAL A 9 -1.94 -4.23 -1.66
N SER A 10 -1.53 -5.44 -1.30
CA SER A 10 -0.52 -6.16 -2.07
C SER A 10 -0.98 -6.37 -3.51
N ASP A 11 -2.27 -6.70 -3.67
CA ASP A 11 -2.82 -6.92 -5.00
C ASP A 11 -2.73 -5.66 -5.84
N ILE A 12 -3.07 -4.53 -5.24
CA ILE A 12 -3.01 -3.26 -5.93
C ILE A 12 -1.58 -2.86 -6.23
N VAL A 13 -0.70 -3.08 -5.26
CA VAL A 13 0.72 -2.72 -5.43
C VAL A 13 1.39 -3.56 -6.50
N LYS A 14 1.32 -4.88 -6.36
CA LYS A 14 1.94 -5.76 -7.32
C LYS A 14 1.40 -5.53 -8.72
N GLU A 15 0.11 -5.24 -8.80
CA GLU A 15 -0.54 -4.99 -10.08
C GLU A 15 -0.12 -3.64 -10.64
N LYS A 16 0.07 -2.68 -9.76
CA LYS A 16 0.47 -1.35 -10.18
C LYS A 16 1.92 -1.32 -10.64
N LEU A 17 2.75 -2.11 -10.00
CA LEU A 17 4.18 -2.15 -10.35
C LEU A 17 4.44 -3.19 -11.44
N ALA A 18 3.45 -4.03 -11.70
CA ALA A 18 3.59 -5.06 -12.72
C ALA A 18 2.28 -5.81 -12.92
N LEU A 19 2.36 -6.98 -13.54
CA LEU A 19 1.17 -7.79 -13.78
C LEU A 19 0.74 -8.50 -12.51
N GLY A 20 1.69 -8.69 -11.59
CA GLY A 20 1.41 -9.36 -10.33
C GLY A 20 1.82 -10.84 -10.39
N ALA A 21 1.89 -11.38 -11.62
CA ALA A 21 2.28 -12.77 -11.80
C ALA A 21 3.78 -12.89 -12.00
N ASP A 22 4.39 -11.85 -12.55
CA ASP A 22 5.84 -11.84 -12.79
C ASP A 22 6.58 -11.24 -11.61
N VAL A 23 5.83 -10.80 -10.61
CA VAL A 23 6.42 -10.19 -9.41
C VAL A 23 5.82 -10.80 -8.15
N VAL A 24 6.58 -10.80 -7.07
CA VAL A 24 6.12 -11.35 -5.80
C VAL A 24 6.32 -10.32 -4.68
N VAL A 25 5.23 -10.05 -3.96
CA VAL A 25 5.26 -9.09 -2.86
C VAL A 25 4.89 -9.76 -1.55
N THR A 26 5.58 -9.39 -0.47
CA THR A 26 5.33 -9.96 0.85
C THR A 26 5.24 -8.86 1.91
N ALA A 27 4.66 -9.21 3.05
CA ALA A 27 4.51 -8.25 4.12
C ALA A 27 5.87 -7.71 4.54
N ASP A 28 6.92 -8.48 4.26
CA ASP A 28 8.28 -8.08 4.59
C ASP A 28 8.96 -7.39 3.41
N SER A 29 8.31 -7.43 2.25
CA SER A 29 8.86 -6.82 1.05
C SER A 29 8.74 -5.30 1.13
N GLU A 30 9.80 -4.60 0.74
CA GLU A 30 9.80 -3.14 0.77
C GLU A 30 9.28 -2.58 -0.55
N PHE A 31 8.62 -1.44 -0.50
CA PHE A 31 8.08 -0.81 -1.70
C PHE A 31 9.20 -0.50 -2.69
N SER A 32 10.34 -0.05 -2.17
CA SER A 32 11.47 0.29 -3.02
C SER A 32 11.98 -0.95 -3.75
N LYS A 33 11.95 -2.09 -3.07
CA LYS A 33 12.41 -3.34 -3.66
C LYS A 33 11.55 -3.71 -4.87
N LEU A 34 10.25 -3.50 -4.75
CA LEU A 34 9.33 -3.84 -5.82
C LEU A 34 9.58 -2.94 -7.02
N GLY A 35 10.30 -1.84 -6.80
CA GLY A 35 10.62 -0.90 -7.87
C GLY A 35 9.80 0.38 -7.74
N ALA A 36 8.93 0.43 -6.73
CA ALA A 36 8.10 1.60 -6.50
C ALA A 36 8.96 2.85 -6.39
N ASP A 37 8.90 3.70 -7.41
CA ASP A 37 9.67 4.94 -7.42
C ASP A 37 8.84 6.10 -6.88
N SER A 38 9.38 7.29 -6.99
CA SER A 38 8.69 8.48 -6.50
C SER A 38 7.38 8.68 -7.26
N LEU A 39 7.43 8.50 -8.57
CA LEU A 39 6.25 8.65 -9.42
C LEU A 39 5.25 7.55 -9.13
N ASP A 40 5.75 6.37 -8.75
CA ASP A 40 4.88 5.24 -8.46
C ASP A 40 4.33 5.33 -7.04
N THR A 41 5.21 5.60 -6.09
CA THR A 41 4.82 5.69 -4.70
C THR A 41 3.54 6.51 -4.53
N VAL A 42 3.45 7.60 -5.28
CA VAL A 42 2.28 8.45 -5.23
C VAL A 42 1.08 7.75 -5.86
N GLU A 43 1.34 6.94 -6.88
CA GLU A 43 0.27 6.22 -7.55
C GLU A 43 -0.29 5.14 -6.63
N ILE A 44 0.57 4.54 -5.82
CA ILE A 44 0.14 3.49 -4.90
C ILE A 44 -0.85 4.04 -3.89
N VAL A 45 -0.53 5.19 -3.32
CA VAL A 45 -1.40 5.81 -2.33
C VAL A 45 -2.68 6.30 -2.99
N MET A 46 -2.55 6.93 -4.14
CA MET A 46 -3.70 7.46 -4.85
C MET A 46 -4.73 6.37 -5.11
N ASN A 47 -4.26 5.22 -5.61
CA ASN A 47 -5.16 4.12 -5.90
C ASN A 47 -5.80 3.59 -4.63
N LEU A 48 -5.01 3.47 -3.57
CA LEU A 48 -5.50 2.97 -2.30
C LEU A 48 -6.53 3.93 -1.71
N GLU A 49 -6.24 5.21 -1.79
CA GLU A 49 -7.14 6.21 -1.25
C GLU A 49 -8.51 6.11 -1.91
N GLU A 50 -8.51 5.87 -3.20
CA GLU A 50 -9.75 5.73 -3.94
C GLU A 50 -10.42 4.40 -3.66
N GLU A 51 -9.60 3.35 -3.49
CA GLU A 51 -10.14 2.02 -3.23
C GLU A 51 -10.84 1.97 -1.89
N PHE A 52 -10.22 2.55 -0.87
CA PHE A 52 -10.80 2.56 0.47
C PHE A 52 -11.50 3.88 0.75
N GLY A 53 -11.37 4.82 -0.18
CA GLY A 53 -12.01 6.12 -0.03
C GLY A 53 -11.47 6.87 1.19
N ILE A 54 -10.14 6.87 1.34
CA ILE A 54 -9.50 7.54 2.47
C ILE A 54 -8.53 8.61 1.96
N ASN A 55 -7.71 9.13 2.87
CA ASN A 55 -6.73 10.15 2.51
C ASN A 55 -5.52 10.09 3.43
N VAL A 56 -4.34 9.95 2.85
CA VAL A 56 -3.10 9.88 3.63
C VAL A 56 -2.06 10.85 3.09
N ASP A 57 -1.46 11.63 3.98
CA ASP A 57 -0.45 12.60 3.57
C ASP A 57 0.88 11.90 3.33
N GLU A 58 1.69 12.46 2.44
CA GLU A 58 2.99 11.88 2.13
C GLU A 58 3.88 11.89 3.36
N ASP A 59 3.76 12.93 4.18
CA ASP A 59 4.57 13.04 5.39
C ASP A 59 4.26 11.91 6.36
N LYS A 60 2.96 11.58 6.48
CA LYS A 60 2.55 10.50 7.37
C LYS A 60 3.06 9.16 6.87
N ALA A 61 3.01 8.98 5.55
CA ALA A 61 3.46 7.73 4.95
C ALA A 61 4.99 7.65 4.92
N GLN A 62 5.63 8.38 5.81
CA GLN A 62 7.09 8.39 5.89
C GLN A 62 7.60 7.20 6.70
N ASP A 63 6.82 6.77 7.67
CA ASP A 63 7.19 5.65 8.52
C ASP A 63 6.93 4.33 7.82
N ILE A 64 6.42 4.41 6.58
CA ILE A 64 6.12 3.20 5.81
C ILE A 64 7.35 2.72 5.07
N SER A 65 7.69 1.45 5.27
CA SER A 65 8.85 0.84 4.61
C SER A 65 8.48 -0.50 4.03
N THR A 66 7.36 -1.07 4.49
CA THR A 66 6.90 -2.37 4.01
C THR A 66 5.39 -2.35 3.80
N ILE A 67 4.88 -3.39 3.14
CA ILE A 67 3.46 -3.47 2.87
C ILE A 67 2.66 -3.51 4.16
N GLN A 68 3.14 -4.31 5.11
CA GLN A 68 2.44 -4.41 6.39
C GLN A 68 2.29 -3.03 7.03
N GLN A 69 3.36 -2.24 7.00
CA GLN A 69 3.32 -0.92 7.59
C GLN A 69 2.22 -0.09 6.94
N ALA A 70 2.10 -0.21 5.61
CA ALA A 70 1.09 0.53 4.88
C ALA A 70 -0.30 0.09 5.31
N ALA A 71 -0.47 -1.21 5.52
CA ALA A 71 -1.76 -1.76 5.93
C ALA A 71 -2.10 -1.33 7.35
N ASP A 72 -1.08 -1.25 8.20
CA ASP A 72 -1.28 -0.85 9.59
C ASP A 72 -1.83 0.57 9.67
N VAL A 73 -1.30 1.46 8.84
CA VAL A 73 -1.75 2.84 8.83
C VAL A 73 -3.14 2.93 8.19
N ILE A 74 -3.32 2.24 7.06
CA ILE A 74 -4.60 2.28 6.36
C ILE A 74 -5.72 1.67 7.20
N GLU A 75 -5.55 0.41 7.58
CA GLU A 75 -6.56 -0.27 8.38
C GLU A 75 -7.01 0.60 9.55
N GLY A 76 -6.09 1.41 10.06
CA GLY A 76 -6.39 2.29 11.17
C GLY A 76 -7.48 3.30 10.79
N LEU A 77 -7.36 3.85 9.59
CA LEU A 77 -8.33 4.82 9.11
C LEU A 77 -9.70 4.18 8.94
N LEU A 78 -9.72 2.95 8.42
CA LEU A 78 -10.97 2.24 8.20
C LEU A 78 -11.69 2.04 9.53
N GLU A 79 -10.94 1.68 10.56
CA GLU A 79 -11.53 1.45 11.86
C GLU A 79 -12.09 2.75 12.43
N LYS A 80 -11.43 3.86 12.12
CA LYS A 80 -11.88 5.16 12.60
C LYS A 80 -13.11 5.63 11.83
N LYS A 81 -12.90 6.03 10.58
CA LYS A 81 -14.01 6.51 9.76
C LYS A 81 -14.92 7.44 10.56
N ALA A 82 -16.07 7.76 9.97
CA ALA A 82 -17.01 8.65 10.64
C ALA A 82 -16.35 9.99 10.96
N ALA A 1 -2.52 -5.22 10.80
CA ALA A 1 -3.59 -5.42 9.79
C ALA A 1 -3.78 -6.91 9.53
N LYS A 2 -4.99 -7.28 9.11
CA LYS A 2 -5.29 -8.69 8.84
C LYS A 2 -4.67 -9.10 7.51
N LYS A 3 -4.63 -10.41 7.28
CA LYS A 3 -4.07 -10.94 6.04
C LYS A 3 -4.89 -10.50 4.84
N GLU A 4 -6.19 -10.28 5.06
CA GLU A 4 -7.07 -9.86 3.98
C GLU A 4 -6.70 -8.47 3.48
N THR A 5 -6.42 -7.57 4.42
CA THR A 5 -6.05 -6.20 4.05
C THR A 5 -4.78 -6.18 3.22
N ILE A 6 -3.78 -6.94 3.66
CA ILE A 6 -2.51 -7.00 2.95
C ILE A 6 -2.73 -7.43 1.51
N ASP A 7 -3.68 -8.33 1.30
CA ASP A 7 -3.98 -8.82 -0.04
C ASP A 7 -4.50 -7.69 -0.92
N LYS A 8 -5.32 -6.83 -0.34
CA LYS A 8 -5.89 -5.71 -1.10
C LYS A 8 -4.80 -4.74 -1.53
N VAL A 9 -3.99 -4.30 -0.58
CA VAL A 9 -2.92 -3.36 -0.88
C VAL A 9 -1.87 -4.02 -1.77
N SER A 10 -1.48 -5.23 -1.42
CA SER A 10 -0.48 -5.95 -2.20
C SER A 10 -0.96 -6.18 -3.61
N ASP A 11 -2.24 -6.47 -3.76
CA ASP A 11 -2.82 -6.71 -5.08
C ASP A 11 -2.71 -5.47 -5.95
N ILE A 12 -3.01 -4.31 -5.37
CA ILE A 12 -2.94 -3.07 -6.11
C ILE A 12 -1.49 -2.67 -6.36
N VAL A 13 -0.66 -2.81 -5.34
CA VAL A 13 0.75 -2.45 -5.46
C VAL A 13 1.46 -3.29 -6.51
N LYS A 14 1.33 -4.60 -6.40
CA LYS A 14 1.97 -5.50 -7.34
C LYS A 14 1.42 -5.30 -8.74
N GLU A 15 0.14 -4.97 -8.82
CA GLU A 15 -0.51 -4.76 -10.10
C GLU A 15 -0.06 -3.45 -10.73
N LYS A 16 0.09 -2.43 -9.91
CA LYS A 16 0.50 -1.13 -10.39
C LYS A 16 1.97 -1.11 -10.76
N LEU A 17 2.76 -1.89 -10.05
CA LEU A 17 4.20 -1.95 -10.30
C LEU A 17 4.55 -3.08 -11.24
N ALA A 18 3.52 -3.83 -11.66
CA ALA A 18 3.74 -4.94 -12.58
C ALA A 18 2.44 -5.69 -12.82
N LEU A 19 2.54 -6.82 -13.52
CA LEU A 19 1.36 -7.62 -13.81
C LEU A 19 0.86 -8.31 -12.56
N GLY A 20 1.76 -8.53 -11.61
CA GLY A 20 1.40 -9.19 -10.35
C GLY A 20 1.72 -10.68 -10.41
N ALA A 21 1.79 -11.22 -11.63
CA ALA A 21 2.09 -12.64 -11.81
C ALA A 21 3.59 -12.85 -11.99
N ASP A 22 4.26 -11.86 -12.55
CA ASP A 22 5.70 -11.95 -12.79
C ASP A 22 6.48 -11.30 -11.66
N VAL A 23 5.78 -10.92 -10.59
CA VAL A 23 6.42 -10.28 -9.44
C VAL A 23 5.95 -10.93 -8.14
N VAL A 24 6.81 -10.91 -7.13
CA VAL A 24 6.48 -11.49 -5.83
C VAL A 24 6.45 -10.41 -4.76
N VAL A 25 5.30 -10.26 -4.11
CA VAL A 25 5.13 -9.26 -3.06
C VAL A 25 4.82 -9.92 -1.72
N THR A 26 5.46 -9.44 -0.67
CA THR A 26 5.26 -9.99 0.68
C THR A 26 5.22 -8.87 1.71
N ALA A 27 4.63 -9.18 2.86
CA ALA A 27 4.52 -8.20 3.93
C ALA A 27 5.91 -7.71 4.34
N ASP A 28 6.93 -8.53 4.10
CA ASP A 28 8.29 -8.18 4.44
C ASP A 28 8.97 -7.44 3.29
N SER A 29 8.32 -7.44 2.14
CA SER A 29 8.87 -6.78 0.96
C SER A 29 8.71 -5.26 1.08
N GLU A 30 9.73 -4.52 0.66
CA GLU A 30 9.69 -3.06 0.72
C GLU A 30 9.22 -2.50 -0.62
N PHE A 31 8.54 -1.36 -0.56
CA PHE A 31 8.03 -0.73 -1.78
C PHE A 31 9.17 -0.43 -2.75
N SER A 32 10.34 -0.08 -2.20
CA SER A 32 11.50 0.23 -3.02
C SER A 32 11.89 -0.97 -3.88
N LYS A 33 11.90 -2.15 -3.27
CA LYS A 33 12.26 -3.36 -3.98
C LYS A 33 11.29 -3.63 -5.12
N LEU A 34 10.02 -3.32 -4.89
CA LEU A 34 9.00 -3.54 -5.91
C LEU A 34 9.22 -2.63 -7.11
N GLY A 35 10.05 -1.62 -6.92
CA GLY A 35 10.36 -0.67 -8.01
C GLY A 35 9.59 0.63 -7.83
N ALA A 36 8.77 0.69 -6.79
CA ALA A 36 7.98 1.89 -6.52
C ALA A 36 8.89 3.11 -6.43
N ASP A 37 8.82 3.97 -7.43
CA ASP A 37 9.63 5.19 -7.46
C ASP A 37 8.87 6.35 -6.82
N SER A 38 9.47 7.53 -6.91
CA SER A 38 8.84 8.72 -6.33
C SER A 38 7.49 9.00 -7.00
N LEU A 39 7.48 8.94 -8.32
CA LEU A 39 6.25 9.19 -9.07
C LEU A 39 5.24 8.07 -8.82
N ASP A 40 5.71 6.84 -8.80
CA ASP A 40 4.85 5.70 -8.57
C ASP A 40 4.22 5.76 -7.20
N THR A 41 5.04 6.14 -6.21
CA THR A 41 4.54 6.23 -4.83
C THR A 41 3.21 6.95 -4.78
N VAL A 42 3.06 7.96 -5.61
CA VAL A 42 1.82 8.73 -5.66
C VAL A 42 0.68 7.87 -6.19
N GLU A 43 0.98 7.10 -7.24
CA GLU A 43 -0.04 6.24 -7.84
C GLU A 43 -0.52 5.20 -6.85
N ILE A 44 0.39 4.69 -6.03
CA ILE A 44 0.04 3.68 -5.04
C ILE A 44 -0.93 4.26 -4.02
N VAL A 45 -0.60 5.43 -3.49
CA VAL A 45 -1.45 6.07 -2.51
C VAL A 45 -2.75 6.53 -3.15
N MET A 46 -2.65 7.09 -4.34
CA MET A 46 -3.83 7.58 -5.04
C MET A 46 -4.84 6.46 -5.25
N ASN A 47 -4.37 5.32 -5.73
CA ASN A 47 -5.24 4.19 -5.97
C ASN A 47 -5.86 3.70 -4.67
N LEU A 48 -5.04 3.60 -3.62
CA LEU A 48 -5.52 3.14 -2.33
C LEU A 48 -6.54 4.11 -1.75
N GLU A 49 -6.26 5.39 -1.86
CA GLU A 49 -7.17 6.41 -1.34
C GLU A 49 -8.53 6.28 -2.00
N GLU A 50 -8.54 6.03 -3.28
CA GLU A 50 -9.78 5.90 -4.02
C GLU A 50 -10.45 4.56 -3.72
N GLU A 51 -9.64 3.52 -3.55
CA GLU A 51 -10.16 2.19 -3.28
C GLU A 51 -10.84 2.14 -1.92
N PHE A 52 -10.17 2.71 -0.91
CA PHE A 52 -10.73 2.71 0.45
C PHE A 52 -11.41 4.04 0.74
N GLY A 53 -11.37 4.94 -0.23
CA GLY A 53 -12.02 6.24 -0.07
C GLY A 53 -11.49 6.96 1.17
N ILE A 54 -10.17 7.01 1.31
CA ILE A 54 -9.55 7.68 2.46
C ILE A 54 -8.62 8.79 1.98
N ASN A 55 -7.80 9.30 2.89
CA ASN A 55 -6.87 10.37 2.55
C ASN A 55 -5.56 10.19 3.29
N VAL A 56 -4.48 9.95 2.55
CA VAL A 56 -3.16 9.76 3.14
C VAL A 56 -2.14 10.68 2.47
N ASP A 57 -1.35 11.38 3.28
CA ASP A 57 -0.34 12.30 2.76
C ASP A 57 1.04 11.64 2.85
N GLU A 58 1.94 12.06 1.97
CA GLU A 58 3.29 11.52 1.95
C GLU A 58 3.97 11.74 3.30
N ASP A 59 3.71 12.89 3.91
CA ASP A 59 4.30 13.21 5.20
C ASP A 59 3.74 12.30 6.28
N LYS A 60 2.59 11.69 6.01
CA LYS A 60 1.96 10.77 6.96
C LYS A 60 2.31 9.32 6.64
N ALA A 61 2.75 9.09 5.40
CA ALA A 61 3.10 7.74 4.95
C ALA A 61 4.62 7.59 4.80
N GLN A 62 5.34 8.48 5.46
CA GLN A 62 6.80 8.45 5.40
C GLN A 62 7.36 7.30 6.23
N ASP A 63 6.60 6.89 7.25
CA ASP A 63 7.03 5.80 8.12
C ASP A 63 6.76 4.45 7.47
N ILE A 64 6.24 4.48 6.25
CA ILE A 64 5.92 3.25 5.52
C ILE A 64 7.19 2.65 4.94
N SER A 65 7.40 1.37 5.22
CA SER A 65 8.58 0.66 4.72
C SER A 65 8.16 -0.60 3.97
N THR A 66 7.16 -1.30 4.49
CA THR A 66 6.68 -2.53 3.86
C THR A 66 5.17 -2.49 3.69
N ILE A 67 4.63 -3.44 2.95
CA ILE A 67 3.20 -3.50 2.70
C ILE A 67 2.44 -3.47 4.01
N GLN A 68 2.89 -4.27 4.97
CA GLN A 68 2.24 -4.32 6.27
C GLN A 68 2.15 -2.93 6.88
N GLN A 69 3.23 -2.17 6.77
CA GLN A 69 3.26 -0.83 7.32
C GLN A 69 2.15 0.03 6.72
N ALA A 70 2.01 -0.04 5.40
CA ALA A 70 0.97 0.71 4.71
C ALA A 70 -0.42 0.20 5.10
N ALA A 71 -0.55 -1.12 5.24
CA ALA A 71 -1.82 -1.71 5.61
C ALA A 71 -2.21 -1.33 7.03
N ASP A 72 -1.25 -1.37 7.95
CA ASP A 72 -1.52 -1.03 9.34
C ASP A 72 -1.99 0.41 9.45
N VAL A 73 -1.30 1.31 8.77
CA VAL A 73 -1.66 2.73 8.81
C VAL A 73 -3.05 2.93 8.24
N ILE A 74 -3.33 2.30 7.11
CA ILE A 74 -4.64 2.43 6.49
C ILE A 74 -5.73 1.91 7.42
N GLU A 75 -5.53 0.72 7.96
CA GLU A 75 -6.50 0.14 8.87
C GLU A 75 -6.94 1.15 9.92
N GLY A 76 -6.00 1.97 10.36
CA GLY A 76 -6.31 2.99 11.36
C GLY A 76 -7.37 3.96 10.85
N LEU A 77 -7.23 4.40 9.60
CA LEU A 77 -8.18 5.33 9.02
C LEU A 77 -9.57 4.71 8.94
N LEU A 78 -9.62 3.44 8.53
CA LEU A 78 -10.89 2.74 8.42
C LEU A 78 -11.56 2.65 9.78
N GLU A 79 -10.77 2.40 10.81
CA GLU A 79 -11.31 2.29 12.16
C GLU A 79 -11.70 3.67 12.69
N LYS A 80 -10.85 4.67 12.43
CA LYS A 80 -11.11 6.02 12.89
C LYS A 80 -12.22 6.67 12.07
N LYS A 81 -12.07 6.64 10.76
CA LYS A 81 -13.06 7.24 9.87
C LYS A 81 -13.57 8.56 10.44
N ALA A 82 -14.66 8.49 11.20
CA ALA A 82 -15.24 9.67 11.80
C ALA A 82 -16.33 9.30 12.78
N ALA A 1 -2.80 -5.18 10.97
CA ALA A 1 -3.69 -5.35 9.80
C ALA A 1 -3.94 -6.84 9.57
N LYS A 2 -5.15 -7.18 9.14
CA LYS A 2 -5.49 -8.58 8.89
C LYS A 2 -4.81 -9.05 7.60
N LYS A 3 -4.50 -10.33 7.55
CA LYS A 3 -3.87 -10.91 6.38
C LYS A 3 -4.69 -10.60 5.13
N GLU A 4 -5.97 -10.31 5.32
CA GLU A 4 -6.85 -10.03 4.19
C GLU A 4 -6.54 -8.66 3.60
N THR A 5 -6.40 -7.67 4.47
CA THR A 5 -6.10 -6.30 4.04
C THR A 5 -4.77 -6.26 3.29
N ILE A 6 -3.78 -6.96 3.82
CA ILE A 6 -2.46 -6.98 3.21
C ILE A 6 -2.57 -7.45 1.76
N ASP A 7 -3.42 -8.44 1.52
CA ASP A 7 -3.60 -8.97 0.17
C ASP A 7 -4.15 -7.90 -0.75
N LYS A 8 -5.11 -7.13 -0.27
CA LYS A 8 -5.72 -6.08 -1.07
C LYS A 8 -4.71 -5.02 -1.43
N VAL A 9 -3.94 -4.57 -0.45
CA VAL A 9 -2.93 -3.56 -0.68
C VAL A 9 -1.86 -4.07 -1.65
N SER A 10 -1.38 -5.29 -1.41
CA SER A 10 -0.36 -5.86 -2.27
C SER A 10 -0.86 -6.00 -3.68
N ASP A 11 -2.07 -6.55 -3.84
CA ASP A 11 -2.65 -6.76 -5.15
C ASP A 11 -2.59 -5.48 -5.97
N ILE A 12 -2.94 -4.37 -5.36
CA ILE A 12 -2.92 -3.08 -6.04
C ILE A 12 -1.48 -2.65 -6.31
N VAL A 13 -0.61 -2.84 -5.33
CA VAL A 13 0.79 -2.44 -5.49
C VAL A 13 1.49 -3.26 -6.57
N LYS A 14 1.37 -4.57 -6.51
CA LYS A 14 2.01 -5.43 -7.50
C LYS A 14 1.40 -5.20 -8.87
N GLU A 15 0.11 -4.92 -8.90
CA GLU A 15 -0.57 -4.67 -10.16
C GLU A 15 -0.07 -3.37 -10.79
N LYS A 16 0.20 -2.41 -9.95
CA LYS A 16 0.68 -1.12 -10.42
C LYS A 16 2.12 -1.21 -10.90
N LEU A 17 2.90 -2.04 -10.21
CA LEU A 17 4.31 -2.21 -10.55
C LEU A 17 4.49 -3.33 -11.57
N ALA A 18 3.43 -4.11 -11.77
CA ALA A 18 3.48 -5.21 -12.73
C ALA A 18 2.12 -5.86 -12.88
N LEU A 19 2.12 -7.14 -13.22
CA LEU A 19 0.86 -7.88 -13.40
C LEU A 19 0.48 -8.61 -12.11
N GLY A 20 1.48 -8.87 -11.27
CA GLY A 20 1.25 -9.56 -10.00
C GLY A 20 1.46 -11.06 -10.17
N ALA A 21 1.44 -11.53 -11.41
CA ALA A 21 1.64 -12.94 -11.70
C ALA A 21 3.12 -13.26 -11.88
N ASP A 22 3.87 -12.30 -12.40
CA ASP A 22 5.31 -12.48 -12.61
C ASP A 22 6.11 -11.93 -11.44
N VAL A 23 5.41 -11.34 -10.48
CA VAL A 23 6.05 -10.78 -9.29
C VAL A 23 5.33 -11.22 -8.02
N VAL A 24 6.06 -11.24 -6.91
CA VAL A 24 5.49 -11.65 -5.63
C VAL A 24 5.75 -10.59 -4.58
N VAL A 25 4.70 -10.19 -3.86
CA VAL A 25 4.81 -9.17 -2.82
C VAL A 25 4.47 -9.76 -1.45
N THR A 26 5.29 -9.44 -0.46
CA THR A 26 5.09 -9.94 0.90
C THR A 26 5.19 -8.80 1.90
N ALA A 27 4.68 -9.04 3.10
CA ALA A 27 4.70 -8.03 4.15
C ALA A 27 6.14 -7.60 4.43
N ASP A 28 7.09 -8.48 4.12
CA ASP A 28 8.50 -8.18 4.35
C ASP A 28 9.10 -7.47 3.13
N SER A 29 8.34 -7.40 2.05
CA SER A 29 8.81 -6.75 0.83
C SER A 29 8.73 -5.23 0.97
N GLU A 30 9.81 -4.55 0.56
CA GLU A 30 9.86 -3.09 0.63
C GLU A 30 9.40 -2.49 -0.69
N PHE A 31 8.70 -1.38 -0.61
CA PHE A 31 8.20 -0.71 -1.82
C PHE A 31 9.34 -0.41 -2.78
N SER A 32 10.46 0.05 -2.23
CA SER A 32 11.62 0.37 -3.06
C SER A 32 12.13 -0.88 -3.80
N LYS A 33 12.11 -2.01 -3.11
CA LYS A 33 12.57 -3.26 -3.71
C LYS A 33 11.73 -3.64 -4.92
N LEU A 34 10.42 -3.43 -4.81
CA LEU A 34 9.52 -3.76 -5.90
C LEU A 34 9.78 -2.87 -7.10
N GLY A 35 10.50 -1.78 -6.89
CA GLY A 35 10.83 -0.85 -7.97
C GLY A 35 10.05 0.45 -7.81
N ALA A 36 9.12 0.49 -6.87
CA ALA A 36 8.33 1.68 -6.63
C ALA A 36 9.23 2.86 -6.30
N ASP A 37 9.33 3.80 -7.23
CA ASP A 37 10.16 4.99 -7.03
C ASP A 37 9.33 6.13 -6.46
N SER A 38 9.93 7.31 -6.40
CA SER A 38 9.24 8.48 -5.86
C SER A 38 7.99 8.79 -6.68
N LEU A 39 8.14 8.76 -7.99
CA LEU A 39 7.03 9.04 -8.89
C LEU A 39 5.96 7.96 -8.78
N ASP A 40 6.40 6.71 -8.66
CA ASP A 40 5.48 5.59 -8.55
C ASP A 40 4.81 5.57 -7.20
N THR A 41 5.60 5.72 -6.15
CA THR A 41 5.07 5.72 -4.79
C THR A 41 3.85 6.61 -4.69
N VAL A 42 3.87 7.69 -5.44
CA VAL A 42 2.76 8.64 -5.45
C VAL A 42 1.52 7.96 -6.00
N GLU A 43 1.70 7.18 -7.05
CA GLU A 43 0.58 6.49 -7.68
C GLU A 43 0.00 5.43 -6.75
N ILE A 44 0.85 4.86 -5.91
CA ILE A 44 0.42 3.81 -4.99
C ILE A 44 -0.52 4.34 -3.91
N VAL A 45 -0.16 5.46 -3.32
CA VAL A 45 -0.97 6.05 -2.27
C VAL A 45 -2.35 6.44 -2.77
N MET A 46 -2.41 7.14 -3.89
CA MET A 46 -3.68 7.58 -4.43
C MET A 46 -4.55 6.39 -4.80
N ASN A 47 -3.93 5.34 -5.34
CA ASN A 47 -4.67 4.17 -5.74
C ASN A 47 -5.33 3.53 -4.53
N LEU A 48 -4.58 3.43 -3.43
CA LEU A 48 -5.12 2.84 -2.22
C LEU A 48 -6.19 3.73 -1.59
N GLU A 49 -5.91 5.02 -1.55
CA GLU A 49 -6.86 5.96 -0.98
C GLU A 49 -8.20 5.89 -1.67
N GLU A 50 -8.15 5.67 -2.98
CA GLU A 50 -9.38 5.58 -3.77
C GLU A 50 -10.09 4.26 -3.51
N GLU A 51 -9.32 3.18 -3.36
CA GLU A 51 -9.90 1.87 -3.11
C GLU A 51 -10.51 1.80 -1.72
N PHE A 52 -9.78 2.28 -0.72
CA PHE A 52 -10.27 2.25 0.66
C PHE A 52 -11.10 3.49 0.95
N GLY A 53 -11.13 4.42 0.00
CA GLY A 53 -11.91 5.64 0.16
C GLY A 53 -11.47 6.42 1.40
N ILE A 54 -10.17 6.61 1.53
CA ILE A 54 -9.60 7.34 2.66
C ILE A 54 -8.71 8.48 2.18
N ASN A 55 -7.95 9.06 3.10
CA ASN A 55 -7.06 10.16 2.76
C ASN A 55 -5.82 10.14 3.65
N VAL A 56 -4.65 9.96 3.04
CA VAL A 56 -3.40 9.92 3.78
C VAL A 56 -2.39 10.90 3.18
N ASP A 57 -1.77 11.70 4.04
CA ASP A 57 -0.79 12.68 3.58
C ASP A 57 0.51 11.99 3.23
N GLU A 58 1.23 12.55 2.25
CA GLU A 58 2.49 11.97 1.81
C GLU A 58 3.51 11.99 2.95
N ASP A 59 3.47 13.06 3.75
CA ASP A 59 4.39 13.20 4.87
C ASP A 59 4.18 12.08 5.88
N LYS A 60 2.90 11.75 6.13
CA LYS A 60 2.58 10.68 7.07
C LYS A 60 3.06 9.33 6.55
N ALA A 61 2.89 9.12 5.25
CA ALA A 61 3.29 7.86 4.64
C ALA A 61 4.81 7.74 4.56
N GLN A 62 5.50 8.57 5.32
CA GLN A 62 6.97 8.57 5.32
C GLN A 62 7.50 7.41 6.15
N ASP A 63 6.84 7.15 7.28
CA ASP A 63 7.26 6.06 8.16
C ASP A 63 7.07 4.72 7.49
N ILE A 64 6.27 4.69 6.44
CA ILE A 64 6.01 3.45 5.70
C ILE A 64 7.27 2.97 5.02
N SER A 65 7.61 1.71 5.25
CA SER A 65 8.80 1.11 4.64
C SER A 65 8.46 -0.22 4.00
N THR A 66 7.38 -0.85 4.47
CA THR A 66 6.95 -2.15 3.93
C THR A 66 5.45 -2.14 3.70
N ILE A 67 4.96 -3.20 3.05
CA ILE A 67 3.54 -3.31 2.77
C ILE A 67 2.73 -3.35 4.04
N GLN A 68 3.20 -4.11 5.01
CA GLN A 68 2.48 -4.22 6.28
C GLN A 68 2.31 -2.84 6.91
N GLN A 69 3.37 -2.05 6.89
CA GLN A 69 3.31 -0.72 7.48
C GLN A 69 2.20 0.09 6.81
N ALA A 70 2.08 -0.04 5.49
CA ALA A 70 1.06 0.68 4.75
C ALA A 70 -0.32 0.19 5.14
N ALA A 71 -0.45 -1.13 5.32
CA ALA A 71 -1.72 -1.72 5.68
C ALA A 71 -2.12 -1.32 7.10
N ASP A 72 -1.14 -1.23 7.99
CA ASP A 72 -1.39 -0.86 9.37
C ASP A 72 -1.98 0.55 9.46
N VAL A 73 -1.42 1.46 8.67
CA VAL A 73 -1.90 2.83 8.66
C VAL A 73 -3.29 2.90 8.02
N ILE A 74 -3.46 2.19 6.91
CA ILE A 74 -4.74 2.20 6.21
C ILE A 74 -5.84 1.55 7.04
N GLU A 75 -5.66 0.28 7.36
CA GLU A 75 -6.65 -0.44 8.16
C GLU A 75 -7.05 0.36 9.39
N GLY A 76 -6.09 1.09 9.96
CA GLY A 76 -6.36 1.89 11.14
C GLY A 76 -7.45 2.92 10.87
N LEU A 77 -7.40 3.53 9.69
CA LEU A 77 -8.39 4.52 9.32
C LEU A 77 -9.77 3.91 9.21
N LEU A 78 -9.83 2.71 8.64
CA LEU A 78 -11.09 2.01 8.48
C LEU A 78 -11.74 1.74 9.84
N GLU A 79 -10.92 1.37 10.80
CA GLU A 79 -11.42 1.08 12.14
C GLU A 79 -12.19 2.28 12.69
N LYS A 80 -11.76 3.48 12.32
CA LYS A 80 -12.42 4.69 12.78
C LYS A 80 -13.86 4.73 12.29
N LYS A 81 -14.12 4.14 11.13
CA LYS A 81 -15.46 4.11 10.58
C LYS A 81 -16.35 3.15 11.35
N ALA A 82 -17.54 2.88 10.82
CA ALA A 82 -18.48 1.98 11.48
C ALA A 82 -17.82 0.64 11.78
N ALA A 1 -2.50 -4.76 11.04
CA ALA A 1 -3.63 -5.02 10.11
C ALA A 1 -3.94 -6.51 10.11
N LYS A 2 -4.44 -7.00 8.97
CA LYS A 2 -4.78 -8.41 8.82
C LYS A 2 -4.30 -8.94 7.47
N LYS A 3 -4.38 -10.25 7.30
CA LYS A 3 -3.95 -10.89 6.07
C LYS A 3 -4.83 -10.43 4.91
N GLU A 4 -6.09 -10.15 5.19
CA GLU A 4 -7.01 -9.72 4.15
C GLU A 4 -6.66 -8.32 3.65
N THR A 5 -6.42 -7.41 4.59
CA THR A 5 -6.07 -6.04 4.24
C THR A 5 -4.78 -5.99 3.44
N ILE A 6 -3.80 -6.79 3.86
CA ILE A 6 -2.51 -6.84 3.18
C ILE A 6 -2.70 -7.30 1.73
N ASP A 7 -3.55 -8.30 1.54
CA ASP A 7 -3.80 -8.83 0.21
C ASP A 7 -4.38 -7.75 -0.70
N LYS A 8 -5.31 -6.97 -0.16
CA LYS A 8 -5.94 -5.92 -0.95
C LYS A 8 -4.92 -4.87 -1.37
N VAL A 9 -4.14 -4.39 -0.41
CA VAL A 9 -3.13 -3.39 -0.70
C VAL A 9 -2.05 -3.98 -1.59
N SER A 10 -1.59 -5.18 -1.26
CA SER A 10 -0.56 -5.84 -2.04
C SER A 10 -1.03 -6.09 -3.46
N ASP A 11 -2.31 -6.45 -3.61
CA ASP A 11 -2.87 -6.71 -4.92
C ASP A 11 -2.80 -5.47 -5.80
N ILE A 12 -3.14 -4.33 -5.22
CA ILE A 12 -3.10 -3.07 -5.96
C ILE A 12 -1.65 -2.64 -6.21
N VAL A 13 -0.81 -2.78 -5.19
CA VAL A 13 0.60 -2.37 -5.31
C VAL A 13 1.33 -3.19 -6.35
N LYS A 14 1.22 -4.52 -6.24
CA LYS A 14 1.90 -5.40 -7.18
C LYS A 14 1.37 -5.18 -8.59
N GLU A 15 0.09 -4.87 -8.70
CA GLU A 15 -0.53 -4.64 -9.99
C GLU A 15 -0.04 -3.33 -10.60
N LYS A 16 0.15 -2.33 -9.76
CA LYS A 16 0.61 -1.04 -10.22
C LYS A 16 2.07 -1.08 -10.63
N LEU A 17 2.85 -1.90 -9.93
CA LEU A 17 4.28 -2.01 -10.21
C LEU A 17 4.56 -3.12 -11.21
N ALA A 18 3.52 -3.83 -11.62
CA ALA A 18 3.67 -4.91 -12.57
C ALA A 18 2.34 -5.63 -12.80
N LEU A 19 2.39 -6.75 -13.51
CA LEU A 19 1.17 -7.51 -13.79
C LEU A 19 0.67 -8.19 -12.54
N GLY A 20 1.58 -8.40 -11.58
CA GLY A 20 1.22 -9.05 -10.33
C GLY A 20 1.42 -10.56 -10.41
N ALA A 21 1.72 -11.05 -11.61
CA ALA A 21 1.93 -12.49 -11.83
C ALA A 21 3.42 -12.82 -11.87
N ASP A 22 4.18 -12.03 -12.63
CA ASP A 22 5.61 -12.26 -12.76
C ASP A 22 6.37 -11.61 -11.61
N VAL A 23 5.64 -11.15 -10.60
CA VAL A 23 6.23 -10.51 -9.44
C VAL A 23 5.67 -11.11 -8.15
N VAL A 24 6.44 -11.01 -7.07
CA VAL A 24 6.01 -11.53 -5.76
C VAL A 24 6.06 -10.43 -4.72
N VAL A 25 4.96 -10.28 -3.98
CA VAL A 25 4.87 -9.25 -2.94
C VAL A 25 4.65 -9.90 -1.57
N THR A 26 5.33 -9.36 -0.56
CA THR A 26 5.20 -9.87 0.81
C THR A 26 5.14 -8.72 1.80
N ALA A 27 4.60 -9.00 2.98
CA ALA A 27 4.48 -7.99 4.02
C ALA A 27 5.85 -7.44 4.39
N ASP A 28 6.87 -8.27 4.19
CA ASP A 28 8.25 -7.87 4.51
C ASP A 28 8.89 -7.16 3.32
N SER A 29 8.22 -7.20 2.17
CA SER A 29 8.74 -6.56 0.98
C SER A 29 8.64 -5.05 1.09
N GLU A 30 9.66 -4.36 0.60
CA GLU A 30 9.70 -2.90 0.64
C GLU A 30 9.17 -2.32 -0.67
N PHE A 31 8.47 -1.21 -0.59
CA PHE A 31 7.92 -0.58 -1.78
C PHE A 31 9.02 -0.30 -2.79
N SER A 32 10.16 0.14 -2.30
CA SER A 32 11.29 0.43 -3.18
C SER A 32 11.80 -0.84 -3.86
N LYS A 33 11.77 -1.97 -3.14
CA LYS A 33 12.23 -3.21 -3.68
C LYS A 33 11.34 -3.65 -4.84
N LEU A 34 10.04 -3.41 -4.70
CA LEU A 34 9.10 -3.81 -5.74
C LEU A 34 9.30 -2.97 -6.99
N GLY A 35 10.16 -1.96 -6.89
CA GLY A 35 10.46 -1.08 -8.02
C GLY A 35 9.59 0.17 -7.97
N ALA A 36 9.04 0.47 -6.79
CA ALA A 36 8.19 1.63 -6.63
C ALA A 36 9.04 2.89 -6.51
N ASP A 37 9.01 3.72 -7.55
CA ASP A 37 9.78 4.97 -7.56
C ASP A 37 8.98 6.10 -6.95
N SER A 38 9.60 7.26 -6.80
CA SER A 38 8.94 8.43 -6.25
C SER A 38 7.72 8.80 -7.09
N LEU A 39 7.86 8.65 -8.40
CA LEU A 39 6.78 8.98 -9.31
C LEU A 39 5.62 8.00 -9.16
N ASP A 40 5.94 6.75 -8.85
CA ASP A 40 4.92 5.72 -8.68
C ASP A 40 4.31 5.79 -7.28
N THR A 41 5.15 6.04 -6.29
CA THR A 41 4.69 6.10 -4.91
C THR A 41 3.41 6.92 -4.80
N VAL A 42 3.34 8.01 -5.55
CA VAL A 42 2.16 8.86 -5.52
C VAL A 42 0.94 8.10 -6.07
N GLU A 43 1.19 7.28 -7.08
CA GLU A 43 0.12 6.51 -7.70
C GLU A 43 -0.38 5.42 -6.74
N ILE A 44 0.54 4.82 -6.00
CA ILE A 44 0.18 3.76 -5.06
C ILE A 44 -0.79 4.29 -4.00
N VAL A 45 -0.43 5.41 -3.38
CA VAL A 45 -1.28 6.00 -2.36
C VAL A 45 -2.55 6.54 -2.98
N MET A 46 -2.42 7.15 -4.15
CA MET A 46 -3.58 7.72 -4.83
C MET A 46 -4.63 6.65 -5.09
N ASN A 47 -4.20 5.52 -5.66
CA ASN A 47 -5.13 4.44 -5.96
C ASN A 47 -5.74 3.87 -4.68
N LEU A 48 -4.89 3.71 -3.66
CA LEU A 48 -5.36 3.16 -2.39
C LEU A 48 -6.37 4.11 -1.74
N GLU A 49 -6.08 5.40 -1.79
CA GLU A 49 -6.98 6.38 -1.20
C GLU A 49 -8.34 6.33 -1.90
N GLU A 50 -8.30 6.15 -3.20
CA GLU A 50 -9.53 6.08 -3.99
C GLU A 50 -10.24 4.75 -3.79
N GLU A 51 -9.47 3.67 -3.69
CA GLU A 51 -10.05 2.35 -3.50
C GLU A 51 -10.64 2.21 -2.10
N PHE A 52 -9.92 2.70 -1.11
CA PHE A 52 -10.37 2.61 0.28
C PHE A 52 -11.15 3.87 0.66
N GLY A 53 -11.16 4.86 -0.24
CA GLY A 53 -11.88 6.09 0.01
C GLY A 53 -11.42 6.75 1.31
N ILE A 54 -10.11 6.89 1.46
CA ILE A 54 -9.52 7.50 2.65
C ILE A 54 -8.62 8.67 2.27
N ASN A 55 -8.30 9.50 3.26
CA ASN A 55 -7.43 10.67 3.03
C ASN A 55 -6.27 10.67 4.03
N VAL A 56 -5.05 10.63 3.52
CA VAL A 56 -3.86 10.63 4.37
C VAL A 56 -2.76 11.48 3.73
N ASP A 57 -2.08 12.26 4.55
CA ASP A 57 -1.00 13.11 4.07
C ASP A 57 0.20 12.26 3.68
N GLU A 58 0.89 12.66 2.61
CA GLU A 58 2.05 11.92 2.14
C GLU A 58 3.19 12.00 3.17
N ASP A 59 3.27 13.13 3.86
CA ASP A 59 4.31 13.31 4.87
C ASP A 59 4.13 12.32 6.00
N LYS A 60 2.88 11.96 6.27
CA LYS A 60 2.58 11.01 7.34
C LYS A 60 2.84 9.58 6.89
N ALA A 61 2.97 9.39 5.57
CA ALA A 61 3.21 8.06 5.01
C ALA A 61 4.72 7.80 4.89
N GLN A 62 5.51 8.64 5.53
CA GLN A 62 6.97 8.49 5.48
C GLN A 62 7.41 7.27 6.27
N ASP A 63 6.77 7.03 7.41
CA ASP A 63 7.11 5.89 8.25
C ASP A 63 6.82 4.58 7.53
N ILE A 64 6.29 4.69 6.31
CA ILE A 64 5.96 3.50 5.53
C ILE A 64 7.21 2.92 4.88
N SER A 65 7.44 1.64 5.09
CA SER A 65 8.60 0.95 4.53
C SER A 65 8.17 -0.31 3.78
N THR A 66 7.19 -1.03 4.33
CA THR A 66 6.70 -2.26 3.70
C THR A 66 5.19 -2.22 3.57
N ILE A 67 4.63 -3.22 2.91
CA ILE A 67 3.19 -3.28 2.69
C ILE A 67 2.46 -3.27 4.03
N GLN A 68 2.93 -4.07 4.98
CA GLN A 68 2.30 -4.12 6.28
C GLN A 68 2.24 -2.72 6.90
N GLN A 69 3.31 -1.96 6.74
CA GLN A 69 3.35 -0.61 7.30
C GLN A 69 2.20 0.23 6.74
N ALA A 70 1.98 0.12 5.44
CA ALA A 70 0.90 0.86 4.79
C ALA A 70 -0.46 0.34 5.27
N ALA A 71 -0.56 -0.98 5.43
CA ALA A 71 -1.81 -1.58 5.89
C ALA A 71 -2.13 -1.15 7.31
N ASP A 72 -1.09 -1.04 8.14
CA ASP A 72 -1.27 -0.64 9.53
C ASP A 72 -1.84 0.77 9.61
N VAL A 73 -1.36 1.65 8.75
CA VAL A 73 -1.85 3.02 8.73
C VAL A 73 -3.24 3.08 8.09
N ILE A 74 -3.41 2.42 6.96
CA ILE A 74 -4.69 2.42 6.25
C ILE A 74 -5.79 1.78 7.10
N GLU A 75 -5.56 0.55 7.54
CA GLU A 75 -6.55 -0.16 8.33
C GLU A 75 -7.00 0.69 9.51
N GLY A 76 -6.10 1.50 10.03
CA GLY A 76 -6.43 2.37 11.15
C GLY A 76 -7.54 3.35 10.79
N LEU A 77 -7.46 3.89 9.59
CA LEU A 77 -8.46 4.84 9.12
C LEU A 77 -9.83 4.17 9.00
N LEU A 78 -9.83 2.95 8.48
CA LEU A 78 -11.07 2.21 8.31
C LEU A 78 -11.74 1.97 9.66
N GLU A 79 -10.95 1.63 10.66
CA GLU A 79 -11.48 1.38 11.99
C GLU A 79 -12.00 2.68 12.61
N LYS A 80 -11.45 3.79 12.16
CA LYS A 80 -11.85 5.10 12.67
C LYS A 80 -13.33 5.34 12.41
N LYS A 81 -13.84 4.74 11.33
CA LYS A 81 -15.24 4.92 10.98
C LYS A 81 -16.14 4.43 12.10
N ALA A 82 -15.78 3.28 12.69
CA ALA A 82 -16.58 2.73 13.78
C ALA A 82 -15.81 1.62 14.48
N ALA A 1 -2.24 -5.28 10.91
CA ALA A 1 -3.39 -5.56 10.00
C ALA A 1 -3.48 -7.07 9.77
N LYS A 2 -4.65 -7.51 9.30
CA LYS A 2 -4.87 -8.93 9.03
C LYS A 2 -4.34 -9.29 7.65
N LYS A 3 -4.31 -10.59 7.36
CA LYS A 3 -3.83 -11.07 6.06
C LYS A 3 -4.76 -10.60 4.95
N GLU A 4 -6.03 -10.43 5.29
CA GLU A 4 -7.00 -9.99 4.28
C GLU A 4 -6.70 -8.59 3.80
N THR A 5 -6.45 -7.68 4.73
CA THR A 5 -6.13 -6.29 4.40
C THR A 5 -4.86 -6.21 3.56
N ILE A 6 -3.86 -6.99 3.96
CA ILE A 6 -2.58 -7.00 3.25
C ILE A 6 -2.80 -7.42 1.80
N ASP A 7 -3.67 -8.39 1.60
CA ASP A 7 -3.95 -8.89 0.26
C ASP A 7 -4.51 -7.77 -0.61
N LYS A 8 -5.42 -6.97 -0.07
CA LYS A 8 -6.02 -5.89 -0.84
C LYS A 8 -4.97 -4.90 -1.29
N VAL A 9 -4.15 -4.44 -0.36
CA VAL A 9 -3.10 -3.47 -0.68
C VAL A 9 -2.06 -4.13 -1.58
N SER A 10 -1.63 -5.33 -1.23
CA SER A 10 -0.63 -6.04 -2.00
C SER A 10 -1.09 -6.26 -3.43
N ASP A 11 -2.38 -6.58 -3.59
CA ASP A 11 -2.93 -6.82 -4.92
C ASP A 11 -2.83 -5.58 -5.77
N ILE A 12 -3.15 -4.44 -5.18
CA ILE A 12 -3.10 -3.18 -5.90
C ILE A 12 -1.65 -2.77 -6.15
N VAL A 13 -0.81 -2.93 -5.12
CA VAL A 13 0.59 -2.53 -5.23
C VAL A 13 1.32 -3.31 -6.32
N LYS A 14 1.21 -4.63 -6.27
CA LYS A 14 1.88 -5.45 -7.26
C LYS A 14 1.32 -5.17 -8.65
N GLU A 15 0.03 -4.84 -8.70
CA GLU A 15 -0.61 -4.54 -9.97
C GLU A 15 -0.12 -3.21 -10.53
N LYS A 16 0.04 -2.24 -9.65
CA LYS A 16 0.50 -0.91 -10.05
C LYS A 16 1.95 -0.93 -10.50
N LEU A 17 2.76 -1.76 -9.84
CA LEU A 17 4.18 -1.85 -10.16
C LEU A 17 4.45 -2.92 -11.22
N ALA A 18 3.43 -3.70 -11.55
CA ALA A 18 3.57 -4.74 -12.55
C ALA A 18 2.25 -5.47 -12.75
N LEU A 19 2.29 -6.61 -13.44
CA LEU A 19 1.08 -7.38 -13.70
C LEU A 19 0.75 -8.25 -12.48
N GLY A 20 1.77 -8.52 -11.67
CA GLY A 20 1.59 -9.35 -10.48
C GLY A 20 1.72 -10.84 -10.82
N ALA A 21 2.16 -11.12 -12.04
CA ALA A 21 2.33 -12.51 -12.48
C ALA A 21 3.70 -13.03 -12.07
N ASP A 22 4.75 -12.40 -12.58
CA ASP A 22 6.12 -12.82 -12.27
C ASP A 22 6.66 -12.03 -11.08
N VAL A 23 5.81 -11.18 -10.50
CA VAL A 23 6.21 -10.36 -9.35
C VAL A 23 5.57 -10.88 -8.08
N VAL A 24 6.38 -11.02 -7.02
CA VAL A 24 5.88 -11.52 -5.74
C VAL A 24 6.09 -10.47 -4.65
N VAL A 25 5.02 -10.18 -3.91
CA VAL A 25 5.08 -9.18 -2.84
C VAL A 25 4.76 -9.84 -1.49
N THR A 26 5.43 -9.36 -0.45
CA THR A 26 5.21 -9.90 0.91
C THR A 26 5.14 -8.76 1.92
N ALA A 27 4.59 -9.07 3.10
CA ALA A 27 4.46 -8.08 4.15
C ALA A 27 5.84 -7.56 4.56
N ASP A 28 6.86 -8.39 4.37
CA ASP A 28 8.23 -8.02 4.72
C ASP A 28 8.90 -7.29 3.56
N SER A 29 8.27 -7.29 2.40
CA SER A 29 8.83 -6.63 1.23
C SER A 29 8.70 -5.12 1.38
N GLU A 30 9.58 -4.39 0.70
CA GLU A 30 9.58 -2.93 0.75
C GLU A 30 9.07 -2.35 -0.56
N PHE A 31 8.37 -1.22 -0.48
CA PHE A 31 7.83 -0.59 -1.67
C PHE A 31 8.95 -0.29 -2.68
N SER A 32 10.07 0.20 -2.17
CA SER A 32 11.21 0.51 -3.03
C SER A 32 11.72 -0.74 -3.75
N LYS A 33 11.75 -1.85 -3.01
CA LYS A 33 12.22 -3.11 -3.56
C LYS A 33 11.36 -3.54 -4.76
N LEU A 34 10.07 -3.29 -4.66
CA LEU A 34 9.14 -3.65 -5.72
C LEU A 34 9.34 -2.74 -6.93
N GLY A 35 10.19 -1.74 -6.78
CA GLY A 35 10.48 -0.80 -7.87
C GLY A 35 9.59 0.43 -7.78
N ALA A 36 8.97 0.64 -6.62
CA ALA A 36 8.10 1.79 -6.42
C ALA A 36 8.93 3.07 -6.32
N ASP A 37 8.87 3.89 -7.36
CA ASP A 37 9.60 5.16 -7.38
C ASP A 37 8.69 6.31 -7.00
N SER A 38 9.20 7.53 -7.14
CA SER A 38 8.42 8.72 -6.79
C SER A 38 7.14 8.78 -7.62
N LEU A 39 7.27 8.51 -8.92
CA LEU A 39 6.12 8.53 -9.82
C LEU A 39 5.15 7.41 -9.49
N ASP A 40 5.69 6.28 -9.01
CA ASP A 40 4.86 5.13 -8.67
C ASP A 40 4.30 5.28 -7.26
N THR A 41 5.20 5.51 -6.31
CA THR A 41 4.82 5.62 -4.90
C THR A 41 3.60 6.53 -4.74
N VAL A 42 3.57 7.62 -5.48
CA VAL A 42 2.45 8.55 -5.40
C VAL A 42 1.18 7.88 -5.92
N GLU A 43 1.34 7.04 -6.94
CA GLU A 43 0.20 6.32 -7.51
C GLU A 43 -0.31 5.27 -6.55
N ILE A 44 0.61 4.62 -5.83
CA ILE A 44 0.22 3.57 -4.90
C ILE A 44 -0.68 4.13 -3.81
N VAL A 45 -0.25 5.21 -3.18
CA VAL A 45 -1.03 5.83 -2.12
C VAL A 45 -2.31 6.45 -2.68
N MET A 46 -2.17 7.14 -3.80
CA MET A 46 -3.32 7.79 -4.43
C MET A 46 -4.39 6.78 -4.78
N ASN A 47 -3.99 5.67 -5.38
CA ASN A 47 -4.93 4.62 -5.76
C ASN A 47 -5.58 4.00 -4.53
N LEU A 48 -4.78 3.75 -3.50
CA LEU A 48 -5.28 3.15 -2.28
C LEU A 48 -6.27 4.08 -1.59
N GLU A 49 -5.95 5.36 -1.54
CA GLU A 49 -6.84 6.33 -0.91
C GLU A 49 -8.22 6.28 -1.56
N GLU A 50 -8.23 6.14 -2.88
CA GLU A 50 -9.48 6.08 -3.62
C GLU A 50 -10.20 4.75 -3.38
N GLU A 51 -9.43 3.67 -3.27
CA GLU A 51 -10.02 2.35 -3.07
C GLU A 51 -10.70 2.27 -1.71
N PHE A 52 -10.03 2.80 -0.68
CA PHE A 52 -10.59 2.78 0.67
C PHE A 52 -11.27 4.10 0.99
N GLY A 53 -11.23 5.03 0.05
CA GLY A 53 -11.87 6.33 0.23
C GLY A 53 -11.38 7.01 1.51
N ILE A 54 -10.06 7.09 1.67
CA ILE A 54 -9.46 7.72 2.85
C ILE A 54 -8.51 8.84 2.44
N ASN A 55 -8.29 9.78 3.36
CA ASN A 55 -7.39 10.92 3.10
C ASN A 55 -6.24 10.93 4.10
N VAL A 56 -5.01 10.86 3.58
CA VAL A 56 -3.83 10.86 4.44
C VAL A 56 -2.72 11.68 3.80
N ASP A 57 -1.99 12.42 4.62
CA ASP A 57 -0.88 13.25 4.12
C ASP A 57 0.31 12.37 3.73
N GLU A 58 1.06 12.82 2.74
CA GLU A 58 2.22 12.06 2.28
C GLU A 58 3.31 12.03 3.36
N ASP A 59 3.43 13.14 4.10
CA ASP A 59 4.45 13.22 5.15
C ASP A 59 4.19 12.17 6.23
N LYS A 60 2.93 11.95 6.54
CA LYS A 60 2.56 10.97 7.55
C LYS A 60 2.90 9.55 7.09
N ALA A 61 2.66 9.29 5.80
CA ALA A 61 2.94 7.98 5.25
C ALA A 61 4.43 7.75 5.08
N GLN A 62 5.23 8.60 5.72
CA GLN A 62 6.69 8.47 5.64
C GLN A 62 7.18 7.26 6.43
N ASP A 63 6.57 7.03 7.58
CA ASP A 63 6.96 5.90 8.43
C ASP A 63 6.68 4.59 7.72
N ILE A 64 6.13 4.67 6.51
CA ILE A 64 5.82 3.48 5.74
C ILE A 64 7.08 2.92 5.09
N SER A 65 7.34 1.63 5.32
CA SER A 65 8.51 0.95 4.77
C SER A 65 8.11 -0.31 4.04
N THR A 66 7.16 -1.06 4.61
CA THR A 66 6.68 -2.30 4.00
C THR A 66 5.17 -2.25 3.82
N ILE A 67 4.62 -3.27 3.16
CA ILE A 67 3.18 -3.33 2.91
C ILE A 67 2.41 -3.31 4.23
N GLN A 68 2.86 -4.12 5.19
CA GLN A 68 2.20 -4.17 6.49
C GLN A 68 2.07 -2.76 7.09
N GLN A 69 3.13 -1.97 6.96
CA GLN A 69 3.12 -0.62 7.50
C GLN A 69 1.99 0.19 6.88
N ALA A 70 1.85 0.09 5.56
CA ALA A 70 0.79 0.81 4.87
C ALA A 70 -0.57 0.29 5.29
N ALA A 71 -0.68 -1.02 5.47
CA ALA A 71 -1.94 -1.63 5.88
C ALA A 71 -2.34 -1.15 7.28
N ASP A 72 -1.34 -1.01 8.16
CA ASP A 72 -1.61 -0.56 9.53
C ASP A 72 -2.19 0.85 9.51
N VAL A 73 -1.65 1.71 8.66
CA VAL A 73 -2.15 3.07 8.57
C VAL A 73 -3.53 3.12 7.92
N ILE A 74 -3.69 2.38 6.82
CA ILE A 74 -4.96 2.35 6.11
C ILE A 74 -6.08 1.79 6.99
N GLU A 75 -5.83 0.62 7.58
CA GLU A 75 -6.82 -0.02 8.43
C GLU A 75 -7.06 0.83 9.67
N GLY A 76 -6.01 1.50 10.13
CA GLY A 76 -6.11 2.34 11.30
C GLY A 76 -7.09 3.49 11.08
N LEU A 77 -7.32 3.83 9.81
CA LEU A 77 -8.25 4.91 9.48
C LEU A 77 -9.68 4.39 9.40
N LEU A 78 -9.85 3.26 8.73
CA LEU A 78 -11.17 2.65 8.56
C LEU A 78 -11.77 2.24 9.91
N GLU A 79 -10.93 1.66 10.76
CA GLU A 79 -11.39 1.22 12.07
C GLU A 79 -12.20 2.31 12.77
N LYS A 80 -11.76 3.54 12.62
CA LYS A 80 -12.43 4.66 13.22
C LYS A 80 -13.87 4.77 12.70
N LYS A 81 -14.06 4.57 11.40
CA LYS A 81 -15.39 4.64 10.80
C LYS A 81 -15.98 3.24 10.65
N ALA A 82 -17.30 3.16 10.72
CA ALA A 82 -17.98 1.88 10.59
C ALA A 82 -17.38 1.06 9.45
N ALA A 1 -3.40 -5.44 11.45
CA ALA A 1 -3.95 -5.63 10.08
C ALA A 1 -4.17 -7.12 9.84
N LYS A 2 -5.29 -7.45 9.21
CA LYS A 2 -5.61 -8.84 8.92
C LYS A 2 -4.91 -9.27 7.63
N LYS A 3 -4.72 -10.57 7.48
CA LYS A 3 -4.07 -11.12 6.30
C LYS A 3 -4.90 -10.82 5.05
N GLU A 4 -6.16 -10.45 5.25
CA GLU A 4 -7.04 -10.17 4.14
C GLU A 4 -6.73 -8.80 3.55
N THR A 5 -6.52 -7.81 4.42
CA THR A 5 -6.20 -6.46 3.99
C THR A 5 -4.90 -6.43 3.21
N ILE A 6 -3.91 -7.16 3.70
CA ILE A 6 -2.61 -7.21 3.05
C ILE A 6 -2.76 -7.69 1.60
N ASP A 7 -3.64 -8.65 1.39
CA ASP A 7 -3.87 -9.20 0.06
C ASP A 7 -4.38 -8.11 -0.87
N LYS A 8 -5.30 -7.29 -0.38
CA LYS A 8 -5.87 -6.22 -1.19
C LYS A 8 -4.80 -5.20 -1.57
N VAL A 9 -4.05 -4.75 -0.58
CA VAL A 9 -3.00 -3.78 -0.82
C VAL A 9 -1.92 -4.36 -1.72
N SER A 10 -1.49 -5.58 -1.41
CA SER A 10 -0.46 -6.24 -2.20
C SER A 10 -0.92 -6.44 -3.64
N ASP A 11 -2.18 -6.81 -3.81
CA ASP A 11 -2.73 -7.02 -5.14
C ASP A 11 -2.65 -5.76 -5.97
N ILE A 12 -3.03 -4.64 -5.37
CA ILE A 12 -2.99 -3.36 -6.06
C ILE A 12 -1.55 -2.92 -6.29
N VAL A 13 -0.73 -3.10 -5.28
CA VAL A 13 0.67 -2.69 -5.37
C VAL A 13 1.44 -3.49 -6.43
N LYS A 14 1.33 -4.81 -6.33
CA LYS A 14 2.03 -5.67 -7.28
C LYS A 14 1.50 -5.46 -8.70
N GLU A 15 0.20 -5.22 -8.80
CA GLU A 15 -0.42 -5.01 -10.10
C GLU A 15 -0.03 -3.64 -10.67
N LYS A 16 0.13 -2.67 -9.78
CA LYS A 16 0.49 -1.33 -10.20
C LYS A 16 1.95 -1.27 -10.64
N LEU A 17 2.78 -2.07 -10.00
CA LEU A 17 4.21 -2.08 -10.31
C LEU A 17 4.55 -3.16 -11.31
N ALA A 18 3.54 -3.93 -11.71
CA ALA A 18 3.74 -4.99 -12.70
C ALA A 18 2.44 -5.72 -12.97
N LEU A 19 2.53 -6.82 -13.70
CA LEU A 19 1.34 -7.61 -14.03
C LEU A 19 0.80 -8.31 -12.80
N GLY A 20 1.66 -8.52 -11.81
CA GLY A 20 1.27 -9.18 -10.57
C GLY A 20 1.60 -10.67 -10.61
N ALA A 21 1.72 -11.21 -11.82
CA ALA A 21 2.03 -12.63 -11.99
C ALA A 21 3.53 -12.84 -12.12
N ASP A 22 4.22 -11.83 -12.64
CA ASP A 22 5.67 -11.92 -12.82
C ASP A 22 6.40 -11.28 -11.65
N VAL A 23 5.64 -10.86 -10.64
CA VAL A 23 6.23 -10.23 -9.46
C VAL A 23 5.67 -10.86 -8.19
N VAL A 24 6.44 -10.80 -7.11
CA VAL A 24 6.01 -11.36 -5.83
C VAL A 24 6.10 -10.30 -4.75
N VAL A 25 4.99 -10.07 -4.05
CA VAL A 25 4.93 -9.09 -2.97
C VAL A 25 4.60 -9.76 -1.65
N THR A 26 5.34 -9.39 -0.60
CA THR A 26 5.13 -9.97 0.74
C THR A 26 5.12 -8.86 1.80
N ALA A 27 4.57 -9.18 2.96
CA ALA A 27 4.49 -8.23 4.04
C ALA A 27 5.89 -7.77 4.45
N ASP A 28 6.87 -8.64 4.21
CA ASP A 28 8.25 -8.32 4.57
C ASP A 28 8.94 -7.56 3.43
N SER A 29 8.27 -7.49 2.28
CA SER A 29 8.82 -6.80 1.13
C SER A 29 8.68 -5.29 1.30
N GLU A 30 9.66 -4.54 0.78
CA GLU A 30 9.64 -3.08 0.87
C GLU A 30 9.20 -2.48 -0.47
N PHE A 31 8.40 -1.42 -0.39
CA PHE A 31 7.91 -0.77 -1.61
C PHE A 31 9.06 -0.48 -2.56
N SER A 32 10.20 -0.06 -2.00
CA SER A 32 11.37 0.26 -2.82
C SER A 32 11.85 -0.98 -3.56
N LYS A 33 11.81 -2.13 -2.89
CA LYS A 33 12.25 -3.37 -3.50
C LYS A 33 11.39 -3.74 -4.71
N LEU A 34 10.09 -3.46 -4.59
CA LEU A 34 9.16 -3.76 -5.67
C LEU A 34 9.46 -2.90 -6.89
N GLY A 35 10.17 -1.79 -6.67
CA GLY A 35 10.53 -0.88 -7.75
C GLY A 35 9.70 0.40 -7.69
N ALA A 36 8.84 0.49 -6.69
CA ALA A 36 7.99 1.67 -6.55
C ALA A 36 8.84 2.93 -6.55
N ASP A 37 8.74 3.69 -7.64
CA ASP A 37 9.50 4.93 -7.77
C ASP A 37 8.66 6.12 -7.29
N SER A 38 9.21 7.31 -7.44
CA SER A 38 8.51 8.52 -7.02
C SER A 38 7.20 8.66 -7.79
N LEU A 39 7.26 8.45 -9.09
CA LEU A 39 6.07 8.55 -9.94
C LEU A 39 5.07 7.46 -9.60
N ASP A 40 5.59 6.28 -9.30
CA ASP A 40 4.75 5.15 -8.95
C ASP A 40 4.26 5.25 -7.52
N THR A 41 5.18 5.53 -6.60
CA THR A 41 4.83 5.64 -5.18
C THR A 41 3.56 6.46 -4.98
N VAL A 42 3.50 7.59 -5.66
CA VAL A 42 2.33 8.46 -5.55
C VAL A 42 1.09 7.76 -6.10
N GLU A 43 1.29 6.92 -7.11
CA GLU A 43 0.18 6.21 -7.71
C GLU A 43 -0.33 5.13 -6.78
N ILE A 44 0.59 4.53 -6.03
CA ILE A 44 0.21 3.46 -5.11
C ILE A 44 -0.75 3.97 -4.05
N VAL A 45 -0.38 5.07 -3.42
CA VAL A 45 -1.22 5.66 -2.39
C VAL A 45 -2.53 6.20 -2.98
N MET A 46 -2.42 6.85 -4.13
CA MET A 46 -3.60 7.42 -4.77
C MET A 46 -4.65 6.35 -5.02
N ASN A 47 -4.22 5.22 -5.58
CA ASN A 47 -5.14 4.13 -5.85
C ASN A 47 -5.70 3.55 -4.55
N LEU A 48 -4.84 3.37 -3.56
CA LEU A 48 -5.25 2.81 -2.29
C LEU A 48 -6.23 3.75 -1.60
N GLU A 49 -5.94 5.03 -1.63
CA GLU A 49 -6.81 6.02 -1.01
C GLU A 49 -8.21 5.95 -1.61
N GLU A 50 -8.27 5.72 -2.91
CA GLU A 50 -9.55 5.63 -3.61
C GLU A 50 -10.24 4.31 -3.28
N GLU A 51 -9.46 3.24 -3.15
CA GLU A 51 -10.02 1.93 -2.86
C GLU A 51 -10.60 1.89 -1.45
N PHE A 52 -9.86 2.45 -0.50
CA PHE A 52 -10.32 2.46 0.90
C PHE A 52 -11.06 3.74 1.20
N GLY A 53 -11.12 4.65 0.22
CA GLY A 53 -11.83 5.91 0.39
C GLY A 53 -11.31 6.67 1.61
N ILE A 54 -9.99 6.83 1.68
CA ILE A 54 -9.36 7.55 2.80
C ILE A 54 -8.49 8.68 2.29
N ASN A 55 -7.67 9.23 3.17
CA ASN A 55 -6.79 10.35 2.80
C ASN A 55 -5.51 10.29 3.61
N VAL A 56 -4.38 10.08 2.94
CA VAL A 56 -3.08 10.02 3.61
C VAL A 56 -2.06 10.87 2.86
N ASP A 57 -1.32 11.68 3.61
CA ASP A 57 -0.29 12.54 3.01
C ASP A 57 1.04 11.80 2.95
N GLU A 58 1.86 12.17 1.98
CA GLU A 58 3.17 11.54 1.82
C GLU A 58 4.03 11.76 3.06
N ASP A 59 3.89 12.93 3.67
CA ASP A 59 4.65 13.25 4.87
C ASP A 59 4.30 12.30 6.00
N LYS A 60 3.03 11.92 6.07
CA LYS A 60 2.58 11.01 7.12
C LYS A 60 2.82 9.56 6.71
N ALA A 61 3.07 9.35 5.42
CA ALA A 61 3.31 8.00 4.90
C ALA A 61 4.79 7.66 4.95
N GLN A 62 5.56 8.50 5.63
CA GLN A 62 7.01 8.28 5.74
C GLN A 62 7.32 7.06 6.59
N ASP A 63 6.52 6.88 7.66
CA ASP A 63 6.72 5.75 8.55
C ASP A 63 6.45 4.44 7.83
N ILE A 64 5.98 4.53 6.59
CA ILE A 64 5.70 3.34 5.79
C ILE A 64 6.98 2.76 5.23
N SER A 65 7.20 1.47 5.48
CA SER A 65 8.40 0.79 4.98
C SER A 65 8.02 -0.43 4.15
N THR A 66 7.06 -1.19 4.65
CA THR A 66 6.61 -2.40 3.95
C THR A 66 5.09 -2.38 3.76
N ILE A 67 4.57 -3.41 3.10
CA ILE A 67 3.14 -3.49 2.84
C ILE A 67 2.37 -3.50 4.16
N GLN A 68 2.83 -4.28 5.11
CA GLN A 68 2.16 -4.35 6.40
C GLN A 68 2.02 -2.94 7.01
N GLN A 69 3.07 -2.16 6.92
CA GLN A 69 3.06 -0.81 7.47
C GLN A 69 1.91 -0.01 6.88
N ALA A 70 1.76 -0.08 5.56
CA ALA A 70 0.70 0.64 4.89
C ALA A 70 -0.67 0.07 5.27
N ALA A 71 -0.74 -1.25 5.37
CA ALA A 71 -1.99 -1.92 5.73
C ALA A 71 -2.43 -1.51 7.13
N ASP A 72 -1.48 -1.39 8.04
CA ASP A 72 -1.77 -1.02 9.42
C ASP A 72 -2.37 0.39 9.46
N VAL A 73 -1.82 1.28 8.65
CA VAL A 73 -2.31 2.65 8.60
C VAL A 73 -3.66 2.73 7.89
N ILE A 74 -3.77 2.04 6.77
CA ILE A 74 -5.01 2.04 5.99
C ILE A 74 -6.16 1.47 6.81
N GLU A 75 -5.95 0.31 7.40
CA GLU A 75 -6.99 -0.33 8.20
C GLU A 75 -7.29 0.48 9.46
N GLY A 76 -6.26 1.14 9.97
CA GLY A 76 -6.41 1.95 11.18
C GLY A 76 -7.31 3.16 10.93
N LEU A 77 -7.36 3.61 9.68
CA LEU A 77 -8.17 4.76 9.33
C LEU A 77 -9.65 4.38 9.27
N LEU A 78 -9.92 3.17 8.85
CA LEU A 78 -11.30 2.71 8.73
C LEU A 78 -11.99 2.73 10.09
N GLU A 79 -11.28 2.27 11.11
CA GLU A 79 -11.83 2.23 12.45
C GLU A 79 -11.96 3.66 13.02
N LYS A 80 -10.88 4.41 12.90
CA LYS A 80 -10.86 5.79 13.41
C LYS A 80 -11.76 6.68 12.57
N LYS A 81 -11.59 6.60 11.25
CA LYS A 81 -12.39 7.42 10.34
C LYS A 81 -12.49 8.85 10.84
N ALA A 82 -13.33 9.64 10.18
CA ALA A 82 -13.51 11.03 10.56
C ALA A 82 -14.06 11.12 11.98
N ALA A 1 -2.33 -5.67 10.59
CA ALA A 1 -3.53 -5.75 9.72
C ALA A 1 -3.79 -7.21 9.37
N LYS A 2 -5.07 -7.55 9.17
CA LYS A 2 -5.44 -8.92 8.83
C LYS A 2 -4.83 -9.31 7.48
N LYS A 3 -4.48 -10.58 7.36
CA LYS A 3 -3.90 -11.09 6.12
C LYS A 3 -4.78 -10.73 4.93
N GLU A 4 -6.03 -10.39 5.20
CA GLU A 4 -6.96 -10.04 4.14
C GLU A 4 -6.66 -8.64 3.62
N THR A 5 -6.48 -7.70 4.54
CA THR A 5 -6.19 -6.31 4.16
C THR A 5 -4.91 -6.24 3.36
N ILE A 6 -3.90 -6.99 3.80
CA ILE A 6 -2.61 -7.00 3.11
C ILE A 6 -2.79 -7.43 1.66
N ASP A 7 -3.64 -8.42 1.43
CA ASP A 7 -3.87 -8.92 0.08
C ASP A 7 -4.41 -7.82 -0.81
N LYS A 8 -5.37 -7.04 -0.30
CA LYS A 8 -5.98 -5.98 -1.07
C LYS A 8 -4.94 -4.94 -1.48
N VAL A 9 -4.15 -4.49 -0.50
CA VAL A 9 -3.12 -3.50 -0.76
C VAL A 9 -2.03 -4.09 -1.66
N SER A 10 -1.59 -5.30 -1.33
CA SER A 10 -0.55 -5.95 -2.11
C SER A 10 -1.00 -6.17 -3.55
N ASP A 11 -2.27 -6.56 -3.71
CA ASP A 11 -2.82 -6.80 -5.03
C ASP A 11 -2.74 -5.54 -5.88
N ILE A 12 -3.14 -4.42 -5.30
CA ILE A 12 -3.11 -3.15 -6.02
C ILE A 12 -1.68 -2.68 -6.22
N VAL A 13 -0.87 -2.80 -5.17
CA VAL A 13 0.52 -2.34 -5.24
C VAL A 13 1.31 -3.12 -6.28
N LYS A 14 1.24 -4.44 -6.21
CA LYS A 14 1.97 -5.28 -7.15
C LYS A 14 1.48 -5.05 -8.57
N GLU A 15 0.19 -4.76 -8.71
CA GLU A 15 -0.40 -4.53 -10.02
C GLU A 15 0.15 -3.25 -10.64
N LYS A 16 0.24 -2.20 -9.83
CA LYS A 16 0.73 -0.92 -10.29
C LYS A 16 2.22 -0.98 -10.58
N LEU A 17 2.94 -1.74 -9.78
CA LEU A 17 4.38 -1.85 -9.93
C LEU A 17 4.76 -2.99 -10.86
N ALA A 18 3.75 -3.72 -11.32
CA ALA A 18 3.99 -4.85 -12.22
C ALA A 18 2.69 -5.59 -12.49
N LEU A 19 2.78 -6.69 -13.24
CA LEU A 19 1.62 -7.49 -13.56
C LEU A 19 1.29 -8.45 -12.44
N GLY A 20 2.29 -8.75 -11.63
CA GLY A 20 2.10 -9.66 -10.50
C GLY A 20 2.36 -11.10 -10.92
N ALA A 21 2.59 -11.31 -12.21
CA ALA A 21 2.83 -12.65 -12.72
C ALA A 21 4.24 -13.12 -12.34
N ASP A 22 5.24 -12.33 -12.71
CA ASP A 22 6.62 -12.67 -12.41
C ASP A 22 7.13 -11.89 -11.21
N VAL A 23 6.21 -11.24 -10.49
CA VAL A 23 6.56 -10.44 -9.33
C VAL A 23 5.89 -11.00 -8.08
N VAL A 24 6.67 -11.14 -7.01
CA VAL A 24 6.14 -11.65 -5.75
C VAL A 24 6.20 -10.58 -4.67
N VAL A 25 5.06 -10.36 -4.00
CA VAL A 25 4.98 -9.35 -2.95
C VAL A 25 4.68 -10.00 -1.61
N THR A 26 5.33 -9.51 -0.55
CA THR A 26 5.11 -10.05 0.79
C THR A 26 5.09 -8.92 1.83
N ALA A 27 4.53 -9.20 2.99
CA ALA A 27 4.46 -8.22 4.06
C ALA A 27 5.85 -7.73 4.43
N ASP A 28 6.86 -8.57 4.16
CA ASP A 28 8.23 -8.22 4.48
C ASP A 28 8.88 -7.45 3.34
N SER A 29 8.28 -7.56 2.15
CA SER A 29 8.82 -6.87 0.98
C SER A 29 8.56 -5.37 1.08
N GLU A 30 9.56 -4.58 0.70
CA GLU A 30 9.43 -3.13 0.74
C GLU A 30 8.82 -2.60 -0.55
N PHE A 31 8.40 -1.35 -0.52
CA PHE A 31 7.81 -0.72 -1.71
C PHE A 31 8.89 -0.45 -2.76
N SER A 32 10.08 -0.07 -2.29
CA SER A 32 11.18 0.24 -3.20
C SER A 32 11.62 -1.00 -3.97
N LYS A 33 11.72 -2.12 -3.26
CA LYS A 33 12.16 -3.36 -3.88
C LYS A 33 11.18 -3.80 -4.97
N LEU A 34 9.96 -3.29 -4.89
CA LEU A 34 8.93 -3.65 -5.86
C LEU A 34 9.06 -2.81 -7.11
N GLY A 35 9.97 -1.83 -7.06
CA GLY A 35 10.20 -0.96 -8.21
C GLY A 35 9.47 0.36 -8.04
N ALA A 36 8.92 0.59 -6.84
CA ALA A 36 8.19 1.81 -6.56
C ALA A 36 9.13 3.01 -6.67
N ASP A 37 8.59 4.13 -7.14
CA ASP A 37 9.38 5.36 -7.29
C ASP A 37 8.54 6.58 -6.95
N SER A 38 9.14 7.76 -7.10
CA SER A 38 8.44 9.01 -6.79
C SER A 38 7.18 9.14 -7.66
N LEU A 39 7.32 8.84 -8.94
CA LEU A 39 6.20 8.93 -9.86
C LEU A 39 5.18 7.84 -9.58
N ASP A 40 5.66 6.70 -9.12
CA ASP A 40 4.76 5.57 -8.81
C ASP A 40 4.19 5.71 -7.42
N THR A 41 5.06 5.96 -6.45
CA THR A 41 4.63 6.06 -5.06
C THR A 41 3.37 6.91 -4.94
N VAL A 42 3.37 8.04 -5.64
CA VAL A 42 2.22 8.94 -5.60
C VAL A 42 0.98 8.26 -6.17
N GLU A 43 1.18 7.47 -7.22
CA GLU A 43 0.07 6.77 -7.85
C GLU A 43 -0.50 5.71 -6.91
N ILE A 44 0.38 5.08 -6.14
CA ILE A 44 -0.05 4.04 -5.21
C ILE A 44 -0.91 4.64 -4.12
N VAL A 45 -0.48 5.77 -3.58
CA VAL A 45 -1.22 6.43 -2.51
C VAL A 45 -2.61 6.85 -3.01
N MET A 46 -2.65 7.46 -4.18
CA MET A 46 -3.91 7.91 -4.76
C MET A 46 -4.84 6.74 -5.02
N ASN A 47 -4.28 5.64 -5.53
CA ASN A 47 -5.07 4.46 -5.83
C ASN A 47 -5.61 3.83 -4.55
N LEU A 48 -4.74 3.61 -3.58
CA LEU A 48 -5.15 3.00 -2.33
C LEU A 48 -6.11 3.91 -1.58
N GLU A 49 -5.80 5.20 -1.54
CA GLU A 49 -6.66 6.15 -0.85
C GLU A 49 -8.07 6.13 -1.44
N GLU A 50 -8.16 6.00 -2.75
CA GLU A 50 -9.45 5.97 -3.43
C GLU A 50 -10.15 4.63 -3.18
N GLU A 51 -9.36 3.56 -3.07
CA GLU A 51 -9.91 2.23 -2.86
C GLU A 51 -10.58 2.15 -1.49
N PHE A 52 -9.92 2.71 -0.48
CA PHE A 52 -10.46 2.68 0.87
C PHE A 52 -11.20 3.97 1.18
N GLY A 53 -11.21 4.89 0.22
CA GLY A 53 -11.90 6.16 0.39
C GLY A 53 -11.38 6.90 1.62
N ILE A 54 -10.06 7.03 1.71
CA ILE A 54 -9.45 7.73 2.85
C ILE A 54 -8.53 8.84 2.35
N ASN A 55 -7.73 9.39 3.26
CA ASN A 55 -6.81 10.47 2.90
C ASN A 55 -5.56 10.41 3.75
N VAL A 56 -4.42 10.16 3.10
CA VAL A 56 -3.14 10.09 3.82
C VAL A 56 -2.11 10.99 3.15
N ASP A 57 -1.45 11.82 3.95
CA ASP A 57 -0.43 12.72 3.43
C ASP A 57 0.88 11.95 3.19
N GLU A 58 1.57 12.31 2.11
CA GLU A 58 2.83 11.66 1.78
C GLU A 58 3.83 11.80 2.91
N ASP A 59 3.78 12.95 3.59
CA ASP A 59 4.70 13.20 4.70
C ASP A 59 4.41 12.23 5.85
N LYS A 60 3.13 11.90 6.03
CA LYS A 60 2.74 10.99 7.10
C LYS A 60 2.95 9.54 6.68
N ALA A 61 3.14 9.33 5.38
CA ALA A 61 3.35 7.98 4.86
C ALA A 61 4.83 7.66 4.80
N GLN A 62 5.64 8.50 5.44
CA GLN A 62 7.09 8.31 5.45
C GLN A 62 7.46 7.09 6.30
N ASP A 63 6.78 6.93 7.43
CA ASP A 63 7.04 5.81 8.33
C ASP A 63 6.73 4.50 7.63
N ILE A 64 6.24 4.58 6.39
CA ILE A 64 5.90 3.37 5.65
C ILE A 64 7.14 2.77 5.02
N SER A 65 7.35 1.48 5.28
CA SER A 65 8.51 0.76 4.73
C SER A 65 8.07 -0.51 4.02
N THR A 66 7.09 -1.19 4.59
CA THR A 66 6.58 -2.44 4.02
C THR A 66 5.06 -2.38 3.87
N ILE A 67 4.50 -3.40 3.25
CA ILE A 67 3.05 -3.44 3.03
C ILE A 67 2.32 -3.37 4.36
N GLN A 68 2.74 -4.19 5.31
CA GLN A 68 2.11 -4.21 6.62
C GLN A 68 2.01 -2.79 7.18
N GLN A 69 3.06 -2.00 6.98
CA GLN A 69 3.07 -0.64 7.49
C GLN A 69 1.94 0.17 6.86
N ALA A 70 1.82 0.08 5.53
CA ALA A 70 0.78 0.81 4.83
C ALA A 70 -0.60 0.27 5.20
N ALA A 71 -0.71 -1.05 5.31
CA ALA A 71 -1.97 -1.68 5.65
C ALA A 71 -2.43 -1.25 7.04
N ASP A 72 -1.48 -1.17 7.97
CA ASP A 72 -1.81 -0.78 9.34
C ASP A 72 -2.37 0.63 9.38
N VAL A 73 -1.74 1.54 8.64
CA VAL A 73 -2.19 2.93 8.60
C VAL A 73 -3.54 3.04 7.92
N ILE A 74 -3.68 2.33 6.79
CA ILE A 74 -4.93 2.38 6.04
C ILE A 74 -6.10 1.89 6.88
N GLU A 75 -5.97 0.69 7.42
CA GLU A 75 -7.03 0.10 8.23
C GLU A 75 -7.23 0.91 9.51
N GLY A 76 -6.14 1.47 10.02
CA GLY A 76 -6.20 2.25 11.25
C GLY A 76 -7.14 3.43 11.10
N LEU A 77 -7.30 3.91 9.86
CA LEU A 77 -8.18 5.03 9.60
C LEU A 77 -9.64 4.59 9.57
N LEU A 78 -9.88 3.46 8.95
CA LEU A 78 -11.24 2.93 8.85
C LEU A 78 -11.80 2.63 10.22
N GLU A 79 -10.96 2.08 11.08
CA GLU A 79 -11.39 1.74 12.43
C GLU A 79 -11.90 2.98 13.16
N LYS A 80 -11.29 4.13 12.86
CA LYS A 80 -11.69 5.38 13.49
C LYS A 80 -13.14 5.70 13.17
N LYS A 81 -13.51 5.56 11.90
CA LYS A 81 -14.88 5.83 11.47
C LYS A 81 -15.69 4.55 11.38
N ALA A 82 -17.00 4.65 11.59
CA ALA A 82 -17.87 3.48 11.53
C ALA A 82 -17.35 2.37 12.44
N ALA A 1 -3.34 -4.89 11.68
CA ALA A 1 -3.92 -5.21 10.34
C ALA A 1 -4.21 -6.71 10.28
N LYS A 2 -4.72 -7.17 9.14
CA LYS A 2 -5.05 -8.58 8.95
C LYS A 2 -4.49 -9.06 7.61
N LYS A 3 -4.39 -10.38 7.47
CA LYS A 3 -3.87 -10.97 6.25
C LYS A 3 -4.74 -10.59 5.06
N GLU A 4 -6.03 -10.41 5.30
CA GLU A 4 -6.96 -10.06 4.23
C GLU A 4 -6.63 -8.68 3.68
N THR A 5 -6.47 -7.71 4.58
CA THR A 5 -6.17 -6.34 4.17
C THR A 5 -4.84 -6.28 3.43
N ILE A 6 -3.85 -7.01 3.92
CA ILE A 6 -2.53 -7.04 3.31
C ILE A 6 -2.64 -7.52 1.87
N ASP A 7 -3.47 -8.53 1.65
CA ASP A 7 -3.63 -9.08 0.31
C ASP A 7 -4.16 -8.01 -0.65
N LYS A 8 -5.13 -7.22 -0.19
CA LYS A 8 -5.70 -6.19 -1.03
C LYS A 8 -4.66 -5.16 -1.43
N VAL A 9 -3.90 -4.68 -0.45
CA VAL A 9 -2.87 -3.69 -0.71
C VAL A 9 -1.79 -4.29 -1.62
N SER A 10 -1.34 -5.49 -1.28
CA SER A 10 -0.31 -6.15 -2.08
C SER A 10 -0.79 -6.38 -3.51
N ASP A 11 -2.06 -6.76 -3.64
CA ASP A 11 -2.63 -7.02 -4.95
C ASP A 11 -2.60 -5.76 -5.80
N ILE A 12 -3.00 -4.65 -5.21
CA ILE A 12 -3.00 -3.39 -5.92
C ILE A 12 -1.58 -2.92 -6.21
N VAL A 13 -0.71 -3.05 -5.21
CA VAL A 13 0.69 -2.62 -5.35
C VAL A 13 1.42 -3.43 -6.41
N LYS A 14 1.30 -4.74 -6.34
CA LYS A 14 1.97 -5.61 -7.29
C LYS A 14 1.40 -5.41 -8.69
N GLU A 15 0.11 -5.10 -8.75
CA GLU A 15 -0.56 -4.91 -10.02
C GLU A 15 -0.07 -3.64 -10.69
N LYS A 16 0.08 -2.59 -9.91
CA LYS A 16 0.53 -1.30 -10.43
C LYS A 16 1.99 -1.36 -10.84
N LEU A 17 2.78 -2.11 -10.09
CA LEU A 17 4.21 -2.23 -10.36
C LEU A 17 4.48 -3.30 -11.40
N ALA A 18 3.47 -4.10 -11.70
CA ALA A 18 3.62 -5.18 -12.69
C ALA A 18 2.33 -5.97 -12.81
N LEU A 19 2.37 -7.03 -13.59
CA LEU A 19 1.20 -7.88 -13.78
C LEU A 19 0.91 -8.69 -12.53
N GLY A 20 1.96 -8.90 -11.72
CA GLY A 20 1.81 -9.68 -10.49
C GLY A 20 2.06 -11.16 -10.75
N ALA A 21 1.99 -11.55 -12.02
CA ALA A 21 2.20 -12.94 -12.39
C ALA A 21 3.64 -13.36 -12.14
N ASP A 22 4.58 -12.56 -12.65
CA ASP A 22 6.00 -12.83 -12.48
C ASP A 22 6.58 -12.07 -11.29
N VAL A 23 5.71 -11.32 -10.61
CA VAL A 23 6.13 -10.53 -9.44
C VAL A 23 5.36 -10.97 -8.20
N VAL A 24 6.09 -11.18 -7.11
CA VAL A 24 5.49 -11.61 -5.84
C VAL A 24 5.74 -10.56 -4.77
N VAL A 25 4.68 -10.18 -4.07
CA VAL A 25 4.76 -9.18 -3.00
C VAL A 25 4.40 -9.83 -1.66
N THR A 26 5.20 -9.51 -0.63
CA THR A 26 4.97 -10.04 0.71
C THR A 26 5.05 -8.92 1.75
N ALA A 27 4.58 -9.23 2.96
CA ALA A 27 4.61 -8.26 4.04
C ALA A 27 6.04 -7.84 4.36
N ASP A 28 6.99 -8.70 4.00
CA ASP A 28 8.40 -8.43 4.26
C ASP A 28 9.01 -7.62 3.11
N SER A 29 8.37 -7.67 1.94
CA SER A 29 8.87 -6.95 0.79
C SER A 29 8.72 -5.44 0.99
N GLU A 30 9.73 -4.69 0.57
CA GLU A 30 9.70 -3.23 0.69
C GLU A 30 9.28 -2.59 -0.62
N PHE A 31 8.53 -1.51 -0.54
CA PHE A 31 8.05 -0.82 -1.74
C PHE A 31 9.21 -0.52 -2.69
N SER A 32 10.33 -0.10 -2.12
CA SER A 32 11.50 0.22 -2.92
C SER A 32 11.99 -1.01 -3.69
N LYS A 33 11.99 -2.16 -3.01
CA LYS A 33 12.42 -3.40 -3.63
C LYS A 33 11.54 -3.75 -4.82
N LEU A 34 10.25 -3.51 -4.68
CA LEU A 34 9.30 -3.82 -5.75
C LEU A 34 9.57 -2.95 -6.97
N GLY A 35 10.23 -1.81 -6.76
CA GLY A 35 10.56 -0.91 -7.86
C GLY A 35 9.68 0.35 -7.82
N ALA A 36 9.08 0.60 -6.66
CA ALA A 36 8.22 1.77 -6.51
C ALA A 36 9.07 3.03 -6.31
N ASP A 37 9.08 3.89 -7.32
CA ASP A 37 9.85 5.13 -7.26
C ASP A 37 8.99 6.27 -6.74
N SER A 38 9.50 7.48 -6.85
CA SER A 38 8.77 8.65 -6.39
C SER A 38 7.46 8.80 -7.14
N LEU A 39 7.52 8.68 -8.46
CA LEU A 39 6.32 8.81 -9.28
C LEU A 39 5.33 7.68 -8.99
N ASP A 40 5.85 6.47 -8.86
CA ASP A 40 5.01 5.31 -8.58
C ASP A 40 4.34 5.46 -7.21
N THR A 41 5.13 5.88 -6.22
CA THR A 41 4.61 6.03 -4.86
C THR A 41 3.29 6.79 -4.88
N VAL A 42 3.19 7.78 -5.74
CA VAL A 42 1.97 8.56 -5.85
C VAL A 42 0.83 7.68 -6.36
N GLU A 43 1.13 6.86 -7.36
CA GLU A 43 0.12 6.00 -7.93
C GLU A 43 -0.37 4.99 -6.89
N ILE A 44 0.56 4.47 -6.09
CA ILE A 44 0.20 3.50 -5.07
C ILE A 44 -0.73 4.11 -4.02
N VAL A 45 -0.34 5.28 -3.51
CA VAL A 45 -1.15 5.95 -2.51
C VAL A 45 -2.46 6.42 -3.11
N MET A 46 -2.39 7.00 -4.30
CA MET A 46 -3.59 7.50 -4.97
C MET A 46 -4.58 6.37 -5.21
N ASN A 47 -4.09 5.24 -5.70
CA ASN A 47 -4.95 4.10 -5.97
C ASN A 47 -5.57 3.56 -4.68
N LEU A 48 -4.74 3.43 -3.64
CA LEU A 48 -5.21 2.92 -2.36
C LEU A 48 -6.21 3.89 -1.73
N GLU A 49 -5.92 5.17 -1.81
CA GLU A 49 -6.80 6.17 -1.23
C GLU A 49 -8.17 6.10 -1.88
N GLU A 50 -8.18 5.89 -3.19
CA GLU A 50 -9.43 5.80 -3.93
C GLU A 50 -10.13 4.47 -3.65
N GLU A 51 -9.36 3.39 -3.56
CA GLU A 51 -9.93 2.08 -3.33
C GLU A 51 -10.46 1.97 -1.90
N PHE A 52 -9.69 2.46 -0.94
CA PHE A 52 -10.09 2.41 0.46
C PHE A 52 -10.90 3.64 0.83
N GLY A 53 -10.99 4.59 -0.09
CA GLY A 53 -11.74 5.81 0.14
C GLY A 53 -11.25 6.54 1.38
N ILE A 54 -9.93 6.74 1.45
CA ILE A 54 -9.32 7.42 2.60
C ILE A 54 -8.43 8.56 2.12
N ASN A 55 -8.11 9.48 3.04
CA ASN A 55 -7.25 10.63 2.71
C ASN A 55 -6.17 10.78 3.77
N VAL A 56 -4.91 10.61 3.36
CA VAL A 56 -3.78 10.74 4.27
C VAL A 56 -2.62 11.44 3.57
N ASP A 57 -1.86 12.22 4.33
CA ASP A 57 -0.72 12.94 3.79
C ASP A 57 0.48 12.00 3.67
N GLU A 58 1.32 12.25 2.68
CA GLU A 58 2.51 11.43 2.45
C GLU A 58 3.48 11.57 3.62
N ASP A 59 3.57 12.79 4.14
CA ASP A 59 4.49 13.06 5.25
C ASP A 59 4.29 12.05 6.36
N LYS A 60 3.06 11.58 6.51
CA LYS A 60 2.74 10.59 7.54
C LYS A 60 2.96 9.18 7.00
N ALA A 61 3.12 9.07 5.68
CA ALA A 61 3.32 7.77 5.03
C ALA A 61 4.80 7.49 4.84
N GLN A 62 5.65 8.38 5.35
CA GLN A 62 7.09 8.22 5.23
C GLN A 62 7.58 7.05 6.07
N ASP A 63 6.99 6.88 7.25
CA ASP A 63 7.37 5.81 8.15
C ASP A 63 7.06 4.45 7.52
N ILE A 64 6.43 4.47 6.35
CA ILE A 64 6.07 3.24 5.66
C ILE A 64 7.28 2.68 4.92
N SER A 65 7.58 1.40 5.17
CA SER A 65 8.72 0.74 4.54
C SER A 65 8.27 -0.54 3.85
N THR A 66 7.32 -1.23 4.47
CA THR A 66 6.80 -2.49 3.93
C THR A 66 5.29 -2.44 3.79
N ILE A 67 4.72 -3.46 3.16
CA ILE A 67 3.29 -3.51 2.95
C ILE A 67 2.55 -3.50 4.27
N GLN A 68 3.03 -4.29 5.23
CA GLN A 68 2.39 -4.33 6.54
C GLN A 68 2.28 -2.92 7.12
N GLN A 69 3.36 -2.15 7.03
CA GLN A 69 3.34 -0.80 7.57
C GLN A 69 2.24 0.02 6.91
N ALA A 70 2.10 -0.16 5.59
CA ALA A 70 1.08 0.57 4.85
C ALA A 70 -0.32 0.10 5.27
N ALA A 71 -0.48 -1.20 5.43
CA ALA A 71 -1.77 -1.76 5.82
C ALA A 71 -2.15 -1.31 7.23
N ASP A 72 -1.16 -1.23 8.11
CA ASP A 72 -1.40 -0.81 9.49
C ASP A 72 -1.96 0.60 9.52
N VAL A 73 -1.39 1.49 8.72
CA VAL A 73 -1.86 2.86 8.66
C VAL A 73 -3.22 2.93 7.99
N ILE A 74 -3.38 2.22 6.89
CA ILE A 74 -4.63 2.23 6.16
C ILE A 74 -5.76 1.61 6.98
N GLU A 75 -5.60 0.35 7.34
CA GLU A 75 -6.63 -0.35 8.12
C GLU A 75 -7.05 0.50 9.32
N GLY A 76 -6.09 1.20 9.91
CA GLY A 76 -6.37 2.03 11.07
C GLY A 76 -7.39 3.11 10.72
N LEU A 77 -7.27 3.66 9.52
CA LEU A 77 -8.19 4.71 9.08
C LEU A 77 -9.61 4.16 8.94
N LEU A 78 -9.73 2.94 8.44
CA LEU A 78 -11.04 2.32 8.26
C LEU A 78 -11.74 2.17 9.60
N GLU A 79 -10.97 2.06 10.67
CA GLU A 79 -11.55 1.91 11.99
C GLU A 79 -12.24 3.21 12.43
N LYS A 80 -11.58 4.35 12.20
CA LYS A 80 -12.13 5.64 12.58
C LYS A 80 -12.89 6.28 11.42
N LYS A 81 -12.40 6.06 10.21
CA LYS A 81 -13.02 6.61 9.02
C LYS A 81 -13.08 8.13 9.11
N ALA A 82 -14.04 8.64 9.88
CA ALA A 82 -14.20 10.08 10.05
C ALA A 82 -13.08 10.64 10.91
N ALA A 1 -3.37 -5.11 11.60
CA ALA A 1 -4.00 -5.35 10.27
C ALA A 1 -4.17 -6.85 10.06
N LYS A 2 -5.22 -7.23 9.33
CA LYS A 2 -5.50 -8.63 9.06
C LYS A 2 -4.88 -9.03 7.72
N LYS A 3 -4.31 -10.22 7.67
CA LYS A 3 -3.70 -10.71 6.45
C LYS A 3 -4.61 -10.48 5.26
N GLU A 4 -5.90 -10.30 5.53
CA GLU A 4 -6.87 -10.06 4.46
C GLU A 4 -6.66 -8.68 3.85
N THR A 5 -6.49 -7.69 4.71
CA THR A 5 -6.29 -6.32 4.26
C THR A 5 -4.97 -6.20 3.50
N ILE A 6 -3.99 -6.98 3.92
CA ILE A 6 -2.67 -6.94 3.30
C ILE A 6 -2.76 -7.34 1.83
N ASP A 7 -3.58 -8.35 1.55
CA ASP A 7 -3.75 -8.82 0.18
C ASP A 7 -4.33 -7.72 -0.70
N LYS A 8 -5.28 -6.98 -0.17
CA LYS A 8 -5.91 -5.92 -0.94
C LYS A 8 -4.88 -4.90 -1.38
N VAL A 9 -4.09 -4.39 -0.44
CA VAL A 9 -3.06 -3.42 -0.77
C VAL A 9 -1.99 -4.05 -1.66
N SER A 10 -1.56 -5.24 -1.30
CA SER A 10 -0.53 -5.93 -2.07
C SER A 10 -0.99 -6.18 -3.50
N ASP A 11 -2.25 -6.58 -3.64
CA ASP A 11 -2.81 -6.85 -4.97
C ASP A 11 -2.76 -5.60 -5.83
N ILE A 12 -3.16 -4.47 -5.27
CA ILE A 12 -3.15 -3.21 -6.00
C ILE A 12 -1.72 -2.76 -6.25
N VAL A 13 -0.87 -2.89 -5.23
CA VAL A 13 0.51 -2.45 -5.35
C VAL A 13 1.26 -3.26 -6.40
N LYS A 14 1.22 -4.58 -6.27
CA LYS A 14 1.91 -5.44 -7.21
C LYS A 14 1.34 -5.27 -8.62
N GLU A 15 0.05 -4.99 -8.69
CA GLU A 15 -0.61 -4.81 -9.97
C GLU A 15 -0.16 -3.52 -10.63
N LYS A 16 -0.01 -2.48 -9.83
CA LYS A 16 0.41 -1.18 -10.33
C LYS A 16 1.86 -1.20 -10.79
N LEU A 17 2.69 -1.94 -10.05
CA LEU A 17 4.11 -2.03 -10.37
C LEU A 17 4.38 -3.10 -11.42
N ALA A 18 3.38 -3.93 -11.68
CA ALA A 18 3.53 -4.99 -12.66
C ALA A 18 2.25 -5.80 -12.77
N LEU A 19 2.30 -6.90 -13.50
CA LEU A 19 1.14 -7.75 -13.68
C LEU A 19 0.94 -8.63 -12.44
N GLY A 20 2.02 -8.85 -11.70
CA GLY A 20 1.95 -9.69 -10.50
C GLY A 20 2.26 -11.14 -10.82
N ALA A 21 2.22 -11.48 -12.11
CA ALA A 21 2.49 -12.85 -12.54
C ALA A 21 3.97 -13.18 -12.36
N ASP A 22 4.84 -12.30 -12.85
CA ASP A 22 6.29 -12.51 -12.75
C ASP A 22 6.85 -11.77 -11.55
N VAL A 23 5.97 -11.12 -10.78
CA VAL A 23 6.39 -10.37 -9.60
C VAL A 23 5.73 -10.94 -8.35
N VAL A 24 6.53 -11.11 -7.29
CA VAL A 24 6.03 -11.64 -6.03
C VAL A 24 6.17 -10.61 -4.92
N VAL A 25 5.08 -10.36 -4.21
CA VAL A 25 5.07 -9.38 -3.11
C VAL A 25 4.77 -10.07 -1.78
N THR A 26 5.38 -9.57 -0.72
CA THR A 26 5.19 -10.14 0.62
C THR A 26 5.06 -9.03 1.66
N ALA A 27 4.46 -9.36 2.80
CA ALA A 27 4.28 -8.40 3.87
C ALA A 27 5.62 -7.82 4.28
N ASP A 28 6.68 -8.60 4.08
CA ASP A 28 8.03 -8.15 4.45
C ASP A 28 8.67 -7.42 3.29
N SER A 29 8.06 -7.49 2.11
CA SER A 29 8.59 -6.82 0.93
C SER A 29 8.53 -5.32 1.10
N GLU A 30 9.55 -4.62 0.59
CA GLU A 30 9.61 -3.16 0.68
C GLU A 30 9.15 -2.54 -0.63
N PHE A 31 8.45 -1.41 -0.52
CA PHE A 31 7.96 -0.72 -1.71
C PHE A 31 9.10 -0.38 -2.66
N SER A 32 10.25 -0.02 -2.09
CA SER A 32 11.41 0.31 -2.90
C SER A 32 11.90 -0.91 -3.67
N LYS A 33 11.84 -2.06 -3.03
CA LYS A 33 12.30 -3.30 -3.65
C LYS A 33 11.44 -3.63 -4.87
N LEU A 34 10.14 -3.40 -4.75
CA LEU A 34 9.23 -3.67 -5.85
C LEU A 34 9.52 -2.74 -7.03
N GLY A 35 10.19 -1.64 -6.75
CA GLY A 35 10.54 -0.67 -7.80
C GLY A 35 9.65 0.57 -7.71
N ALA A 36 8.84 0.64 -6.66
CA ALA A 36 7.96 1.78 -6.47
C ALA A 36 8.78 3.07 -6.31
N ASP A 37 8.72 3.92 -7.34
CA ASP A 37 9.45 5.19 -7.32
C ASP A 37 8.51 6.33 -6.98
N SER A 38 9.01 7.55 -7.14
CA SER A 38 8.21 8.73 -6.84
C SER A 38 6.98 8.78 -7.75
N LEU A 39 7.18 8.52 -9.02
CA LEU A 39 6.09 8.53 -10.00
C LEU A 39 5.10 7.44 -9.68
N ASP A 40 5.60 6.29 -9.24
CA ASP A 40 4.74 5.17 -8.91
C ASP A 40 4.17 5.31 -7.51
N THR A 41 5.05 5.60 -6.54
CA THR A 41 4.64 5.74 -5.15
C THR A 41 3.38 6.59 -5.02
N VAL A 42 3.36 7.71 -5.72
CA VAL A 42 2.20 8.59 -5.67
C VAL A 42 0.96 7.90 -6.22
N GLU A 43 1.15 7.07 -7.24
CA GLU A 43 0.05 6.35 -7.84
C GLU A 43 -0.50 5.31 -6.88
N ILE A 44 0.39 4.72 -6.08
CA ILE A 44 -0.01 3.70 -5.12
C ILE A 44 -1.00 4.28 -4.12
N VAL A 45 -0.68 5.42 -3.55
CA VAL A 45 -1.56 6.05 -2.57
C VAL A 45 -2.86 6.50 -3.24
N MET A 46 -2.75 7.09 -4.42
CA MET A 46 -3.93 7.57 -5.12
C MET A 46 -4.94 6.44 -5.33
N ASN A 47 -4.45 5.31 -5.81
CA ASN A 47 -5.33 4.16 -6.03
C ASN A 47 -5.93 3.66 -4.73
N LEU A 48 -5.10 3.55 -3.70
CA LEU A 48 -5.55 3.07 -2.42
C LEU A 48 -6.57 4.03 -1.81
N GLU A 49 -6.31 5.31 -1.93
CA GLU A 49 -7.22 6.31 -1.39
C GLU A 49 -8.60 6.18 -2.01
N GLU A 50 -8.63 5.90 -3.30
CA GLU A 50 -9.89 5.75 -4.02
C GLU A 50 -10.54 4.42 -3.68
N GLU A 51 -9.73 3.38 -3.49
CA GLU A 51 -10.25 2.07 -3.18
C GLU A 51 -10.91 2.05 -1.81
N PHE A 52 -10.23 2.60 -0.81
CA PHE A 52 -10.77 2.64 0.54
C PHE A 52 -11.47 3.98 0.81
N GLY A 53 -11.42 4.87 -0.17
CA GLY A 53 -12.05 6.18 -0.03
C GLY A 53 -11.55 6.90 1.22
N ILE A 54 -10.24 6.89 1.42
CA ILE A 54 -9.64 7.55 2.58
C ILE A 54 -8.81 8.76 2.15
N ASN A 55 -8.07 9.32 3.09
CA ASN A 55 -7.24 10.49 2.79
C ASN A 55 -6.10 10.59 3.79
N VAL A 56 -4.87 10.41 3.30
CA VAL A 56 -3.69 10.49 4.16
C VAL A 56 -2.55 11.17 3.42
N ASP A 57 -1.79 11.98 4.15
CA ASP A 57 -0.65 12.70 3.56
C ASP A 57 0.55 11.77 3.43
N GLU A 58 1.34 11.97 2.38
CA GLU A 58 2.52 11.15 2.15
C GLU A 58 3.55 11.36 3.26
N ASP A 59 3.60 12.58 3.78
CA ASP A 59 4.55 12.91 4.84
C ASP A 59 4.42 11.90 5.98
N LYS A 60 3.20 11.54 6.33
CA LYS A 60 2.96 10.59 7.40
C LYS A 60 3.19 9.17 6.90
N ALA A 61 3.29 9.01 5.60
CA ALA A 61 3.51 7.69 5.00
C ALA A 61 5.00 7.35 4.99
N GLN A 62 5.79 8.21 5.61
CA GLN A 62 7.24 8.00 5.66
C GLN A 62 7.58 6.78 6.52
N ASP A 63 6.83 6.60 7.60
CA ASP A 63 7.06 5.49 8.52
C ASP A 63 6.78 4.16 7.82
N ILE A 64 6.27 4.24 6.60
CA ILE A 64 5.96 3.04 5.83
C ILE A 64 7.22 2.46 5.24
N SER A 65 7.43 1.16 5.50
CA SER A 65 8.61 0.45 4.99
C SER A 65 8.20 -0.76 4.17
N THR A 66 7.14 -1.45 4.61
CA THR A 66 6.65 -2.64 3.90
C THR A 66 5.14 -2.56 3.72
N ILE A 67 4.59 -3.55 3.04
CA ILE A 67 3.15 -3.58 2.78
C ILE A 67 2.38 -3.58 4.09
N GLN A 68 2.79 -4.43 5.02
CA GLN A 68 2.12 -4.49 6.30
C GLN A 68 2.04 -3.11 6.95
N GLN A 69 3.13 -2.35 6.85
CA GLN A 69 3.17 -1.02 7.43
C GLN A 69 2.08 -0.15 6.83
N ALA A 70 1.92 -0.22 5.52
CA ALA A 70 0.89 0.56 4.83
C ALA A 70 -0.50 0.13 5.28
N ALA A 71 -0.68 -1.18 5.47
CA ALA A 71 -1.96 -1.71 5.90
C ALA A 71 -2.32 -1.22 7.30
N ASP A 72 -1.30 -1.12 8.16
CA ASP A 72 -1.51 -0.68 9.53
C ASP A 72 -2.07 0.74 9.56
N VAL A 73 -1.55 1.59 8.68
CA VAL A 73 -2.01 2.96 8.61
C VAL A 73 -3.38 3.06 7.94
N ILE A 74 -3.53 2.36 6.82
CA ILE A 74 -4.79 2.38 6.09
C ILE A 74 -5.93 1.79 6.92
N GLU A 75 -5.71 0.59 7.43
CA GLU A 75 -6.73 -0.09 8.23
C GLU A 75 -7.12 0.77 9.43
N GLY A 76 -6.16 1.52 9.95
CA GLY A 76 -6.41 2.39 11.10
C GLY A 76 -7.41 3.48 10.75
N LEU A 77 -7.35 3.97 9.50
CA LEU A 77 -8.25 5.03 9.07
C LEU A 77 -9.69 4.54 9.05
N LEU A 78 -9.89 3.33 8.55
CA LEU A 78 -11.22 2.75 8.47
C LEU A 78 -11.82 2.59 9.86
N GLU A 79 -10.99 2.18 10.80
CA GLU A 79 -11.44 1.99 12.16
C GLU A 79 -11.92 3.32 12.76
N LYS A 80 -11.25 4.39 12.36
CA LYS A 80 -11.59 5.72 12.86
C LYS A 80 -12.97 6.15 12.36
N LYS A 81 -13.04 6.55 11.10
CA LYS A 81 -14.29 6.98 10.51
C LYS A 81 -15.06 7.89 11.47
N ALA A 82 -16.31 8.17 11.14
CA ALA A 82 -17.13 9.04 11.98
C ALA A 82 -16.38 10.31 12.34
N ALA A 1 -3.53 -5.21 11.43
CA ALA A 1 -4.13 -5.45 10.09
C ALA A 1 -4.20 -6.95 9.82
N LYS A 2 -5.30 -7.40 9.22
CA LYS A 2 -5.48 -8.81 8.92
C LYS A 2 -4.80 -9.15 7.60
N LYS A 3 -4.74 -10.44 7.31
CA LYS A 3 -4.11 -10.91 6.08
C LYS A 3 -4.93 -10.46 4.87
N GLU A 4 -6.21 -10.24 5.07
CA GLU A 4 -7.09 -9.83 3.98
C GLU A 4 -6.71 -8.44 3.49
N THR A 5 -6.52 -7.52 4.43
CA THR A 5 -6.17 -6.14 4.09
C THR A 5 -4.84 -6.11 3.35
N ILE A 6 -3.89 -6.91 3.81
CA ILE A 6 -2.57 -6.95 3.19
C ILE A 6 -2.69 -7.36 1.72
N ASP A 7 -3.56 -8.34 1.46
CA ASP A 7 -3.74 -8.82 0.10
C ASP A 7 -4.27 -7.70 -0.80
N LYS A 8 -5.26 -6.96 -0.32
CA LYS A 8 -5.83 -5.88 -1.11
C LYS A 8 -4.78 -4.83 -1.46
N VAL A 9 -4.04 -4.39 -0.45
CA VAL A 9 -3.00 -3.40 -0.67
C VAL A 9 -1.91 -3.97 -1.57
N SER A 10 -1.50 -5.20 -1.28
CA SER A 10 -0.46 -5.85 -2.08
C SER A 10 -0.93 -6.11 -3.50
N ASP A 11 -2.20 -6.50 -3.63
CA ASP A 11 -2.77 -6.79 -4.95
C ASP A 11 -2.71 -5.55 -5.84
N ILE A 12 -3.09 -4.42 -5.28
CA ILE A 12 -3.07 -3.18 -6.05
C ILE A 12 -1.64 -2.72 -6.26
N VAL A 13 -0.82 -2.80 -5.21
CA VAL A 13 0.57 -2.36 -5.30
C VAL A 13 1.36 -3.16 -6.33
N LYS A 14 1.41 -4.47 -6.15
CA LYS A 14 2.13 -5.33 -7.06
C LYS A 14 1.71 -5.07 -8.49
N GLU A 15 0.41 -4.85 -8.69
CA GLU A 15 -0.12 -4.58 -10.01
C GLU A 15 0.31 -3.21 -10.50
N LYS A 16 0.44 -2.28 -9.57
CA LYS A 16 0.83 -0.91 -9.90
C LYS A 16 2.29 -0.84 -10.34
N LEU A 17 3.13 -1.66 -9.71
CA LEU A 17 4.55 -1.66 -10.03
C LEU A 17 4.88 -2.70 -11.09
N ALA A 18 3.90 -3.56 -11.40
CA ALA A 18 4.11 -4.60 -12.41
C ALA A 18 2.82 -5.34 -12.67
N LEU A 19 2.92 -6.52 -13.27
CA LEU A 19 1.73 -7.32 -13.58
C LEU A 19 1.34 -8.17 -12.37
N GLY A 20 2.31 -8.42 -11.50
CA GLY A 20 2.07 -9.22 -10.30
C GLY A 20 2.27 -10.71 -10.59
N ALA A 21 2.23 -11.07 -11.86
CA ALA A 21 2.41 -12.47 -12.26
C ALA A 21 3.86 -12.89 -12.09
N ASP A 22 4.77 -12.09 -12.65
CA ASP A 22 6.20 -12.38 -12.55
C ASP A 22 6.83 -11.69 -11.36
N VAL A 23 5.99 -11.06 -10.54
CA VAL A 23 6.47 -10.34 -9.35
C VAL A 23 5.81 -10.91 -8.10
N VAL A 24 6.62 -11.13 -7.08
CA VAL A 24 6.14 -11.67 -5.81
C VAL A 24 6.18 -10.59 -4.73
N VAL A 25 5.04 -10.40 -4.06
CA VAL A 25 4.92 -9.40 -3.01
C VAL A 25 4.62 -10.05 -1.66
N THR A 26 5.29 -9.58 -0.62
CA THR A 26 5.09 -10.13 0.74
C THR A 26 5.11 -9.00 1.76
N ALA A 27 4.52 -9.27 2.92
CA ALA A 27 4.47 -8.30 3.99
C ALA A 27 5.88 -7.85 4.36
N ASP A 28 6.85 -8.73 4.13
CA ASP A 28 8.24 -8.42 4.44
C ASP A 28 8.90 -7.66 3.29
N SER A 29 8.23 -7.64 2.14
CA SER A 29 8.78 -6.95 0.98
C SER A 29 8.56 -5.44 1.10
N GLU A 30 9.57 -4.66 0.72
CA GLU A 30 9.48 -3.21 0.79
C GLU A 30 8.90 -2.63 -0.50
N PHE A 31 8.50 -1.37 -0.45
CA PHE A 31 7.95 -0.72 -1.64
C PHE A 31 9.05 -0.45 -2.66
N SER A 32 10.20 0.00 -2.16
CA SER A 32 11.33 0.32 -3.03
C SER A 32 11.86 -0.90 -3.77
N LYS A 33 12.00 -2.00 -3.05
CA LYS A 33 12.51 -3.23 -3.63
C LYS A 33 11.61 -3.68 -4.78
N LEU A 34 10.36 -3.22 -4.77
CA LEU A 34 9.41 -3.59 -5.82
C LEU A 34 9.60 -2.71 -7.03
N GLY A 35 10.44 -1.69 -6.91
CA GLY A 35 10.70 -0.78 -8.01
C GLY A 35 9.87 0.49 -7.89
N ALA A 36 9.16 0.62 -6.78
CA ALA A 36 8.32 1.80 -6.56
C ALA A 36 9.12 3.07 -6.78
N ASP A 37 8.84 3.76 -7.89
CA ASP A 37 9.53 5.00 -8.21
C ASP A 37 8.73 6.20 -7.72
N SER A 38 9.22 7.39 -8.02
CA SER A 38 8.53 8.62 -7.61
C SER A 38 7.18 8.73 -8.29
N LEU A 39 7.11 8.35 -9.55
CA LEU A 39 5.87 8.42 -10.31
C LEU A 39 4.93 7.29 -9.89
N ASP A 40 5.50 6.25 -9.31
CA ASP A 40 4.70 5.12 -8.85
C ASP A 40 4.12 5.38 -7.47
N THR A 41 4.98 5.81 -6.54
CA THR A 41 4.56 6.06 -5.17
C THR A 41 3.26 6.87 -5.13
N VAL A 42 3.18 7.87 -5.98
CA VAL A 42 1.99 8.71 -6.04
C VAL A 42 0.79 7.89 -6.50
N GLU A 43 1.02 6.97 -7.42
CA GLU A 43 -0.04 6.13 -7.93
C GLU A 43 -0.54 5.19 -6.84
N ILE A 44 0.38 4.69 -6.03
CA ILE A 44 0.01 3.77 -4.97
C ILE A 44 -0.92 4.44 -3.96
N VAL A 45 -0.54 5.63 -3.53
CA VAL A 45 -1.35 6.35 -2.56
C VAL A 45 -2.69 6.77 -3.16
N MET A 46 -2.65 7.29 -4.38
CA MET A 46 -3.86 7.72 -5.05
C MET A 46 -4.84 6.57 -5.24
N ASN A 47 -4.33 5.43 -5.69
CA ASN A 47 -5.17 4.26 -5.90
C ASN A 47 -5.74 3.74 -4.59
N LEU A 48 -4.89 3.60 -3.58
CA LEU A 48 -5.33 3.10 -2.28
C LEU A 48 -6.32 4.06 -1.65
N GLU A 49 -6.03 5.35 -1.74
CA GLU A 49 -6.92 6.35 -1.16
C GLU A 49 -8.30 6.27 -1.79
N GLU A 50 -8.33 5.99 -3.08
CA GLU A 50 -9.59 5.88 -3.79
C GLU A 50 -10.29 4.57 -3.46
N GLU A 51 -9.52 3.50 -3.29
CA GLU A 51 -10.09 2.20 -2.99
C GLU A 51 -10.72 2.20 -1.60
N PHE A 52 -9.97 2.65 -0.61
CA PHE A 52 -10.46 2.69 0.76
C PHE A 52 -11.18 4.01 1.02
N GLY A 53 -11.19 4.88 0.03
CA GLY A 53 -11.86 6.18 0.17
C GLY A 53 -11.41 6.89 1.43
N ILE A 54 -10.09 7.04 1.59
CA ILE A 54 -9.53 7.71 2.76
C ILE A 54 -8.71 8.92 2.34
N ASN A 55 -7.94 9.46 3.28
CA ASN A 55 -7.11 10.63 3.00
C ASN A 55 -5.95 10.71 3.99
N VAL A 56 -4.75 10.44 3.49
CA VAL A 56 -3.55 10.48 4.33
C VAL A 56 -2.43 11.26 3.64
N ASP A 57 -1.71 12.05 4.42
CA ASP A 57 -0.62 12.85 3.88
C ASP A 57 0.59 11.96 3.58
N GLU A 58 1.33 12.33 2.55
CA GLU A 58 2.52 11.55 2.16
C GLU A 58 3.59 11.63 3.24
N ASP A 59 3.65 12.76 3.93
CA ASP A 59 4.64 12.95 4.98
C ASP A 59 4.39 11.95 6.12
N LYS A 60 3.12 11.74 6.45
CA LYS A 60 2.76 10.82 7.52
C LYS A 60 3.09 9.39 7.13
N ALA A 61 2.81 9.05 5.87
CA ALA A 61 3.07 7.70 5.38
C ALA A 61 4.57 7.47 5.18
N GLN A 62 5.38 8.33 5.79
CA GLN A 62 6.83 8.21 5.68
C GLN A 62 7.34 7.00 6.45
N ASP A 63 6.76 6.77 7.62
CA ASP A 63 7.16 5.64 8.45
C ASP A 63 6.87 4.32 7.74
N ILE A 64 6.27 4.40 6.56
CA ILE A 64 5.94 3.21 5.80
C ILE A 64 7.17 2.68 5.07
N SER A 65 7.46 1.40 5.27
CA SER A 65 8.61 0.76 4.63
C SER A 65 8.22 -0.59 4.05
N THR A 66 7.10 -1.13 4.53
CA THR A 66 6.61 -2.43 4.06
C THR A 66 5.11 -2.39 3.85
N ILE A 67 4.58 -3.43 3.20
CA ILE A 67 3.15 -3.50 2.95
C ILE A 67 2.37 -3.49 4.25
N GLN A 68 2.81 -4.28 5.21
CA GLN A 68 2.13 -4.34 6.50
C GLN A 68 2.00 -2.94 7.10
N GLN A 69 3.08 -2.17 7.06
CA GLN A 69 3.06 -0.83 7.62
C GLN A 69 1.98 0.00 6.93
N ALA A 70 1.91 -0.12 5.61
CA ALA A 70 0.92 0.63 4.85
C ALA A 70 -0.48 0.20 5.23
N ALA A 71 -0.67 -1.10 5.39
CA ALA A 71 -1.97 -1.64 5.75
C ALA A 71 -2.36 -1.22 7.17
N ASP A 72 -1.39 -1.28 8.07
CA ASP A 72 -1.64 -0.91 9.46
C ASP A 72 -2.14 0.52 9.57
N VAL A 73 -1.46 1.44 8.91
CA VAL A 73 -1.85 2.85 8.94
C VAL A 73 -3.24 3.01 8.34
N ILE A 74 -3.48 2.38 7.20
CA ILE A 74 -4.78 2.47 6.55
C ILE A 74 -5.88 1.95 7.47
N GLU A 75 -5.69 0.74 7.99
CA GLU A 75 -6.68 0.13 8.87
C GLU A 75 -7.09 1.10 9.96
N GLY A 76 -6.14 1.88 10.45
CA GLY A 76 -6.41 2.85 11.50
C GLY A 76 -7.45 3.86 11.05
N LEU A 77 -7.34 4.30 9.79
CA LEU A 77 -8.27 5.27 9.24
C LEU A 77 -9.68 4.70 9.18
N LEU A 78 -9.79 3.44 8.79
CA LEU A 78 -11.07 2.78 8.69
C LEU A 78 -11.75 2.73 10.07
N GLU A 79 -10.96 2.45 11.09
CA GLU A 79 -11.49 2.36 12.43
C GLU A 79 -12.04 3.72 12.88
N LYS A 80 -11.40 4.79 12.43
CA LYS A 80 -11.83 6.14 12.78
C LYS A 80 -13.23 6.42 12.23
N LYS A 81 -13.57 5.76 11.13
CA LYS A 81 -14.87 5.96 10.50
C LYS A 81 -15.98 5.57 11.46
N ALA A 82 -15.79 4.46 12.17
CA ALA A 82 -16.80 4.01 13.12
C ALA A 82 -16.32 2.74 13.82
N ALA A 1 -2.93 -5.53 11.17
CA ALA A 1 -3.83 -5.63 10.00
C ALA A 1 -4.09 -7.10 9.68
N LYS A 2 -5.30 -7.40 9.22
CA LYS A 2 -5.66 -8.76 8.89
C LYS A 2 -5.06 -9.15 7.53
N LYS A 3 -4.65 -10.40 7.43
CA LYS A 3 -4.06 -10.91 6.20
C LYS A 3 -4.94 -10.54 5.00
N GLU A 4 -6.18 -10.19 5.29
CA GLU A 4 -7.10 -9.80 4.22
C GLU A 4 -6.76 -8.42 3.68
N THR A 5 -6.58 -7.47 4.59
CA THR A 5 -6.26 -6.10 4.21
C THR A 5 -4.93 -6.06 3.45
N ILE A 6 -3.96 -6.81 3.94
CA ILE A 6 -2.65 -6.84 3.30
C ILE A 6 -2.77 -7.34 1.87
N ASP A 7 -3.59 -8.36 1.66
CA ASP A 7 -3.78 -8.92 0.34
C ASP A 7 -4.32 -7.86 -0.63
N LYS A 8 -5.28 -7.07 -0.16
CA LYS A 8 -5.86 -6.04 -1.01
C LYS A 8 -4.81 -5.01 -1.40
N VAL A 9 -4.05 -4.53 -0.43
CA VAL A 9 -3.02 -3.55 -0.70
C VAL A 9 -1.93 -4.16 -1.58
N SER A 10 -1.48 -5.36 -1.21
CA SER A 10 -0.43 -6.04 -1.96
C SER A 10 -0.86 -6.25 -3.41
N ASP A 11 -2.12 -6.62 -3.60
CA ASP A 11 -2.64 -6.86 -4.93
C ASP A 11 -2.58 -5.59 -5.76
N ILE A 12 -2.96 -4.47 -5.17
CA ILE A 12 -2.94 -3.20 -5.88
C ILE A 12 -1.49 -2.76 -6.14
N VAL A 13 -0.65 -2.92 -5.13
CA VAL A 13 0.76 -2.51 -5.25
C VAL A 13 1.49 -3.33 -6.30
N LYS A 14 1.38 -4.65 -6.20
CA LYS A 14 2.05 -5.54 -7.15
C LYS A 14 1.49 -5.35 -8.56
N GLU A 15 0.19 -5.12 -8.63
CA GLU A 15 -0.47 -4.94 -9.92
C GLU A 15 -0.07 -3.61 -10.54
N LYS A 16 0.09 -2.60 -9.69
CA LYS A 16 0.47 -1.28 -10.15
C LYS A 16 1.92 -1.24 -10.62
N LEU A 17 2.76 -2.01 -9.93
CA LEU A 17 4.18 -2.04 -10.26
C LEU A 17 4.50 -3.17 -11.24
N ALA A 18 3.50 -3.98 -11.53
CA ALA A 18 3.69 -5.09 -12.46
C ALA A 18 2.38 -5.83 -12.67
N LEU A 19 2.45 -6.98 -13.33
CA LEU A 19 1.27 -7.79 -13.59
C LEU A 19 0.96 -8.71 -12.40
N GLY A 20 1.97 -8.93 -11.57
CA GLY A 20 1.81 -9.78 -10.40
C GLY A 20 2.04 -11.25 -10.77
N ALA A 21 2.06 -11.54 -12.06
CA ALA A 21 2.26 -12.90 -12.53
C ALA A 21 3.67 -13.38 -12.18
N ASP A 22 4.66 -12.56 -12.50
CA ASP A 22 6.05 -12.91 -12.22
C ASP A 22 6.60 -12.08 -11.06
N VAL A 23 5.70 -11.38 -10.36
CA VAL A 23 6.09 -10.55 -9.22
C VAL A 23 5.31 -10.96 -7.98
N VAL A 24 6.00 -11.11 -6.86
CA VAL A 24 5.37 -11.50 -5.60
C VAL A 24 5.63 -10.44 -4.54
N VAL A 25 4.57 -10.02 -3.86
CA VAL A 25 4.67 -9.01 -2.81
C VAL A 25 4.27 -9.61 -1.46
N THR A 26 5.08 -9.34 -0.44
CA THR A 26 4.82 -9.85 0.91
C THR A 26 4.92 -8.73 1.93
N ALA A 27 4.43 -8.99 3.13
CA ALA A 27 4.47 -8.02 4.21
C ALA A 27 5.90 -7.59 4.49
N ASP A 28 6.84 -8.47 4.18
CA ASP A 28 8.25 -8.17 4.41
C ASP A 28 8.87 -7.47 3.20
N SER A 29 8.11 -7.39 2.12
CA SER A 29 8.60 -6.74 0.91
C SER A 29 8.55 -5.22 1.06
N GLU A 30 9.62 -4.55 0.67
CA GLU A 30 9.70 -3.09 0.75
C GLU A 30 9.25 -2.47 -0.56
N PHE A 31 8.54 -1.36 -0.47
CA PHE A 31 8.05 -0.67 -1.67
C PHE A 31 9.19 -0.38 -2.62
N SER A 32 10.32 0.05 -2.07
CA SER A 32 11.48 0.35 -2.89
C SER A 32 11.94 -0.89 -3.67
N LYS A 33 11.94 -2.06 -3.02
CA LYS A 33 12.37 -3.27 -3.64
C LYS A 33 11.52 -3.56 -4.88
N LEU A 34 10.22 -3.30 -4.77
CA LEU A 34 9.30 -3.56 -5.87
C LEU A 34 9.60 -2.62 -7.03
N GLY A 35 10.34 -1.56 -6.76
CA GLY A 35 10.71 -0.59 -7.78
C GLY A 35 9.87 0.68 -7.67
N ALA A 36 9.03 0.74 -6.63
CA ALA A 36 8.18 1.90 -6.43
C ALA A 36 9.03 3.16 -6.35
N ASP A 37 8.94 4.00 -7.39
CA ASP A 37 9.69 5.25 -7.43
C ASP A 37 8.90 6.38 -6.78
N SER A 38 9.44 7.59 -6.85
CA SER A 38 8.78 8.74 -6.26
C SER A 38 7.42 8.96 -6.91
N LEU A 39 7.40 8.98 -8.24
CA LEU A 39 6.16 9.18 -8.97
C LEU A 39 5.19 8.03 -8.73
N ASP A 40 5.71 6.81 -8.72
CA ASP A 40 4.89 5.64 -8.50
C ASP A 40 4.27 5.67 -7.11
N THR A 41 5.08 6.01 -6.11
CA THR A 41 4.59 6.07 -4.74
C THR A 41 3.25 6.79 -4.67
N VAL A 42 3.14 7.85 -5.44
CA VAL A 42 1.89 8.63 -5.46
C VAL A 42 0.76 7.79 -6.03
N GLU A 43 1.04 7.07 -7.11
CA GLU A 43 0.03 6.24 -7.74
C GLU A 43 -0.46 5.17 -6.77
N ILE A 44 0.45 4.62 -5.97
CA ILE A 44 0.10 3.59 -5.01
C ILE A 44 -0.88 4.13 -3.98
N VAL A 45 -0.56 5.27 -3.42
CA VAL A 45 -1.41 5.89 -2.42
C VAL A 45 -2.71 6.37 -3.05
N MET A 46 -2.59 6.99 -4.22
CA MET A 46 -3.77 7.51 -4.90
C MET A 46 -4.80 6.41 -5.14
N ASN A 47 -4.33 5.28 -5.65
CA ASN A 47 -5.23 4.16 -5.91
C ASN A 47 -5.82 3.62 -4.61
N LEU A 48 -4.98 3.49 -3.60
CA LEU A 48 -5.45 2.97 -2.31
C LEU A 48 -6.46 3.92 -1.68
N GLU A 49 -6.17 5.20 -1.74
CA GLU A 49 -7.08 6.19 -1.18
C GLU A 49 -8.45 6.10 -1.85
N GLU A 50 -8.44 5.84 -3.14
CA GLU A 50 -9.67 5.72 -3.90
C GLU A 50 -10.36 4.39 -3.60
N GLU A 51 -9.57 3.33 -3.45
CA GLU A 51 -10.12 2.01 -3.19
C GLU A 51 -10.77 1.96 -1.81
N PHE A 52 -10.08 2.50 -0.82
CA PHE A 52 -10.59 2.51 0.55
C PHE A 52 -11.32 3.81 0.84
N GLY A 53 -11.29 4.74 -0.11
CA GLY A 53 -11.97 6.01 0.05
C GLY A 53 -11.48 6.73 1.29
N ILE A 54 -10.15 6.86 1.41
CA ILE A 54 -9.54 7.54 2.55
C ILE A 54 -8.59 8.63 2.09
N ASN A 55 -7.78 9.15 3.01
CA ASN A 55 -6.82 10.20 2.69
C ASN A 55 -5.57 10.05 3.54
N VAL A 56 -4.43 9.83 2.89
CA VAL A 56 -3.16 9.68 3.60
C VAL A 56 -2.13 10.69 3.08
N ASP A 57 -1.52 11.42 3.99
CA ASP A 57 -0.51 12.40 3.63
C ASP A 57 0.84 11.74 3.43
N GLU A 58 1.68 12.34 2.59
CA GLU A 58 3.00 11.80 2.31
C GLU A 58 3.85 11.80 3.58
N ASP A 59 3.56 12.74 4.47
CA ASP A 59 4.30 12.85 5.73
C ASP A 59 4.13 11.59 6.56
N LYS A 60 2.92 11.03 6.57
CA LYS A 60 2.65 9.82 7.33
C LYS A 60 3.18 8.60 6.59
N ALA A 61 3.51 8.77 5.32
CA ALA A 61 4.03 7.67 4.51
C ALA A 61 5.55 7.57 4.67
N GLN A 62 6.12 8.42 5.51
CA GLN A 62 7.56 8.44 5.74
C GLN A 62 8.00 7.17 6.47
N ASP A 63 7.35 6.89 7.59
CA ASP A 63 7.67 5.71 8.39
C ASP A 63 7.40 4.44 7.60
N ILE A 64 6.43 4.50 6.68
CA ILE A 64 6.08 3.34 5.88
C ILE A 64 7.28 2.86 5.09
N SER A 65 7.62 1.59 5.26
CA SER A 65 8.75 0.98 4.56
C SER A 65 8.37 -0.36 3.98
N THR A 66 7.28 -0.94 4.49
CA THR A 66 6.81 -2.25 4.02
C THR A 66 5.31 -2.21 3.81
N ILE A 67 4.79 -3.24 3.14
CA ILE A 67 3.36 -3.32 2.88
C ILE A 67 2.56 -3.36 4.18
N GLN A 68 3.04 -4.15 5.12
CA GLN A 68 2.35 -4.26 6.41
C GLN A 68 2.20 -2.89 7.05
N GLN A 69 3.27 -2.11 7.02
CA GLN A 69 3.24 -0.79 7.61
C GLN A 69 2.14 0.05 6.96
N ALA A 70 2.02 -0.07 5.65
CA ALA A 70 1.00 0.67 4.92
C ALA A 70 -0.40 0.22 5.34
N ALA A 71 -0.55 -1.08 5.55
CA ALA A 71 -1.83 -1.64 5.98
C ALA A 71 -2.19 -1.17 7.38
N ASP A 72 -1.18 -1.08 8.24
CA ASP A 72 -1.40 -0.65 9.62
C ASP A 72 -1.98 0.76 9.65
N VAL A 73 -1.43 1.64 8.84
CA VAL A 73 -1.91 3.01 8.78
C VAL A 73 -3.29 3.07 8.13
N ILE A 74 -3.46 2.31 7.04
CA ILE A 74 -4.72 2.30 6.33
C ILE A 74 -5.82 1.64 7.17
N GLU A 75 -5.62 0.39 7.53
CA GLU A 75 -6.61 -0.33 8.32
C GLU A 75 -7.03 0.50 9.52
N GLY A 76 -6.12 1.32 10.02
CA GLY A 76 -6.42 2.16 11.17
C GLY A 76 -7.48 3.20 10.83
N LEU A 77 -7.37 3.77 9.64
CA LEU A 77 -8.33 4.78 9.19
C LEU A 77 -9.72 4.19 9.07
N LEU A 78 -9.80 2.98 8.54
CA LEU A 78 -11.07 2.31 8.37
C LEU A 78 -11.76 2.11 9.72
N GLU A 79 -10.97 1.71 10.71
CA GLU A 79 -11.51 1.49 12.05
C GLU A 79 -11.94 2.81 12.68
N LYS A 80 -11.17 3.86 12.41
CA LYS A 80 -11.47 5.18 12.96
C LYS A 80 -12.84 5.65 12.49
N LYS A 81 -13.12 5.48 11.20
CA LYS A 81 -14.39 5.90 10.64
C LYS A 81 -15.42 4.78 10.75
N ALA A 82 -16.64 5.06 10.32
CA ALA A 82 -17.71 4.06 10.38
C ALA A 82 -17.20 2.69 9.96
N ALA A 1 -2.41 -5.08 10.82
CA ALA A 1 -3.43 -5.41 9.79
C ALA A 1 -3.48 -6.92 9.58
N LYS A 2 -4.61 -7.41 9.10
CA LYS A 2 -4.78 -8.84 8.86
C LYS A 2 -4.26 -9.22 7.48
N LYS A 3 -4.17 -10.52 7.22
CA LYS A 3 -3.69 -11.00 5.93
C LYS A 3 -4.63 -10.58 4.81
N GLU A 4 -5.90 -10.41 5.15
CA GLU A 4 -6.89 -10.00 4.15
C GLU A 4 -6.61 -8.61 3.63
N THR A 5 -6.36 -7.68 4.56
CA THR A 5 -6.08 -6.29 4.18
C THR A 5 -4.79 -6.22 3.37
N ILE A 6 -3.76 -6.93 3.83
CA ILE A 6 -2.48 -6.94 3.13
C ILE A 6 -2.66 -7.37 1.68
N ASP A 7 -3.58 -8.31 1.45
CA ASP A 7 -3.83 -8.80 0.10
C ASP A 7 -4.37 -7.68 -0.78
N LYS A 8 -5.28 -6.88 -0.23
CA LYS A 8 -5.87 -5.79 -0.99
C LYS A 8 -4.81 -4.78 -1.39
N VAL A 9 -4.07 -4.28 -0.41
CA VAL A 9 -3.02 -3.31 -0.69
C VAL A 9 -1.92 -3.91 -1.56
N SER A 10 -1.47 -5.10 -1.19
CA SER A 10 -0.43 -5.79 -1.94
C SER A 10 -0.88 -6.05 -3.36
N ASP A 11 -2.14 -6.43 -3.52
CA ASP A 11 -2.68 -6.73 -4.84
C ASP A 11 -2.61 -5.50 -5.74
N ILE A 12 -3.02 -4.36 -5.21
CA ILE A 12 -3.00 -3.12 -5.98
C ILE A 12 -1.57 -2.66 -6.22
N VAL A 13 -0.73 -2.75 -5.18
CA VAL A 13 0.64 -2.30 -5.30
C VAL A 13 1.39 -3.06 -6.36
N LYS A 14 1.38 -4.39 -6.26
CA LYS A 14 2.09 -5.22 -7.23
C LYS A 14 1.50 -5.07 -8.62
N GLU A 15 0.20 -4.84 -8.68
CA GLU A 15 -0.48 -4.65 -9.95
C GLU A 15 -0.03 -3.37 -10.62
N LYS A 16 0.20 -2.34 -9.81
CA LYS A 16 0.64 -1.05 -10.34
C LYS A 16 2.09 -1.09 -10.75
N LEU A 17 2.89 -1.89 -10.04
CA LEU A 17 4.31 -2.00 -10.33
C LEU A 17 4.60 -3.19 -11.22
N ALA A 18 3.56 -3.96 -11.53
CA ALA A 18 3.71 -5.13 -12.38
C ALA A 18 2.36 -5.79 -12.64
N LEU A 19 2.39 -6.95 -13.28
CA LEU A 19 1.16 -7.68 -13.57
C LEU A 19 0.62 -8.38 -12.32
N GLY A 20 1.52 -8.65 -11.38
CA GLY A 20 1.13 -9.31 -10.14
C GLY A 20 1.08 -10.82 -10.31
N ALA A 21 1.47 -11.29 -11.49
CA ALA A 21 1.48 -12.72 -11.77
C ALA A 21 2.86 -13.32 -11.54
N ASP A 22 3.84 -12.85 -12.28
CA ASP A 22 5.20 -13.34 -12.15
C ASP A 22 5.94 -12.58 -11.07
N VAL A 23 5.20 -11.84 -10.25
CA VAL A 23 5.81 -11.07 -9.17
C VAL A 23 5.27 -11.52 -7.82
N VAL A 24 6.18 -11.74 -6.87
CA VAL A 24 5.78 -12.18 -5.53
C VAL A 24 5.79 -11.01 -4.57
N VAL A 25 4.68 -10.82 -3.85
CA VAL A 25 4.57 -9.73 -2.90
C VAL A 25 4.40 -10.26 -1.49
N THR A 26 5.11 -9.66 -0.53
CA THR A 26 5.02 -10.09 0.86
C THR A 26 5.07 -8.88 1.80
N ALA A 27 4.58 -9.07 3.02
CA ALA A 27 4.57 -8.00 3.99
C ALA A 27 5.99 -7.46 4.21
N ASP A 28 6.97 -8.33 4.04
CA ASP A 28 8.37 -7.93 4.22
C ASP A 28 8.89 -7.23 2.97
N SER A 29 8.09 -7.25 1.91
CA SER A 29 8.49 -6.61 0.67
C SER A 29 8.45 -5.10 0.80
N GLU A 30 9.51 -4.43 0.36
CA GLU A 30 9.58 -2.98 0.43
C GLU A 30 9.10 -2.36 -0.87
N PHE A 31 8.50 -1.17 -0.77
CA PHE A 31 7.99 -0.48 -1.95
C PHE A 31 9.13 -0.16 -2.92
N SER A 32 10.26 0.28 -2.36
CA SER A 32 11.42 0.62 -3.18
C SER A 32 11.90 -0.60 -3.96
N LYS A 33 11.92 -1.76 -3.29
CA LYS A 33 12.37 -2.98 -3.93
C LYS A 33 11.47 -3.35 -5.10
N LEU A 34 10.17 -3.12 -4.94
CA LEU A 34 9.22 -3.44 -6.00
C LEU A 34 9.45 -2.54 -7.21
N GLY A 35 10.29 -1.52 -7.04
CA GLY A 35 10.58 -0.61 -8.13
C GLY A 35 9.77 0.68 -8.01
N ALA A 36 9.04 0.80 -6.91
CA ALA A 36 8.22 1.98 -6.68
C ALA A 36 9.09 3.23 -6.57
N ASP A 37 9.03 4.09 -7.58
CA ASP A 37 9.82 5.31 -7.58
C ASP A 37 9.03 6.45 -6.92
N SER A 38 9.61 7.65 -6.94
CA SER A 38 8.96 8.80 -6.35
C SER A 38 7.61 9.06 -7.02
N LEU A 39 7.60 9.04 -8.35
CA LEU A 39 6.36 9.28 -9.10
C LEU A 39 5.37 8.13 -8.86
N ASP A 40 5.88 6.90 -8.86
CA ASP A 40 5.02 5.75 -8.63
C ASP A 40 4.40 5.78 -7.24
N THR A 41 5.24 6.07 -6.25
CA THR A 41 4.76 6.11 -4.86
C THR A 41 3.46 6.91 -4.78
N VAL A 42 3.37 7.98 -5.55
CA VAL A 42 2.18 8.81 -5.56
C VAL A 42 0.98 8.03 -6.09
N GLU A 43 1.21 7.28 -7.17
CA GLU A 43 0.15 6.49 -7.78
C GLU A 43 -0.36 5.42 -6.82
N ILE A 44 0.56 4.84 -6.05
CA ILE A 44 0.20 3.79 -5.11
C ILE A 44 -0.80 4.31 -4.08
N VAL A 45 -0.45 5.42 -3.44
CA VAL A 45 -1.32 6.00 -2.42
C VAL A 45 -2.59 6.56 -3.05
N MET A 46 -2.47 7.09 -4.25
CA MET A 46 -3.61 7.65 -4.95
C MET A 46 -4.67 6.58 -5.20
N ASN A 47 -4.24 5.43 -5.68
CA ASN A 47 -5.16 4.34 -5.96
C ASN A 47 -5.76 3.79 -4.67
N LEU A 48 -4.91 3.63 -3.66
CA LEU A 48 -5.38 3.09 -2.39
C LEU A 48 -6.38 4.04 -1.74
N GLU A 49 -6.09 5.34 -1.80
CA GLU A 49 -6.98 6.33 -1.23
C GLU A 49 -8.34 6.28 -1.91
N GLU A 50 -8.34 6.06 -3.22
CA GLU A 50 -9.57 6.00 -3.98
C GLU A 50 -10.29 4.67 -3.73
N GLU A 51 -9.51 3.61 -3.59
CA GLU A 51 -10.08 2.28 -3.37
C GLU A 51 -10.85 2.23 -2.06
N PHE A 52 -10.21 2.71 -0.99
CA PHE A 52 -10.85 2.72 0.33
C PHE A 52 -11.52 4.05 0.59
N GLY A 53 -11.31 5.00 -0.30
CA GLY A 53 -11.92 6.32 -0.15
C GLY A 53 -11.44 7.01 1.11
N ILE A 54 -10.15 6.86 1.40
CA ILE A 54 -9.56 7.48 2.58
C ILE A 54 -8.66 8.64 2.18
N ASN A 55 -7.88 9.14 3.14
CA ASN A 55 -6.97 10.25 2.87
C ASN A 55 -5.74 10.15 3.78
N VAL A 56 -4.56 10.17 3.16
CA VAL A 56 -3.31 10.09 3.91
C VAL A 56 -2.31 11.11 3.39
N ASP A 57 -1.67 11.83 4.30
CA ASP A 57 -0.68 12.83 3.92
C ASP A 57 0.63 12.15 3.56
N GLU A 58 1.41 12.81 2.70
CA GLU A 58 2.69 12.27 2.28
C GLU A 58 3.66 12.21 3.46
N ASP A 59 3.57 13.20 4.34
CA ASP A 59 4.45 13.25 5.50
C ASP A 59 4.19 12.06 6.41
N LYS A 60 2.94 11.70 6.57
CA LYS A 60 2.56 10.57 7.41
C LYS A 60 3.05 9.26 6.81
N ALA A 61 3.01 9.18 5.49
CA ALA A 61 3.44 7.96 4.79
C ALA A 61 4.95 7.82 4.84
N GLN A 62 5.60 8.67 5.63
CA GLN A 62 7.06 8.63 5.76
C GLN A 62 7.49 7.41 6.55
N ASP A 63 6.74 7.09 7.61
CA ASP A 63 7.06 5.96 8.46
C ASP A 63 6.76 4.65 7.74
N ILE A 64 6.27 4.76 6.50
CA ILE A 64 5.94 3.57 5.71
C ILE A 64 7.15 3.10 4.92
N SER A 65 7.52 1.84 5.10
CA SER A 65 8.67 1.27 4.40
C SER A 65 8.29 -0.08 3.80
N THR A 66 7.28 -0.72 4.37
CA THR A 66 6.83 -2.02 3.88
C THR A 66 5.32 -2.03 3.69
N ILE A 67 4.82 -3.08 3.04
CA ILE A 67 3.39 -3.19 2.79
C ILE A 67 2.61 -3.22 4.09
N GLN A 68 3.10 -4.00 5.05
CA GLN A 68 2.44 -4.11 6.34
C GLN A 68 2.24 -2.73 6.96
N GLN A 69 3.30 -1.93 6.95
CA GLN A 69 3.23 -0.58 7.50
C GLN A 69 2.11 0.21 6.83
N ALA A 70 2.03 0.12 5.51
CA ALA A 70 0.99 0.83 4.77
C ALA A 70 -0.39 0.31 5.16
N ALA A 71 -0.50 -1.00 5.34
CA ALA A 71 -1.77 -1.61 5.73
C ALA A 71 -2.11 -1.25 7.18
N ASP A 72 -1.09 -1.15 8.01
CA ASP A 72 -1.28 -0.82 9.42
C ASP A 72 -1.94 0.55 9.56
N VAL A 73 -1.51 1.48 8.72
CA VAL A 73 -2.07 2.83 8.75
C VAL A 73 -3.45 2.88 8.11
N ILE A 74 -3.57 2.23 6.96
CA ILE A 74 -4.84 2.21 6.25
C ILE A 74 -5.93 1.52 7.05
N GLU A 75 -5.66 0.29 7.47
CA GLU A 75 -6.63 -0.49 8.23
C GLU A 75 -7.17 0.34 9.39
N GLY A 76 -6.32 1.16 9.98
CA GLY A 76 -6.73 1.99 11.10
C GLY A 76 -7.84 2.95 10.69
N LEU A 77 -7.69 3.55 9.52
CA LEU A 77 -8.70 4.49 9.02
C LEU A 77 -10.02 3.78 8.76
N LEU A 78 -9.94 2.56 8.23
CA LEU A 78 -11.15 1.79 7.94
C LEU A 78 -11.93 1.53 9.21
N GLU A 79 -11.23 1.24 10.30
CA GLU A 79 -11.88 0.97 11.57
C GLU A 79 -12.76 2.14 11.98
N LYS A 80 -12.35 3.34 11.62
CA LYS A 80 -13.11 4.54 11.94
C LYS A 80 -14.47 4.53 11.24
N LYS A 81 -14.50 3.94 10.05
CA LYS A 81 -15.73 3.89 9.27
C LYS A 81 -16.91 3.51 10.16
N ALA A 82 -16.71 2.50 11.00
CA ALA A 82 -17.77 2.05 11.89
C ALA A 82 -17.23 1.02 12.88
N ALA A 1 -3.40 -4.86 11.60
CA ALA A 1 -3.78 -5.23 10.21
C ALA A 1 -4.00 -6.74 10.14
N LYS A 2 -4.55 -7.20 9.02
CA LYS A 2 -4.80 -8.64 8.82
C LYS A 2 -4.32 -9.07 7.45
N LYS A 3 -4.14 -10.38 7.29
CA LYS A 3 -3.67 -10.92 6.03
C LYS A 3 -4.60 -10.53 4.89
N GLU A 4 -5.87 -10.30 5.22
CA GLU A 4 -6.85 -9.92 4.21
C GLU A 4 -6.55 -8.53 3.67
N THR A 5 -6.38 -7.57 4.58
CA THR A 5 -6.09 -6.19 4.18
C THR A 5 -4.76 -6.12 3.42
N ILE A 6 -3.82 -6.93 3.84
CA ILE A 6 -2.50 -6.95 3.20
C ILE A 6 -2.64 -7.33 1.73
N ASP A 7 -3.49 -8.32 1.46
CA ASP A 7 -3.69 -8.77 0.09
C ASP A 7 -4.25 -7.65 -0.78
N LYS A 8 -5.20 -6.91 -0.22
CA LYS A 8 -5.82 -5.82 -0.96
C LYS A 8 -4.80 -4.76 -1.35
N VAL A 9 -4.02 -4.31 -0.37
CA VAL A 9 -3.01 -3.30 -0.62
C VAL A 9 -1.92 -3.85 -1.54
N SER A 10 -1.45 -5.06 -1.28
CA SER A 10 -0.41 -5.65 -2.09
C SER A 10 -0.87 -5.81 -3.52
N ASP A 11 -2.05 -6.40 -3.72
CA ASP A 11 -2.58 -6.61 -5.05
C ASP A 11 -2.49 -5.34 -5.88
N ILE A 12 -2.91 -4.24 -5.30
CA ILE A 12 -2.88 -2.97 -6.00
C ILE A 12 -1.43 -2.52 -6.22
N VAL A 13 -0.60 -2.69 -5.20
CA VAL A 13 0.79 -2.27 -5.29
C VAL A 13 1.54 -3.04 -6.38
N LYS A 14 1.41 -4.36 -6.35
CA LYS A 14 2.08 -5.20 -7.33
C LYS A 14 1.48 -5.01 -8.71
N GLU A 15 0.19 -4.73 -8.75
CA GLU A 15 -0.51 -4.52 -10.01
C GLU A 15 -0.02 -3.25 -10.69
N LYS A 16 0.20 -2.21 -9.90
CA LYS A 16 0.66 -0.94 -10.43
C LYS A 16 2.13 -1.02 -10.79
N LEU A 17 2.89 -1.80 -10.02
CA LEU A 17 4.32 -1.93 -10.26
C LEU A 17 4.61 -3.12 -11.16
N ALA A 18 3.56 -3.81 -11.56
CA ALA A 18 3.73 -4.98 -12.44
C ALA A 18 2.39 -5.65 -12.69
N LEU A 19 2.42 -6.80 -13.34
CA LEU A 19 1.20 -7.55 -13.64
C LEU A 19 0.62 -8.16 -12.36
N GLY A 20 1.49 -8.39 -11.39
CA GLY A 20 1.06 -8.98 -10.12
C GLY A 20 1.16 -10.49 -10.15
N ALA A 21 1.13 -11.06 -11.37
CA ALA A 21 1.22 -12.51 -11.53
C ALA A 21 2.68 -12.94 -11.67
N ASP A 22 3.50 -12.08 -12.27
CA ASP A 22 4.91 -12.38 -12.46
C ASP A 22 5.74 -11.85 -11.30
N VAL A 23 5.07 -11.27 -10.31
CA VAL A 23 5.76 -10.72 -9.15
C VAL A 23 5.09 -11.19 -7.87
N VAL A 24 5.88 -11.30 -6.80
CA VAL A 24 5.35 -11.73 -5.50
C VAL A 24 5.88 -10.83 -4.39
N VAL A 25 4.96 -10.18 -3.67
CA VAL A 25 5.34 -9.29 -2.58
C VAL A 25 4.79 -9.83 -1.25
N THR A 26 5.48 -9.52 -0.17
CA THR A 26 5.05 -9.97 1.16
C THR A 26 5.18 -8.84 2.17
N ALA A 27 4.56 -9.04 3.34
CA ALA A 27 4.60 -8.04 4.38
C ALA A 27 6.03 -7.60 4.64
N ASP A 28 6.98 -8.34 4.09
CA ASP A 28 8.39 -8.03 4.26
C ASP A 28 8.95 -7.32 3.03
N SER A 29 8.16 -7.28 1.96
CA SER A 29 8.58 -6.62 0.74
C SER A 29 8.55 -5.10 0.89
N GLU A 30 9.67 -4.46 0.57
CA GLU A 30 9.75 -3.00 0.68
C GLU A 30 9.31 -2.36 -0.62
N PHE A 31 8.60 -1.24 -0.51
CA PHE A 31 8.12 -0.52 -1.70
C PHE A 31 9.27 -0.17 -2.62
N SER A 32 10.39 0.26 -2.04
CA SER A 32 11.56 0.63 -2.83
C SER A 32 12.04 -0.55 -3.67
N LYS A 33 12.03 -1.74 -3.07
CA LYS A 33 12.46 -2.94 -3.76
C LYS A 33 11.56 -3.24 -4.95
N LEU A 34 10.27 -3.00 -4.79
CA LEU A 34 9.31 -3.25 -5.85
C LEU A 34 9.57 -2.34 -7.03
N GLY A 35 10.33 -1.27 -6.80
CA GLY A 35 10.66 -0.33 -7.86
C GLY A 35 9.82 0.94 -7.76
N ALA A 36 9.07 1.06 -6.66
CA ALA A 36 8.23 2.23 -6.46
C ALA A 36 9.05 3.50 -6.54
N ASP A 37 8.86 4.24 -7.62
CA ASP A 37 9.59 5.50 -7.82
C ASP A 37 8.77 6.68 -7.30
N SER A 38 9.29 7.89 -7.49
CA SER A 38 8.60 9.08 -7.03
C SER A 38 7.24 9.20 -7.69
N LEU A 39 7.19 9.00 -9.00
CA LEU A 39 5.94 9.08 -9.74
C LEU A 39 5.00 7.95 -9.32
N ASP A 40 5.58 6.79 -9.07
CA ASP A 40 4.80 5.62 -8.67
C ASP A 40 4.36 5.74 -7.21
N THR A 41 5.30 6.10 -6.34
CA THR A 41 5.02 6.20 -4.92
C THR A 41 3.72 6.95 -4.68
N VAL A 42 3.54 8.05 -5.39
CA VAL A 42 2.32 8.84 -5.26
C VAL A 42 1.14 8.09 -5.87
N GLU A 43 1.41 7.32 -6.93
CA GLU A 43 0.36 6.57 -7.59
C GLU A 43 -0.17 5.46 -6.68
N ILE A 44 0.72 4.89 -5.89
CA ILE A 44 0.34 3.82 -4.97
C ILE A 44 -0.68 4.33 -3.97
N VAL A 45 -0.39 5.48 -3.38
CA VAL A 45 -1.28 6.07 -2.41
C VAL A 45 -2.59 6.51 -3.06
N MET A 46 -2.47 7.12 -4.23
CA MET A 46 -3.65 7.61 -4.94
C MET A 46 -4.64 6.48 -5.19
N ASN A 47 -4.15 5.35 -5.68
CA ASN A 47 -5.01 4.20 -5.95
C ASN A 47 -5.62 3.68 -4.66
N LEU A 48 -4.80 3.58 -3.62
CA LEU A 48 -5.27 3.08 -2.34
C LEU A 48 -6.32 4.01 -1.73
N GLU A 49 -6.04 5.31 -1.81
CA GLU A 49 -6.96 6.29 -1.25
C GLU A 49 -8.32 6.19 -1.91
N GLU A 50 -8.33 6.00 -3.22
CA GLU A 50 -9.58 5.89 -3.96
C GLU A 50 -10.24 4.55 -3.70
N GLU A 51 -9.43 3.51 -3.53
CA GLU A 51 -9.97 2.18 -3.31
C GLU A 51 -10.69 2.10 -1.97
N PHE A 52 -10.07 2.65 -0.93
CA PHE A 52 -10.66 2.63 0.41
C PHE A 52 -11.33 3.97 0.71
N GLY A 53 -11.19 4.92 -0.20
CA GLY A 53 -11.80 6.23 -0.01
C GLY A 53 -11.26 6.91 1.23
N ILE A 54 -9.94 6.93 1.37
CA ILE A 54 -9.29 7.57 2.52
C ILE A 54 -8.31 8.64 2.06
N ASN A 55 -7.93 9.53 2.97
CA ASN A 55 -6.99 10.60 2.65
C ASN A 55 -5.75 10.50 3.52
N VAL A 56 -4.61 10.24 2.89
CA VAL A 56 -3.35 10.11 3.63
C VAL A 56 -2.28 11.01 3.01
N ASP A 57 -1.61 11.78 3.85
CA ASP A 57 -0.55 12.67 3.38
C ASP A 57 0.76 11.93 3.27
N GLU A 58 1.55 12.27 2.24
CA GLU A 58 2.84 11.62 2.03
C GLU A 58 3.75 11.83 3.23
N ASP A 59 3.54 12.93 3.94
CA ASP A 59 4.35 13.24 5.12
C ASP A 59 4.14 12.20 6.21
N LYS A 60 2.90 11.74 6.37
CA LYS A 60 2.59 10.74 7.38
C LYS A 60 2.87 9.34 6.85
N ALA A 61 3.07 9.23 5.54
CA ALA A 61 3.35 7.95 4.92
C ALA A 61 4.84 7.65 4.95
N GLN A 62 5.60 8.50 5.64
CA GLN A 62 7.05 8.33 5.73
C GLN A 62 7.40 7.12 6.58
N ASP A 63 6.69 6.96 7.69
CA ASP A 63 6.93 5.85 8.60
C ASP A 63 6.66 4.52 7.90
N ILE A 64 6.29 4.59 6.63
CA ILE A 64 6.01 3.39 5.85
C ILE A 64 7.28 2.80 5.27
N SER A 65 7.48 1.50 5.48
CA SER A 65 8.67 0.82 4.97
C SER A 65 8.28 -0.43 4.21
N THR A 66 7.25 -1.14 4.69
CA THR A 66 6.80 -2.37 4.04
C THR A 66 5.28 -2.33 3.84
N ILE A 67 4.76 -3.36 3.21
CA ILE A 67 3.32 -3.43 2.95
C ILE A 67 2.54 -3.38 4.25
N GLN A 68 2.98 -4.15 5.23
CA GLN A 68 2.31 -4.17 6.51
C GLN A 68 2.20 -2.76 7.11
N GLN A 69 3.28 -2.01 7.02
CA GLN A 69 3.30 -0.66 7.56
C GLN A 69 2.18 0.17 6.94
N ALA A 70 2.04 0.05 5.62
CA ALA A 70 1.00 0.80 4.92
C ALA A 70 -0.39 0.29 5.33
N ALA A 71 -0.51 -1.03 5.48
CA ALA A 71 -1.78 -1.62 5.88
C ALA A 71 -2.16 -1.22 7.30
N ASP A 72 -1.15 -1.09 8.15
CA ASP A 72 -1.38 -0.70 9.54
C ASP A 72 -2.01 0.69 9.61
N VAL A 73 -1.54 1.58 8.76
CA VAL A 73 -2.06 2.95 8.72
C VAL A 73 -3.42 2.98 8.03
N ILE A 74 -3.51 2.31 6.88
CA ILE A 74 -4.75 2.28 6.12
C ILE A 74 -5.87 1.62 6.92
N GLU A 75 -5.60 0.41 7.41
CA GLU A 75 -6.60 -0.33 8.16
C GLU A 75 -7.09 0.49 9.35
N GLY A 76 -6.19 1.26 9.94
CA GLY A 76 -6.54 2.09 11.09
C GLY A 76 -7.63 3.09 10.73
N LEU A 77 -7.52 3.69 9.55
CA LEU A 77 -8.50 4.66 9.09
C LEU A 77 -9.86 4.01 8.89
N LEU A 78 -9.85 2.80 8.33
CA LEU A 78 -11.08 2.07 8.08
C LEU A 78 -11.82 1.82 9.38
N GLU A 79 -11.07 1.50 10.43
CA GLU A 79 -11.69 1.22 11.72
C GLU A 79 -12.48 2.43 12.21
N LYS A 80 -11.94 3.64 11.96
CA LYS A 80 -12.61 4.85 12.37
C LYS A 80 -13.96 5.00 11.66
N LYS A 81 -13.99 4.63 10.40
CA LYS A 81 -15.21 4.74 9.61
C LYS A 81 -16.37 4.04 10.33
N ALA A 82 -17.57 4.21 9.81
CA ALA A 82 -18.75 3.60 10.40
C ALA A 82 -18.46 2.16 10.82
N ALA A 1 -2.14 -5.33 10.65
CA ALA A 1 -3.33 -5.63 9.80
C ALA A 1 -3.44 -7.15 9.61
N LYS A 2 -4.61 -7.58 9.16
CA LYS A 2 -4.84 -9.01 8.94
C LYS A 2 -4.28 -9.43 7.58
N LYS A 3 -4.36 -10.73 7.29
CA LYS A 3 -3.86 -11.25 6.02
C LYS A 3 -4.75 -10.78 4.88
N GLU A 4 -6.01 -10.51 5.18
CA GLU A 4 -6.95 -10.07 4.15
C GLU A 4 -6.60 -8.67 3.67
N THR A 5 -6.39 -7.76 4.62
CA THR A 5 -6.06 -6.38 4.28
C THR A 5 -4.76 -6.31 3.48
N ILE A 6 -3.77 -7.05 3.94
CA ILE A 6 -2.47 -7.05 3.27
C ILE A 6 -2.63 -7.44 1.80
N ASP A 7 -3.51 -8.39 1.54
CA ASP A 7 -3.74 -8.84 0.17
C ASP A 7 -4.28 -7.71 -0.69
N LYS A 8 -5.17 -6.92 -0.12
CA LYS A 8 -5.77 -5.81 -0.86
C LYS A 8 -4.71 -4.81 -1.28
N VAL A 9 -3.89 -4.39 -0.31
CA VAL A 9 -2.82 -3.44 -0.59
C VAL A 9 -1.76 -4.07 -1.49
N SER A 10 -1.35 -5.28 -1.16
CA SER A 10 -0.34 -5.98 -1.94
C SER A 10 -0.82 -6.21 -3.36
N ASP A 11 -2.09 -6.60 -3.49
CA ASP A 11 -2.66 -6.85 -4.81
C ASP A 11 -2.64 -5.59 -5.66
N ILE A 12 -3.03 -4.47 -5.06
CA ILE A 12 -3.05 -3.20 -5.77
C ILE A 12 -1.63 -2.74 -6.08
N VAL A 13 -0.75 -2.88 -5.10
CA VAL A 13 0.63 -2.44 -5.27
C VAL A 13 1.35 -3.26 -6.32
N LYS A 14 1.28 -4.58 -6.19
CA LYS A 14 1.94 -5.47 -7.12
C LYS A 14 1.36 -5.31 -8.52
N GLU A 15 0.07 -4.98 -8.57
CA GLU A 15 -0.61 -4.82 -9.85
C GLU A 15 -0.12 -3.57 -10.55
N LYS A 16 0.06 -2.50 -9.79
CA LYS A 16 0.52 -1.24 -10.34
C LYS A 16 1.98 -1.31 -10.77
N LEU A 17 2.76 -2.05 -10.01
CA LEU A 17 4.19 -2.18 -10.29
C LEU A 17 4.43 -3.30 -11.29
N ALA A 18 3.39 -4.06 -11.61
CA ALA A 18 3.52 -5.15 -12.56
C ALA A 18 2.22 -5.93 -12.66
N LEU A 19 2.22 -6.99 -13.45
CA LEU A 19 1.03 -7.82 -13.62
C LEU A 19 0.76 -8.62 -12.36
N GLY A 20 1.81 -8.87 -11.58
CA GLY A 20 1.67 -9.63 -10.34
C GLY A 20 1.87 -11.12 -10.60
N ALA A 21 1.84 -11.51 -11.87
CA ALA A 21 2.02 -12.90 -12.24
C ALA A 21 3.45 -13.35 -11.99
N ASP A 22 4.41 -12.57 -12.48
CA ASP A 22 5.82 -12.90 -12.31
C ASP A 22 6.42 -12.11 -11.16
N VAL A 23 5.58 -11.33 -10.48
CA VAL A 23 6.03 -10.52 -9.35
C VAL A 23 5.32 -10.94 -8.07
N VAL A 24 6.10 -11.14 -7.01
CA VAL A 24 5.54 -11.54 -5.72
C VAL A 24 5.79 -10.47 -4.67
N VAL A 25 4.73 -10.09 -3.95
CA VAL A 25 4.84 -9.07 -2.92
C VAL A 25 4.51 -9.67 -1.56
N THR A 26 5.32 -9.32 -0.56
CA THR A 26 5.11 -9.83 0.80
C THR A 26 5.08 -8.68 1.81
N ALA A 27 4.63 -8.98 3.02
CA ALA A 27 4.56 -7.97 4.06
C ALA A 27 5.95 -7.48 4.43
N ASP A 28 6.96 -8.30 4.15
CA ASP A 28 8.34 -7.95 4.48
C ASP A 28 9.01 -7.24 3.31
N SER A 29 8.32 -7.20 2.18
CA SER A 29 8.87 -6.55 0.99
C SER A 29 8.75 -5.04 1.10
N GLU A 30 9.83 -4.34 0.75
CA GLU A 30 9.83 -2.88 0.80
C GLU A 30 9.36 -2.30 -0.51
N PHE A 31 8.60 -1.21 -0.44
CA PHE A 31 8.08 -0.58 -1.65
C PHE A 31 9.21 -0.26 -2.62
N SER A 32 10.33 0.20 -2.09
CA SER A 32 11.48 0.53 -2.92
C SER A 32 12.00 -0.71 -3.64
N LYS A 33 11.99 -1.86 -2.94
CA LYS A 33 12.44 -3.08 -3.54
C LYS A 33 11.58 -3.44 -4.74
N LEU A 34 10.29 -3.20 -4.62
CA LEU A 34 9.35 -3.57 -5.67
C LEU A 34 9.64 -2.77 -6.91
N GLY A 35 10.32 -1.64 -6.74
CA GLY A 35 10.67 -0.77 -7.87
C GLY A 35 9.83 0.50 -7.85
N ALA A 36 9.05 0.68 -6.79
CA ALA A 36 8.21 1.86 -6.67
C ALA A 36 9.06 3.13 -6.68
N ASP A 37 8.97 3.88 -7.78
CA ASP A 37 9.74 5.12 -7.91
C ASP A 37 8.97 6.29 -7.33
N SER A 38 9.53 7.48 -7.46
CA SER A 38 8.88 8.69 -6.93
C SER A 38 7.51 8.88 -7.58
N LEU A 39 7.48 8.82 -8.91
CA LEU A 39 6.23 8.98 -9.64
C LEU A 39 5.25 7.86 -9.30
N ASP A 40 5.77 6.64 -9.22
CA ASP A 40 4.93 5.49 -8.90
C ASP A 40 4.37 5.61 -7.49
N THR A 41 5.22 5.99 -6.54
CA THR A 41 4.79 6.12 -5.16
C THR A 41 3.48 6.89 -5.08
N VAL A 42 3.34 7.90 -5.90
CA VAL A 42 2.11 8.70 -5.92
C VAL A 42 0.94 7.85 -6.40
N GLU A 43 1.18 7.04 -7.43
CA GLU A 43 0.13 6.20 -7.99
C GLU A 43 -0.37 5.22 -6.94
N ILE A 44 0.56 4.67 -6.15
CA ILE A 44 0.19 3.72 -5.10
C ILE A 44 -0.71 4.38 -4.08
N VAL A 45 -0.34 5.55 -3.62
CA VAL A 45 -1.13 6.27 -2.63
C VAL A 45 -2.49 6.66 -3.21
N MET A 46 -2.47 7.16 -4.44
CA MET A 46 -3.70 7.57 -5.10
C MET A 46 -4.68 6.41 -5.22
N ASN A 47 -4.17 5.26 -5.66
CA ASN A 47 -5.01 4.09 -5.83
C ASN A 47 -5.57 3.61 -4.49
N LEU A 48 -4.69 3.51 -3.49
CA LEU A 48 -5.11 3.06 -2.18
C LEU A 48 -6.11 4.03 -1.56
N GLU A 49 -5.82 5.30 -1.67
CA GLU A 49 -6.72 6.32 -1.13
C GLU A 49 -8.05 6.32 -1.85
N GLU A 50 -8.00 6.08 -3.16
CA GLU A 50 -9.21 6.06 -3.97
C GLU A 50 -9.98 4.75 -3.76
N GLU A 51 -9.23 3.66 -3.59
CA GLU A 51 -9.86 2.35 -3.41
C GLU A 51 -10.51 2.26 -2.04
N PHE A 52 -9.81 2.75 -1.02
CA PHE A 52 -10.33 2.70 0.35
C PHE A 52 -11.05 4.00 0.69
N GLY A 53 -10.97 4.97 -0.22
CA GLY A 53 -11.62 6.26 -0.01
C GLY A 53 -11.16 6.89 1.30
N ILE A 54 -9.85 6.95 1.49
CA ILE A 54 -9.28 7.54 2.71
C ILE A 54 -8.34 8.69 2.35
N ASN A 55 -8.07 9.54 3.33
CA ASN A 55 -7.18 10.69 3.13
C ASN A 55 -6.04 10.67 4.14
N VAL A 56 -4.82 10.66 3.63
CA VAL A 56 -3.64 10.66 4.50
C VAL A 56 -2.53 11.50 3.89
N ASP A 57 -1.81 12.23 4.74
CA ASP A 57 -0.71 13.05 4.28
C ASP A 57 0.51 12.20 3.93
N GLU A 58 1.27 12.64 2.94
CA GLU A 58 2.47 11.92 2.53
C GLU A 58 3.51 11.92 3.64
N ASP A 59 3.56 13.01 4.39
CA ASP A 59 4.53 13.12 5.48
C ASP A 59 4.26 12.06 6.54
N LYS A 60 2.98 11.81 6.81
CA LYS A 60 2.61 10.81 7.79
C LYS A 60 2.98 9.40 7.32
N ALA A 61 2.75 9.14 6.04
CA ALA A 61 3.05 7.84 5.47
C ALA A 61 4.55 7.67 5.27
N GLN A 62 5.33 8.43 6.02
CA GLN A 62 6.79 8.35 5.93
C GLN A 62 7.31 7.14 6.70
N ASP A 63 6.66 6.83 7.81
CA ASP A 63 7.06 5.69 8.63
C ASP A 63 6.82 4.38 7.89
N ILE A 64 6.27 4.48 6.68
CA ILE A 64 5.99 3.30 5.88
C ILE A 64 7.25 2.76 5.27
N SER A 65 7.51 1.47 5.51
CA SER A 65 8.71 0.83 4.96
C SER A 65 8.33 -0.41 4.15
N THR A 66 7.31 -1.13 4.62
CA THR A 66 6.86 -2.34 3.93
C THR A 66 5.35 -2.29 3.71
N ILE A 67 4.84 -3.28 3.00
CA ILE A 67 3.42 -3.33 2.71
C ILE A 67 2.60 -3.38 3.99
N GLN A 68 3.04 -4.19 4.93
CA GLN A 68 2.34 -4.31 6.20
C GLN A 68 2.23 -2.95 6.89
N GLN A 69 3.30 -2.17 6.82
CA GLN A 69 3.32 -0.86 7.45
C GLN A 69 2.19 0.00 6.90
N ALA A 70 2.02 -0.04 5.57
CA ALA A 70 0.97 0.74 4.93
C ALA A 70 -0.41 0.22 5.34
N ALA A 71 -0.52 -1.10 5.47
CA ALA A 71 -1.79 -1.71 5.86
C ALA A 71 -2.16 -1.31 7.28
N ASP A 72 -1.16 -1.24 8.15
CA ASP A 72 -1.40 -0.86 9.54
C ASP A 72 -1.96 0.55 9.64
N VAL A 73 -1.41 1.45 8.83
CA VAL A 73 -1.86 2.83 8.82
C VAL A 73 -3.25 2.94 8.18
N ILE A 74 -3.44 2.24 7.07
CA ILE A 74 -4.71 2.28 6.36
C ILE A 74 -5.83 1.69 7.20
N GLU A 75 -5.68 0.42 7.57
CA GLU A 75 -6.69 -0.26 8.36
C GLU A 75 -7.11 0.60 9.54
N GLY A 76 -6.17 1.38 10.07
CA GLY A 76 -6.44 2.25 11.20
C GLY A 76 -7.48 3.31 10.84
N LEU A 77 -7.43 3.76 9.60
CA LEU A 77 -8.37 4.78 9.13
C LEU A 77 -9.76 4.19 8.97
N LEU A 78 -9.83 2.96 8.48
CA LEU A 78 -11.12 2.31 8.26
C LEU A 78 -11.88 2.18 9.56
N GLU A 79 -11.19 1.74 10.60
CA GLU A 79 -11.83 1.57 11.90
C GLU A 79 -12.15 2.93 12.51
N LYS A 80 -11.23 3.86 12.39
CA LYS A 80 -11.43 5.20 12.95
C LYS A 80 -12.78 5.75 12.54
N LYS A 81 -13.43 5.09 11.59
CA LYS A 81 -14.74 5.52 11.14
C LYS A 81 -15.81 5.21 12.16
N ALA A 82 -16.77 6.11 12.31
CA ALA A 82 -17.85 5.92 13.28
C ALA A 82 -17.29 5.70 14.67
N ALA A 1 -2.94 -5.39 11.34
CA ALA A 1 -3.76 -5.58 10.11
C ALA A 1 -3.88 -7.07 9.82
N LYS A 2 -5.09 -7.52 9.48
CA LYS A 2 -5.32 -8.92 9.17
C LYS A 2 -4.65 -9.28 7.85
N LYS A 3 -4.46 -10.57 7.64
CA LYS A 3 -3.84 -11.06 6.42
C LYS A 3 -4.70 -10.73 5.20
N GLU A 4 -5.94 -10.36 5.46
CA GLU A 4 -6.86 -10.04 4.38
C GLU A 4 -6.57 -8.65 3.82
N THR A 5 -6.39 -7.69 4.72
CA THR A 5 -6.11 -6.32 4.32
C THR A 5 -4.81 -6.24 3.53
N ILE A 6 -3.81 -6.97 3.99
CA ILE A 6 -2.51 -6.98 3.32
C ILE A 6 -2.66 -7.46 1.88
N ASP A 7 -3.53 -8.44 1.67
CA ASP A 7 -3.75 -8.97 0.33
C ASP A 7 -4.31 -7.90 -0.59
N LYS A 8 -5.19 -7.06 -0.05
CA LYS A 8 -5.81 -6.02 -0.84
C LYS A 8 -4.78 -5.00 -1.31
N VAL A 9 -3.97 -4.52 -0.36
CA VAL A 9 -2.94 -3.53 -0.69
C VAL A 9 -1.88 -4.15 -1.60
N SER A 10 -1.45 -5.36 -1.26
CA SER A 10 -0.43 -6.05 -2.05
C SER A 10 -0.93 -6.28 -3.48
N ASP A 11 -2.21 -6.62 -3.61
CA ASP A 11 -2.79 -6.87 -4.92
C ASP A 11 -2.72 -5.62 -5.79
N ILE A 12 -3.03 -4.47 -5.20
CA ILE A 12 -2.99 -3.21 -5.93
C ILE A 12 -1.55 -2.80 -6.21
N VAL A 13 -0.68 -2.96 -5.22
CA VAL A 13 0.71 -2.56 -5.37
C VAL A 13 1.41 -3.41 -6.44
N LYS A 14 1.30 -4.72 -6.31
CA LYS A 14 1.93 -5.63 -7.26
C LYS A 14 1.35 -5.42 -8.65
N GLU A 15 0.06 -5.10 -8.71
CA GLU A 15 -0.61 -4.90 -9.98
C GLU A 15 -0.14 -3.62 -10.64
N LYS A 16 0.06 -2.59 -9.83
CA LYS A 16 0.50 -1.30 -10.34
C LYS A 16 1.95 -1.35 -10.80
N LEU A 17 2.76 -2.13 -10.10
CA LEU A 17 4.18 -2.24 -10.41
C LEU A 17 4.43 -3.35 -11.42
N ALA A 18 3.39 -4.14 -11.70
CA ALA A 18 3.52 -5.23 -12.65
C ALA A 18 2.20 -5.98 -12.77
N LEU A 19 2.24 -7.11 -13.47
CA LEU A 19 1.03 -7.92 -13.64
C LEU A 19 0.77 -8.76 -12.39
N GLY A 20 1.82 -9.00 -11.60
CA GLY A 20 1.69 -9.79 -10.38
C GLY A 20 1.91 -11.27 -10.67
N ALA A 21 2.15 -11.59 -11.94
CA ALA A 21 2.37 -12.98 -12.33
C ALA A 21 3.82 -13.38 -12.11
N ASP A 22 4.74 -12.58 -12.64
CA ASP A 22 6.17 -12.84 -12.51
C ASP A 22 6.76 -12.05 -11.36
N VAL A 23 5.89 -11.41 -10.57
CA VAL A 23 6.34 -10.60 -9.43
C VAL A 23 5.77 -11.16 -8.13
N VAL A 24 6.63 -11.28 -7.13
CA VAL A 24 6.20 -11.79 -5.83
C VAL A 24 6.27 -10.68 -4.78
N VAL A 25 5.15 -10.48 -4.08
CA VAL A 25 5.07 -9.46 -3.04
C VAL A 25 4.80 -10.08 -1.68
N THR A 26 5.46 -9.56 -0.65
CA THR A 26 5.30 -10.07 0.71
C THR A 26 5.28 -8.92 1.72
N ALA A 27 4.75 -9.20 2.91
CA ALA A 27 4.69 -8.20 3.95
C ALA A 27 6.09 -7.71 4.30
N ASP A 28 7.09 -8.54 4.02
CA ASP A 28 8.47 -8.18 4.34
C ASP A 28 9.11 -7.43 3.16
N SER A 29 8.49 -7.52 2.00
CA SER A 29 9.01 -6.85 0.82
C SER A 29 8.83 -5.34 0.93
N GLU A 30 9.86 -4.59 0.55
CA GLU A 30 9.80 -3.13 0.60
C GLU A 30 9.27 -2.57 -0.70
N PHE A 31 8.63 -1.41 -0.63
CA PHE A 31 8.08 -0.78 -1.83
C PHE A 31 9.18 -0.51 -2.85
N SER A 32 10.33 -0.06 -2.37
CA SER A 32 11.46 0.23 -3.24
C SER A 32 11.92 -1.03 -3.96
N LYS A 33 11.94 -2.14 -3.23
CA LYS A 33 12.37 -3.42 -3.81
C LYS A 33 11.51 -3.79 -5.00
N LEU A 34 10.21 -3.54 -4.87
CA LEU A 34 9.27 -3.86 -5.94
C LEU A 34 9.54 -2.99 -7.17
N GLY A 35 10.18 -1.85 -6.94
CA GLY A 35 10.50 -0.92 -8.03
C GLY A 35 9.73 0.39 -7.86
N ALA A 36 8.79 0.41 -6.93
CA ALA A 36 8.00 1.60 -6.69
C ALA A 36 8.89 2.82 -6.53
N ASP A 37 8.87 3.70 -7.53
CA ASP A 37 9.69 4.92 -7.49
C ASP A 37 8.85 6.11 -7.04
N SER A 38 9.45 7.29 -7.07
CA SER A 38 8.75 8.50 -6.67
C SER A 38 7.54 8.73 -7.54
N LEU A 39 7.69 8.50 -8.84
CA LEU A 39 6.60 8.69 -9.79
C LEU A 39 5.48 7.69 -9.51
N ASP A 40 5.86 6.47 -9.17
CA ASP A 40 4.89 5.43 -8.88
C ASP A 40 4.35 5.57 -7.46
N THR A 41 5.23 5.94 -6.53
CA THR A 41 4.84 6.08 -5.14
C THR A 41 3.51 6.82 -5.01
N VAL A 42 3.38 7.89 -5.77
CA VAL A 42 2.16 8.70 -5.71
C VAL A 42 0.97 7.89 -6.24
N GLU A 43 1.21 7.07 -7.24
CA GLU A 43 0.16 6.26 -7.82
C GLU A 43 -0.33 5.20 -6.84
N ILE A 44 0.61 4.61 -6.10
CA ILE A 44 0.25 3.58 -5.14
C ILE A 44 -0.72 4.11 -4.09
N VAL A 45 -0.36 5.24 -3.48
CA VAL A 45 -1.21 5.84 -2.48
C VAL A 45 -2.51 6.35 -3.10
N MET A 46 -2.42 6.87 -4.31
CA MET A 46 -3.59 7.40 -4.99
C MET A 46 -4.63 6.30 -5.20
N ASN A 47 -4.19 5.15 -5.70
CA ASN A 47 -5.10 4.04 -5.94
C ASN A 47 -5.68 3.52 -4.62
N LEU A 48 -4.82 3.41 -3.61
CA LEU A 48 -5.26 2.91 -2.32
C LEU A 48 -6.28 3.84 -1.69
N GLU A 49 -6.00 5.13 -1.75
CA GLU A 49 -6.90 6.12 -1.18
C GLU A 49 -8.25 6.07 -1.87
N GLU A 50 -8.22 5.83 -3.17
CA GLU A 50 -9.45 5.76 -3.96
C GLU A 50 -10.17 4.44 -3.71
N GLU A 51 -9.40 3.36 -3.56
CA GLU A 51 -9.98 2.06 -3.34
C GLU A 51 -10.69 1.99 -1.99
N PHE A 52 -10.04 2.51 -0.95
CA PHE A 52 -10.61 2.51 0.39
C PHE A 52 -11.30 3.83 0.68
N GLY A 53 -11.20 4.77 -0.26
CA GLY A 53 -11.82 6.07 -0.09
C GLY A 53 -11.36 6.73 1.20
N ILE A 54 -10.05 6.77 1.40
CA ILE A 54 -9.47 7.38 2.60
C ILE A 54 -8.53 8.51 2.23
N ASN A 55 -7.96 9.16 3.25
CA ASN A 55 -7.04 10.27 3.02
C ASN A 55 -5.91 10.24 4.04
N VAL A 56 -4.67 10.24 3.56
CA VAL A 56 -3.51 10.22 4.44
C VAL A 56 -2.40 11.12 3.89
N ASP A 57 -1.75 11.85 4.77
CA ASP A 57 -0.67 12.74 4.37
C ASP A 57 0.60 11.94 4.10
N GLU A 58 1.38 12.39 3.13
CA GLU A 58 2.63 11.72 2.78
C GLU A 58 3.63 11.81 3.93
N ASP A 59 3.61 12.94 4.63
CA ASP A 59 4.52 13.15 5.76
C ASP A 59 4.25 12.14 6.85
N LYS A 60 2.99 11.78 7.03
CA LYS A 60 2.61 10.80 8.06
C LYS A 60 2.85 9.38 7.58
N ALA A 61 3.04 9.23 6.26
CA ALA A 61 3.27 7.92 5.67
C ALA A 61 4.76 7.66 5.51
N GLN A 62 5.57 8.45 6.18
CA GLN A 62 7.01 8.30 6.12
C GLN A 62 7.46 7.02 6.81
N ASP A 63 6.82 6.70 7.93
CA ASP A 63 7.16 5.50 8.68
C ASP A 63 6.89 4.26 7.85
N ILE A 64 6.26 4.45 6.71
CA ILE A 64 5.95 3.32 5.82
C ILE A 64 7.19 2.84 5.10
N SER A 65 7.46 1.54 5.19
CA SER A 65 8.63 0.96 4.53
C SER A 65 8.27 -0.38 3.91
N THR A 66 7.18 -0.97 4.37
CA THR A 66 6.73 -2.28 3.84
C THR A 66 5.23 -2.28 3.64
N ILE A 67 4.72 -3.34 3.02
CA ILE A 67 3.29 -3.46 2.77
C ILE A 67 2.52 -3.46 4.08
N GLN A 68 3.00 -4.22 5.04
CA GLN A 68 2.32 -4.31 6.33
C GLN A 68 2.15 -2.92 6.94
N GLN A 69 3.22 -2.13 6.91
CA GLN A 69 3.18 -0.79 7.47
C GLN A 69 2.12 0.04 6.76
N ALA A 70 2.07 -0.08 5.43
CA ALA A 70 1.11 0.67 4.65
C ALA A 70 -0.31 0.23 4.99
N ALA A 71 -0.51 -1.07 5.15
CA ALA A 71 -1.81 -1.61 5.48
C ALA A 71 -2.20 -1.26 6.90
N ASP A 72 -1.23 -1.31 7.81
CA ASP A 72 -1.48 -1.02 9.22
C ASP A 72 -2.04 0.40 9.40
N VAL A 73 -1.45 1.35 8.69
CA VAL A 73 -1.89 2.73 8.77
C VAL A 73 -3.26 2.89 8.13
N ILE A 74 -3.45 2.24 6.99
CA ILE A 74 -4.72 2.35 6.27
C ILE A 74 -5.88 1.89 7.14
N GLU A 75 -5.80 0.67 7.64
CA GLU A 75 -6.86 0.12 8.48
C GLU A 75 -7.22 1.08 9.60
N GLY A 76 -6.24 1.85 10.03
CA GLY A 76 -6.45 2.80 11.11
C GLY A 76 -7.56 3.78 10.77
N LEU A 77 -7.55 4.27 9.54
CA LEU A 77 -8.56 5.21 9.08
C LEU A 77 -9.93 4.55 9.03
N LEU A 78 -9.95 3.30 8.63
CA LEU A 78 -11.21 2.55 8.54
C LEU A 78 -11.87 2.46 9.89
N GLU A 79 -11.06 2.23 10.92
CA GLU A 79 -11.58 2.11 12.27
C GLU A 79 -12.27 3.40 12.69
N LYS A 80 -11.76 4.53 12.20
CA LYS A 80 -12.33 5.83 12.53
C LYS A 80 -12.40 6.72 11.30
N LYS A 81 -13.21 6.33 10.35
CA LYS A 81 -13.37 7.09 9.12
C LYS A 81 -13.85 8.51 9.43
N ALA A 82 -13.32 9.48 8.69
CA ALA A 82 -13.69 10.88 8.89
C ALA A 82 -13.52 11.27 10.35
N ALA A 1 -2.88 -5.38 11.17
CA ALA A 1 -3.83 -5.58 10.04
C ALA A 1 -4.00 -7.07 9.78
N LYS A 2 -5.15 -7.44 9.23
CA LYS A 2 -5.44 -8.84 8.93
C LYS A 2 -4.79 -9.22 7.60
N LYS A 3 -4.56 -10.51 7.42
CA LYS A 3 -3.96 -11.00 6.19
C LYS A 3 -4.83 -10.65 4.99
N GLU A 4 -6.10 -10.38 5.25
CA GLU A 4 -7.03 -10.03 4.19
C GLU A 4 -6.71 -8.64 3.65
N THR A 5 -6.49 -7.70 4.57
CA THR A 5 -6.19 -6.32 4.20
C THR A 5 -4.88 -6.24 3.42
N ILE A 6 -3.86 -6.96 3.90
CA ILE A 6 -2.56 -6.97 3.24
C ILE A 6 -2.69 -7.40 1.80
N ASP A 7 -3.57 -8.37 1.55
CA ASP A 7 -3.78 -8.88 0.20
C ASP A 7 -4.30 -7.77 -0.71
N LYS A 8 -5.21 -6.96 -0.19
CA LYS A 8 -5.79 -5.88 -0.98
C LYS A 8 -4.72 -4.89 -1.43
N VAL A 9 -3.91 -4.44 -0.48
CA VAL A 9 -2.86 -3.49 -0.78
C VAL A 9 -1.82 -4.13 -1.69
N SER A 10 -1.40 -5.34 -1.34
CA SER A 10 -0.40 -6.05 -2.14
C SER A 10 -0.89 -6.24 -3.58
N ASP A 11 -2.17 -6.58 -3.72
CA ASP A 11 -2.74 -6.79 -5.05
C ASP A 11 -2.66 -5.51 -5.87
N ILE A 12 -3.04 -4.39 -5.27
CA ILE A 12 -2.98 -3.13 -5.96
C ILE A 12 -1.54 -2.73 -6.24
N VAL A 13 -0.68 -2.90 -5.23
CA VAL A 13 0.72 -2.52 -5.36
C VAL A 13 1.44 -3.35 -6.42
N LYS A 14 1.33 -4.66 -6.32
CA LYS A 14 1.99 -5.55 -7.27
C LYS A 14 1.44 -5.32 -8.67
N GLU A 15 0.14 -5.06 -8.74
CA GLU A 15 -0.49 -4.82 -10.04
C GLU A 15 -0.06 -3.49 -10.62
N LYS A 16 0.07 -2.50 -9.77
CA LYS A 16 0.48 -1.16 -10.21
C LYS A 16 1.93 -1.15 -10.67
N LEU A 17 2.78 -1.93 -9.99
CA LEU A 17 4.20 -1.97 -10.31
C LEU A 17 4.49 -3.02 -11.38
N ALA A 18 3.49 -3.84 -11.69
CA ALA A 18 3.67 -4.88 -12.69
C ALA A 18 2.38 -5.68 -12.86
N LEU A 19 2.46 -6.77 -13.60
CA LEU A 19 1.28 -7.62 -13.82
C LEU A 19 0.97 -8.42 -12.57
N GLY A 20 1.99 -8.64 -11.73
CA GLY A 20 1.82 -9.39 -10.50
C GLY A 20 2.05 -10.88 -10.73
N ALA A 21 2.00 -11.28 -12.00
CA ALA A 21 2.22 -12.69 -12.35
C ALA A 21 3.68 -13.08 -12.16
N ASP A 22 4.58 -12.24 -12.66
CA ASP A 22 6.02 -12.51 -12.53
C ASP A 22 6.60 -11.74 -11.36
N VAL A 23 5.74 -11.08 -10.60
CA VAL A 23 6.18 -10.30 -9.43
C VAL A 23 5.43 -10.77 -8.18
N VAL A 24 6.18 -10.97 -7.10
CA VAL A 24 5.61 -11.42 -5.84
C VAL A 24 5.83 -10.37 -4.76
N VAL A 25 4.75 -10.03 -4.04
CA VAL A 25 4.82 -9.04 -2.97
C VAL A 25 4.50 -9.69 -1.64
N THR A 26 5.31 -9.41 -0.62
CA THR A 26 5.11 -9.96 0.72
C THR A 26 5.12 -8.84 1.76
N ALA A 27 4.62 -9.16 2.94
CA ALA A 27 4.56 -8.19 4.03
C ALA A 27 5.97 -7.77 4.42
N ASP A 28 6.95 -8.61 4.12
CA ASP A 28 8.34 -8.32 4.45
C ASP A 28 9.01 -7.52 3.33
N SER A 29 8.43 -7.58 2.14
CA SER A 29 8.98 -6.85 1.01
C SER A 29 8.77 -5.35 1.17
N GLU A 30 9.82 -4.59 0.86
CA GLU A 30 9.75 -3.13 0.96
C GLU A 30 9.38 -2.53 -0.38
N PHE A 31 8.60 -1.46 -0.34
CA PHE A 31 8.17 -0.79 -1.56
C PHE A 31 9.36 -0.50 -2.47
N SER A 32 10.50 -0.20 -1.86
CA SER A 32 11.70 0.11 -2.62
C SER A 32 12.12 -1.08 -3.49
N LYS A 33 12.11 -2.27 -2.91
CA LYS A 33 12.49 -3.49 -3.64
C LYS A 33 11.51 -3.75 -4.79
N LEU A 34 10.24 -3.42 -4.56
CA LEU A 34 9.23 -3.64 -5.58
C LEU A 34 9.49 -2.75 -6.79
N GLY A 35 10.27 -1.68 -6.59
CA GLY A 35 10.61 -0.76 -7.67
C GLY A 35 9.77 0.51 -7.58
N ALA A 36 8.91 0.58 -6.59
CA ALA A 36 8.06 1.75 -6.41
C ALA A 36 8.91 3.01 -6.27
N ASP A 37 8.88 3.84 -7.30
CA ASP A 37 9.64 5.09 -7.31
C ASP A 37 8.78 6.24 -6.79
N SER A 38 9.25 7.46 -7.01
CA SER A 38 8.51 8.62 -6.55
C SER A 38 7.23 8.78 -7.35
N LEU A 39 7.32 8.54 -8.65
CA LEU A 39 6.17 8.66 -9.53
C LEU A 39 5.13 7.59 -9.19
N ASP A 40 5.60 6.39 -8.86
CA ASP A 40 4.72 5.31 -8.51
C ASP A 40 4.19 5.46 -7.09
N THR A 41 5.09 5.80 -6.17
CA THR A 41 4.72 5.95 -4.75
C THR A 41 3.44 6.78 -4.63
N VAL A 42 3.34 7.83 -5.41
CA VAL A 42 2.16 8.68 -5.37
C VAL A 42 0.96 7.95 -5.97
N GLU A 43 1.22 7.10 -6.95
CA GLU A 43 0.15 6.34 -7.58
C GLU A 43 -0.40 5.28 -6.64
N ILE A 44 0.48 4.67 -5.84
CA ILE A 44 0.07 3.64 -4.90
C ILE A 44 -0.92 4.19 -3.89
N VAL A 45 -0.56 5.30 -3.26
CA VAL A 45 -1.43 5.91 -2.26
C VAL A 45 -2.71 6.42 -2.93
N MET A 46 -2.55 7.02 -4.10
CA MET A 46 -3.71 7.57 -4.82
C MET A 46 -4.75 6.49 -5.04
N ASN A 47 -4.32 5.33 -5.53
CA ASN A 47 -5.25 4.23 -5.77
C ASN A 47 -5.85 3.73 -4.46
N LEU A 48 -5.01 3.61 -3.44
CA LEU A 48 -5.47 3.13 -2.14
C LEU A 48 -6.47 4.12 -1.53
N GLU A 49 -6.16 5.40 -1.65
CA GLU A 49 -7.06 6.42 -1.11
C GLU A 49 -8.43 6.32 -1.75
N GLU A 50 -8.44 6.12 -3.06
CA GLU A 50 -9.69 6.00 -3.80
C GLU A 50 -10.35 4.66 -3.55
N GLU A 51 -9.55 3.60 -3.47
CA GLU A 51 -10.08 2.27 -3.24
C GLU A 51 -10.67 2.14 -1.84
N PHE A 52 -9.96 2.70 -0.86
CA PHE A 52 -10.42 2.65 0.53
C PHE A 52 -11.17 3.92 0.90
N GLY A 53 -11.16 4.90 -0.01
CA GLY A 53 -11.86 6.16 0.23
C GLY A 53 -11.31 6.86 1.47
N ILE A 54 -9.99 6.95 1.57
CA ILE A 54 -9.33 7.61 2.70
C ILE A 54 -8.39 8.70 2.21
N ASN A 55 -7.99 9.59 3.12
CA ASN A 55 -7.08 10.69 2.78
C ASN A 55 -5.81 10.60 3.63
N VAL A 56 -4.69 10.31 2.99
CA VAL A 56 -3.40 10.23 3.69
C VAL A 56 -2.35 11.04 2.95
N ASP A 57 -1.61 11.85 3.71
CA ASP A 57 -0.55 12.67 3.13
C ASP A 57 0.71 11.85 2.94
N GLU A 58 1.51 12.22 1.93
CA GLU A 58 2.75 11.52 1.63
C GLU A 58 3.75 11.68 2.78
N ASP A 59 3.72 12.84 3.44
CA ASP A 59 4.64 13.11 4.54
C ASP A 59 4.39 12.14 5.69
N LYS A 60 3.13 11.78 5.91
CA LYS A 60 2.78 10.86 6.98
C LYS A 60 3.02 9.41 6.55
N ALA A 61 3.20 9.23 5.24
CA ALA A 61 3.43 7.88 4.70
C ALA A 61 4.92 7.57 4.65
N GLN A 62 5.73 8.46 5.22
CA GLN A 62 7.18 8.27 5.22
C GLN A 62 7.58 7.09 6.11
N ASP A 63 6.88 6.94 7.22
CA ASP A 63 7.18 5.85 8.15
C ASP A 63 6.89 4.50 7.51
N ILE A 64 6.30 4.54 6.33
CA ILE A 64 5.96 3.31 5.61
C ILE A 64 7.22 2.68 5.02
N SER A 65 7.44 1.42 5.35
CA SER A 65 8.61 0.69 4.85
C SER A 65 8.16 -0.54 4.06
N THR A 66 7.19 -1.27 4.61
CA THR A 66 6.67 -2.48 3.95
C THR A 66 5.16 -2.41 3.82
N ILE A 67 4.59 -3.43 3.19
CA ILE A 67 3.14 -3.46 2.97
C ILE A 67 2.43 -3.42 4.31
N GLN A 68 2.89 -4.22 5.26
CA GLN A 68 2.27 -4.24 6.58
C GLN A 68 2.20 -2.83 7.15
N GLN A 69 3.27 -2.07 6.98
CA GLN A 69 3.31 -0.71 7.50
C GLN A 69 2.17 0.11 6.90
N ALA A 70 1.97 -0.01 5.59
CA ALA A 70 0.93 0.73 4.90
C ALA A 70 -0.45 0.22 5.34
N ALA A 71 -0.57 -1.10 5.47
CA ALA A 71 -1.83 -1.71 5.88
C ALA A 71 -2.15 -1.34 7.33
N ASP A 72 -1.13 -1.25 8.16
CA ASP A 72 -1.31 -0.91 9.56
C ASP A 72 -1.90 0.49 9.70
N VAL A 73 -1.45 1.40 8.86
CA VAL A 73 -1.96 2.76 8.90
C VAL A 73 -3.36 2.84 8.27
N ILE A 74 -3.52 2.19 7.12
CA ILE A 74 -4.81 2.20 6.43
C ILE A 74 -5.90 1.52 7.25
N GLU A 75 -5.67 0.27 7.63
CA GLU A 75 -6.65 -0.47 8.41
C GLU A 75 -7.13 0.37 9.59
N GLY A 76 -6.24 1.19 10.13
CA GLY A 76 -6.59 2.03 11.26
C GLY A 76 -7.66 3.06 10.86
N LEU A 77 -7.50 3.63 9.67
CA LEU A 77 -8.46 4.63 9.19
C LEU A 77 -9.84 4.01 9.00
N LEU A 78 -9.86 2.81 8.43
CA LEU A 78 -11.14 2.13 8.21
C LEU A 78 -11.85 1.85 9.53
N GLU A 79 -11.09 1.41 10.52
CA GLU A 79 -11.66 1.11 11.82
C GLU A 79 -12.17 2.40 12.48
N LYS A 80 -11.42 3.48 12.31
CA LYS A 80 -11.81 4.75 12.90
C LYS A 80 -13.11 5.26 12.27
N LYS A 81 -13.03 5.71 11.02
CA LYS A 81 -14.20 6.21 10.31
C LYS A 81 -15.05 7.10 11.23
N ALA A 82 -16.26 7.41 10.78
CA ALA A 82 -17.15 8.24 11.57
C ALA A 82 -16.45 9.54 11.98
#